data_3BN1
#
_entry.id   3BN1
#
_cell.length_a   50.271
_cell.length_b   152.933
_cell.length_c   105.726
_cell.angle_alpha   90.000
_cell.angle_beta   102.090
_cell.angle_gamma   90.000
#
_symmetry.space_group_name_H-M   'P 1 21 1'
#
loop_
_entity.id
_entity.type
_entity.pdbx_description
1 polymer 'Perosamine synthetase'
2 non-polymer 'ACETATE ION'
3 non-polymer 'SODIUM ION'
4 non-polymer '2-OXOGLUTARIC ACID'
5 water water
#
_entity_poly.entity_id   1
_entity_poly.type   'polypeptide(L)'
_entity_poly.pdbx_seq_one_letter_code
;GHVSDLPRISVAAPRLDGNERDYVLECMDTTWISSVGRFIVEFEKAFADYCGVKHAIACNNGTTALHLALVAMGIGPGDE
VIVPSLTYIASANSVTYCGATPVLVDNDPRTFNLDAAKLEALITPRTKAIMPVHLYGQICDMDPILEVARRHNLLVIEDA
AEAVGATYRGKKSGSLGDCATFSFFGN(LLP)IITTGEGGMITTNDDDLAAKMRLLRGQGMDPNRRYWFPIVGFNYRMTN
IQAAIGLAQLERVDEHLAARERVVGWYEQKLARLGNRVTKPHVALTGRHVFWMYTVRLGEGLSTTRDQVIKDLDALGIES
RPVFHPMHIMPPYAHLATDDLKIAEACGVDGLNLPTHAGLTEADIDRVIAALDQVLV
;
_entity_poly.pdbx_strand_id   A,B,C,D
#
loop_
_chem_comp.id
_chem_comp.type
_chem_comp.name
_chem_comp.formula
ACT non-polymer 'ACETATE ION' 'C2 H3 O2 -1'
AKG non-polymer '2-OXOGLUTARIC ACID' 'C5 H6 O5'
NA non-polymer 'SODIUM ION' 'Na 1'
#
# COMPACT_ATOMS: atom_id res chain seq x y z
N LEU A 6 44.62 11.92 35.03
CA LEU A 6 44.07 10.72 34.40
C LEU A 6 43.22 11.06 33.18
N PRO A 7 43.75 10.80 32.01
CA PRO A 7 42.92 11.02 30.88
C PRO A 7 41.76 10.00 31.01
N ARG A 8 40.69 10.36 30.34
CA ARG A 8 39.51 9.52 30.22
C ARG A 8 39.85 8.34 29.32
N ILE A 9 39.17 7.27 29.64
CA ILE A 9 39.34 6.07 28.85
C ILE A 9 38.02 6.04 28.01
N SER A 10 38.16 6.01 26.69
CA SER A 10 36.97 5.94 25.81
C SER A 10 36.68 4.51 25.39
N VAL A 11 35.41 4.15 25.19
CA VAL A 11 35.09 2.75 24.80
C VAL A 11 35.76 2.30 23.49
N ALA A 12 35.96 3.25 22.57
CA ALA A 12 36.55 3.01 21.28
C ALA A 12 37.28 4.26 20.89
N ALA A 13 37.90 4.23 19.72
CA ALA A 13 38.70 5.36 19.23
C ALA A 13 39.50 4.89 18.02
N PRO A 14 39.42 5.67 16.94
CA PRO A 14 40.12 5.33 15.72
C PRO A 14 41.64 5.32 15.91
N ARG A 15 42.25 4.24 15.45
CA ARG A 15 43.69 4.20 15.47
C ARG A 15 44.14 4.40 14.02
N LEU A 16 44.54 5.62 13.69
CA LEU A 16 44.99 5.87 12.33
C LEU A 16 46.52 5.85 12.39
N ASP A 17 47.10 4.67 12.53
CA ASP A 17 48.54 4.55 12.71
C ASP A 17 49.26 3.87 11.54
N GLY A 18 48.66 3.96 10.36
CA GLY A 18 49.16 3.47 9.09
C GLY A 18 49.30 4.65 8.09
N ASN A 19 48.98 4.37 6.82
CA ASN A 19 49.01 5.30 5.69
C ASN A 19 47.78 6.18 5.40
N GLU A 20 46.89 6.35 6.38
CA GLU A 20 45.64 7.10 6.19
C GLU A 20 45.90 8.53 5.72
N ARG A 21 46.78 9.20 6.46
CA ARG A 21 47.16 10.56 6.18
C ARG A 21 47.76 10.56 4.80
N ASP A 22 48.80 9.77 4.59
CA ASP A 22 49.40 9.72 3.25
C ASP A 22 48.39 9.55 2.11
N TYR A 23 47.54 8.52 2.18
CA TYR A 23 46.59 8.26 1.12
C TYR A 23 45.60 9.40 0.94
N VAL A 24 45.11 9.94 2.06
CA VAL A 24 44.22 11.06 1.96
C VAL A 24 44.87 12.27 1.30
N LEU A 25 46.06 12.61 1.77
CA LEU A 25 46.79 13.75 1.19
C LEU A 25 46.93 13.55 -0.33
N GLU A 26 47.11 12.30 -0.75
CA GLU A 26 47.20 12.05 -2.18
C GLU A 26 45.89 12.40 -2.88
N CYS A 27 44.76 12.11 -2.23
CA CYS A 27 43.49 12.41 -2.89
C CYS A 27 43.40 13.91 -3.00
N MET A 28 43.81 14.60 -1.95
CA MET A 28 43.69 16.04 -2.00
C MET A 28 44.64 16.62 -3.07
N ASP A 29 45.83 16.06 -3.11
CA ASP A 29 46.86 16.64 -3.99
C ASP A 29 46.56 16.35 -5.44
N THR A 30 45.86 15.26 -5.70
CA THR A 30 45.50 14.92 -7.09
C THR A 30 44.10 15.41 -7.45
N THR A 31 43.42 15.94 -6.44
N THR A 31 43.34 15.95 -6.50
CA THR A 31 42.04 16.44 -6.52
CA THR A 31 41.99 16.41 -6.81
C THR A 31 40.94 15.37 -6.57
C THR A 31 40.97 15.28 -7.02
N TRP A 32 41.30 14.09 -6.58
CA TRP A 32 40.33 12.97 -6.61
C TRP A 32 39.66 12.82 -5.19
N ILE A 33 38.70 13.66 -4.84
CA ILE A 33 38.11 13.63 -3.47
C ILE A 33 36.61 13.21 -3.45
N SER A 34 36.10 12.92 -4.64
CA SER A 34 34.69 12.50 -4.80
C SER A 34 34.59 10.98 -4.90
N SER A 35 33.44 10.52 -5.37
CA SER A 35 33.14 9.11 -5.48
C SER A 35 33.67 8.41 -6.69
N VAL A 36 34.83 8.85 -7.19
CA VAL A 36 35.49 8.13 -8.26
C VAL A 36 36.96 8.23 -7.90
N GLY A 37 37.70 7.16 -8.19
CA GLY A 37 39.15 7.11 -7.96
C GLY A 37 39.80 5.77 -7.56
N ARG A 38 41.14 5.73 -7.59
CA ARG A 38 41.95 4.55 -7.28
C ARG A 38 41.62 3.86 -5.95
N PHE A 39 41.59 4.64 -4.89
CA PHE A 39 41.37 4.03 -3.58
C PHE A 39 40.08 3.21 -3.51
N ILE A 40 39.01 3.74 -4.11
CA ILE A 40 37.74 2.99 -4.10
C ILE A 40 37.90 1.55 -4.67
N VAL A 41 38.46 1.49 -5.86
CA VAL A 41 38.64 0.19 -6.47
C VAL A 41 39.66 -0.66 -5.66
N GLU A 42 40.74 -0.01 -5.19
CA GLU A 42 41.74 -0.75 -4.41
C GLU A 42 41.18 -1.28 -3.11
N PHE A 43 40.47 -0.42 -2.42
CA PHE A 43 39.84 -0.82 -1.18
C PHE A 43 38.83 -1.94 -1.42
N GLU A 44 38.00 -1.81 -2.45
CA GLU A 44 37.06 -2.88 -2.68
C GLU A 44 37.80 -4.16 -2.98
N LYS A 45 38.85 -4.04 -3.79
CA LYS A 45 39.64 -5.21 -4.14
C LYS A 45 40.22 -5.91 -2.93
N ALA A 46 41.00 -5.18 -2.17
CA ALA A 46 41.62 -5.72 -0.97
C ALA A 46 40.59 -6.29 -0.01
N PHE A 47 39.42 -5.65 0.04
CA PHE A 47 38.45 -6.08 1.05
C PHE A 47 37.81 -7.36 0.67
N ALA A 48 37.54 -7.48 -0.60
CA ALA A 48 36.94 -8.67 -1.12
C ALA A 48 37.89 -9.87 -0.90
N ASP A 49 39.17 -9.63 -1.12
CA ASP A 49 40.19 -10.64 -0.88
C ASP A 49 40.28 -10.93 0.63
N TYR A 50 40.24 -9.91 1.46
CA TYR A 50 40.35 -10.19 2.88
C TYR A 50 39.22 -11.06 3.36
N CYS A 51 38.04 -10.80 2.82
CA CYS A 51 36.89 -11.64 3.13
C CYS A 51 36.80 -12.94 2.33
N GLY A 52 37.64 -13.07 1.32
CA GLY A 52 37.62 -14.28 0.51
C GLY A 52 36.39 -14.36 -0.39
N VAL A 53 35.92 -13.23 -0.91
CA VAL A 53 34.74 -13.33 -1.78
C VAL A 53 35.08 -12.65 -3.08
N LYS A 54 34.21 -12.78 -4.07
CA LYS A 54 34.46 -12.14 -5.34
C LYS A 54 34.22 -10.64 -5.38
N HIS A 55 33.14 -10.19 -4.74
CA HIS A 55 32.86 -8.76 -4.86
C HIS A 55 32.75 -8.02 -3.57
N ALA A 56 33.10 -6.76 -3.64
CA ALA A 56 32.88 -5.88 -2.49
C ALA A 56 32.47 -4.52 -3.07
N ILE A 57 31.36 -4.02 -2.56
CA ILE A 57 30.74 -2.76 -2.99
C ILE A 57 30.76 -1.74 -1.86
N ALA A 58 31.64 -0.73 -2.00
CA ALA A 58 31.87 0.32 -1.03
C ALA A 58 30.70 1.30 -1.05
N CYS A 59 30.19 1.63 0.13
CA CYS A 59 29.00 2.50 0.27
C CYS A 59 29.32 3.62 1.25
N ASN A 60 28.44 4.59 1.34
CA ASN A 60 28.73 5.66 2.26
C ASN A 60 28.56 5.41 3.76
N ASN A 61 27.89 4.32 4.11
CA ASN A 61 27.79 3.90 5.49
C ASN A 61 27.26 2.49 5.58
N GLY A 62 27.25 1.93 6.78
CA GLY A 62 26.82 0.56 6.95
C GLY A 62 25.29 0.47 6.95
N THR A 63 24.60 1.58 7.20
CA THR A 63 23.14 1.53 7.18
C THR A 63 22.62 1.55 5.76
N THR A 64 23.29 2.35 4.95
CA THR A 64 22.85 2.42 3.56
C THR A 64 23.25 1.12 2.81
N ALA A 65 24.34 0.51 3.28
CA ALA A 65 24.85 -0.75 2.82
C ALA A 65 23.71 -1.74 3.02
N LEU A 66 23.20 -1.81 4.24
CA LEU A 66 22.10 -2.73 4.44
C LEU A 66 20.92 -2.47 3.52
N HIS A 67 20.47 -1.22 3.49
CA HIS A 67 19.36 -0.85 2.61
C HIS A 67 19.66 -1.28 1.19
N LEU A 68 20.84 -0.88 0.70
CA LEU A 68 21.19 -1.22 -0.66
C LEU A 68 21.12 -2.73 -0.90
N ALA A 69 21.75 -3.53 -0.04
CA ALA A 69 21.76 -4.98 -0.30
C ALA A 69 20.33 -5.58 -0.32
N LEU A 70 19.47 -5.13 0.59
CA LEU A 70 18.12 -5.68 0.65
C LEU A 70 17.39 -5.34 -0.66
N VAL A 71 17.52 -4.08 -1.05
CA VAL A 71 16.81 -3.67 -2.27
C VAL A 71 17.33 -4.52 -3.44
N ALA A 72 18.65 -4.68 -3.55
CA ALA A 72 19.28 -5.52 -4.59
C ALA A 72 18.78 -6.96 -4.57
N MET A 73 18.59 -7.53 -3.40
CA MET A 73 18.04 -8.88 -3.30
C MET A 73 16.53 -8.85 -3.57
N GLY A 74 15.99 -7.69 -3.86
CA GLY A 74 14.56 -7.65 -4.16
C GLY A 74 13.62 -7.62 -2.97
N ILE A 75 14.04 -7.24 -1.76
CA ILE A 75 13.10 -7.15 -0.60
C ILE A 75 12.22 -5.91 -0.73
N GLY A 76 10.93 -6.07 -0.51
CA GLY A 76 10.01 -4.99 -0.74
C GLY A 76 8.74 -5.17 0.06
N PRO A 77 7.75 -4.35 -0.28
CA PRO A 77 6.48 -4.36 0.46
C PRO A 77 5.91 -5.75 0.47
N GLY A 78 5.43 -6.16 1.64
CA GLY A 78 4.80 -7.46 1.81
C GLY A 78 5.75 -8.53 2.30
N ASP A 79 7.04 -8.30 2.11
CA ASP A 79 8.02 -9.31 2.46
C ASP A 79 8.34 -9.20 3.92
N GLU A 80 8.80 -10.32 4.50
CA GLU A 80 9.20 -10.33 5.91
C GLU A 80 10.67 -10.71 5.95
N VAL A 81 11.44 -10.13 6.87
CA VAL A 81 12.85 -10.48 7.02
C VAL A 81 12.98 -10.72 8.52
N ILE A 82 13.57 -11.87 8.87
CA ILE A 82 13.79 -12.16 10.27
C ILE A 82 15.10 -11.52 10.71
N VAL A 83 15.00 -10.71 11.78
CA VAL A 83 16.06 -9.91 12.39
C VAL A 83 16.00 -10.10 13.92
N PRO A 84 17.15 -10.22 14.60
CA PRO A 84 17.14 -10.34 16.05
C PRO A 84 16.65 -9.02 16.68
N SER A 85 15.87 -9.11 17.74
CA SER A 85 15.41 -7.91 18.47
C SER A 85 16.64 -7.25 19.06
N LEU A 86 17.60 -8.07 19.54
CA LEU A 86 18.87 -7.54 20.08
C LEU A 86 19.88 -7.23 19.00
N THR A 87 19.94 -5.95 18.63
CA THR A 87 20.83 -5.45 17.55
C THR A 87 20.77 -3.92 17.53
N TYR A 88 21.61 -3.34 16.69
CA TYR A 88 21.60 -1.92 16.46
C TYR A 88 20.42 -1.69 15.49
N ILE A 89 19.70 -0.59 15.72
CA ILE A 89 18.44 -0.40 15.07
C ILE A 89 18.47 -0.32 13.56
N ALA A 90 19.66 0.00 13.02
CA ALA A 90 19.82 0.06 11.58
C ALA A 90 19.46 -1.28 10.96
N SER A 91 19.61 -2.38 11.71
CA SER A 91 19.31 -3.69 11.15
C SER A 91 17.85 -3.76 10.72
N ALA A 92 17.00 -3.29 11.64
CA ALA A 92 15.55 -3.35 11.40
C ALA A 92 15.17 -2.22 10.49
N ASN A 93 15.75 -1.04 10.69
CA ASN A 93 15.34 0.12 9.87
C ASN A 93 15.53 -0.13 8.41
N SER A 94 16.65 -0.81 8.12
CA SER A 94 16.97 -1.15 6.73
C SER A 94 15.84 -1.92 6.01
N VAL A 95 15.15 -2.80 6.76
CA VAL A 95 14.05 -3.59 6.20
C VAL A 95 12.85 -2.65 6.06
N THR A 96 12.72 -1.84 7.09
CA THR A 96 11.66 -0.89 7.10
C THR A 96 11.74 -0.04 5.88
N TYR A 97 12.94 0.40 5.52
CA TYR A 97 13.05 1.28 4.39
C TYR A 97 12.58 0.58 3.12
N CYS A 98 12.64 -0.75 3.09
CA CYS A 98 12.21 -1.45 1.86
C CYS A 98 10.70 -1.47 1.83
N GLY A 99 10.08 -1.14 2.94
CA GLY A 99 8.62 -1.21 3.05
C GLY A 99 8.34 -2.68 3.42
N ALA A 100 9.37 -3.37 3.88
CA ALA A 100 9.16 -4.76 4.31
C ALA A 100 9.01 -4.78 5.84
N THR A 101 8.58 -5.94 6.34
CA THR A 101 8.31 -6.20 7.77
C THR A 101 9.39 -7.03 8.49
N PRO A 102 9.98 -6.43 9.51
CA PRO A 102 10.99 -7.07 10.35
C PRO A 102 10.21 -8.12 11.19
N VAL A 103 10.80 -9.30 11.39
CA VAL A 103 10.20 -10.38 12.19
C VAL A 103 11.28 -10.78 13.17
N LEU A 104 11.03 -10.35 14.40
CA LEU A 104 12.00 -10.39 15.42
C LEU A 104 12.13 -11.76 15.98
N VAL A 105 13.38 -12.08 16.28
CA VAL A 105 13.77 -13.38 16.85
C VAL A 105 14.73 -13.14 18.07
N ASP A 106 14.66 -14.05 19.04
CA ASP A 106 15.43 -13.94 20.29
C ASP A 106 16.83 -14.42 19.99
N ASN A 107 17.75 -14.13 20.90
CA ASN A 107 19.15 -14.52 20.77
C ASN A 107 19.57 -15.48 21.86
N ASP A 108 20.83 -15.93 21.74
CA ASP A 108 21.45 -16.84 22.68
C ASP A 108 21.84 -16.00 23.88
N PRO A 109 21.63 -16.57 25.06
CA PRO A 109 21.97 -15.87 26.29
C PRO A 109 23.46 -15.67 26.54
N ARG A 110 24.26 -16.44 25.81
CA ARG A 110 25.70 -16.46 25.99
C ARG A 110 26.48 -15.70 24.97
N THR A 111 26.12 -15.89 23.71
CA THR A 111 26.82 -15.19 22.68
C THR A 111 26.14 -13.91 22.23
N PHE A 112 24.92 -13.67 22.72
CA PHE A 112 24.13 -12.53 22.29
C PHE A 112 23.65 -12.61 20.85
N ASN A 113 23.84 -13.77 20.21
CA ASN A 113 23.46 -13.89 18.79
C ASN A 113 22.18 -14.63 18.48
N LEU A 114 21.66 -14.32 17.31
CA LEU A 114 20.45 -14.96 16.81
C LEU A 114 20.35 -16.42 17.24
N ASP A 115 19.22 -16.81 17.85
CA ASP A 115 19.10 -18.19 18.28
C ASP A 115 18.50 -19.04 17.14
N ALA A 116 19.35 -19.79 16.45
CA ALA A 116 18.93 -20.59 15.28
C ALA A 116 17.77 -21.53 15.51
N ALA A 117 17.67 -21.96 16.77
CA ALA A 117 16.60 -22.83 17.20
C ALA A 117 15.25 -22.14 17.27
N LYS A 118 15.19 -20.81 17.19
CA LYS A 118 13.89 -20.11 17.27
C LYS A 118 13.48 -19.61 15.88
N LEU A 119 14.34 -19.86 14.92
CA LEU A 119 14.03 -19.40 13.57
C LEU A 119 12.84 -20.03 12.86
N GLU A 120 12.85 -21.36 12.80
CA GLU A 120 11.86 -22.02 11.96
C GLU A 120 10.43 -21.69 12.14
N ALA A 121 10.07 -21.58 13.40
CA ALA A 121 8.72 -21.31 13.81
C ALA A 121 8.35 -19.89 13.41
N LEU A 122 9.33 -19.11 12.93
CA LEU A 122 8.97 -17.72 12.56
C LEU A 122 8.75 -17.57 11.06
N ILE A 123 9.13 -18.65 10.38
CA ILE A 123 9.01 -18.67 8.91
C ILE A 123 7.53 -18.72 8.49
N THR A 124 7.16 -17.92 7.50
CA THR A 124 5.79 -17.84 6.96
C THR A 124 5.90 -17.69 5.46
N PRO A 125 4.78 -17.70 4.77
CA PRO A 125 4.81 -17.51 3.32
C PRO A 125 5.48 -16.23 2.86
N ARG A 126 5.55 -15.24 3.75
CA ARG A 126 6.10 -13.93 3.46
C ARG A 126 7.61 -13.81 3.65
N THR A 127 8.17 -14.74 4.41
CA THR A 127 9.60 -14.59 4.66
C THR A 127 10.43 -14.69 3.39
N LYS A 128 11.34 -13.74 3.25
CA LYS A 128 12.21 -13.76 2.08
C LYS A 128 13.69 -13.94 2.51
N ALA A 129 14.02 -13.52 3.74
CA ALA A 129 15.39 -13.50 4.21
C ALA A 129 15.47 -13.48 5.71
N ILE A 130 16.67 -13.87 6.16
CA ILE A 130 17.04 -13.90 7.57
C ILE A 130 18.30 -13.06 7.64
N MET A 131 18.32 -12.18 8.65
CA MET A 131 19.47 -11.31 8.85
C MET A 131 20.19 -11.63 10.18
N PRO A 132 21.12 -12.56 10.12
CA PRO A 132 21.92 -12.80 11.32
C PRO A 132 22.81 -11.55 11.55
N VAL A 133 23.00 -11.14 12.81
CA VAL A 133 23.87 -10.04 13.12
C VAL A 133 24.99 -10.60 14.00
N HIS A 134 26.24 -10.32 13.60
CA HIS A 134 27.41 -10.81 14.36
C HIS A 134 27.79 -9.76 15.45
N LEU A 135 27.09 -9.80 16.58
CA LEU A 135 27.28 -8.80 17.61
C LEU A 135 28.63 -8.86 18.33
N TYR A 136 29.21 -7.69 18.59
CA TYR A 136 30.46 -7.60 19.34
C TYR A 136 31.70 -8.21 18.67
N GLY A 137 31.50 -8.73 17.48
CA GLY A 137 32.66 -9.29 16.77
C GLY A 137 32.62 -10.80 16.71
N GLN A 138 31.50 -11.38 17.11
CA GLN A 138 31.38 -12.83 17.13
C GLN A 138 30.34 -13.24 16.08
N ILE A 139 30.75 -14.14 15.17
CA ILE A 139 29.80 -14.69 14.13
C ILE A 139 28.69 -15.59 14.72
N CYS A 140 27.45 -15.42 14.27
CA CYS A 140 26.37 -16.27 14.75
C CYS A 140 26.64 -17.71 14.32
N ASP A 141 25.86 -18.64 14.87
CA ASP A 141 26.01 -20.04 14.50
C ASP A 141 25.43 -20.29 13.12
N MET A 142 26.25 -19.98 12.13
CA MET A 142 25.84 -20.00 10.73
C MET A 142 25.32 -21.25 10.09
N ASP A 143 25.95 -22.36 10.41
CA ASP A 143 25.53 -23.57 9.76
C ASP A 143 24.07 -23.89 10.05
N PRO A 144 23.64 -23.90 11.29
CA PRO A 144 22.21 -24.22 11.49
C PRO A 144 21.29 -23.19 10.81
N ILE A 145 21.75 -21.95 10.77
CA ILE A 145 20.90 -20.90 10.25
C ILE A 145 20.81 -21.10 8.72
N LEU A 146 21.95 -21.43 8.11
CA LEU A 146 21.99 -21.68 6.66
C LEU A 146 21.16 -22.95 6.38
N GLU A 147 21.24 -23.90 7.32
CA GLU A 147 20.44 -25.13 7.16
C GLU A 147 18.95 -24.78 7.04
N VAL A 148 18.43 -23.98 7.97
CA VAL A 148 17.00 -23.60 7.92
C VAL A 148 16.66 -22.81 6.64
N ALA A 149 17.49 -21.82 6.34
CA ALA A 149 17.26 -20.96 5.16
C ALA A 149 17.20 -21.77 3.87
N ARG A 150 18.12 -22.71 3.71
CA ARG A 150 18.14 -23.51 2.47
C ARG A 150 16.91 -24.38 2.28
N ARG A 151 16.40 -24.86 3.41
CA ARG A 151 15.22 -25.67 3.48
C ARG A 151 13.98 -24.89 3.09
N HIS A 152 14.00 -23.58 3.38
CA HIS A 152 12.87 -22.71 3.09
C HIS A 152 13.16 -21.78 1.94
N ASN A 153 14.23 -22.08 1.24
CA ASN A 153 14.60 -21.25 0.12
C ASN A 153 14.56 -19.79 0.52
N LEU A 154 15.27 -19.40 1.58
CA LEU A 154 15.37 -17.99 1.98
C LEU A 154 16.79 -17.53 1.70
N LEU A 155 16.90 -16.23 1.59
CA LEU A 155 18.18 -15.55 1.47
C LEU A 155 18.70 -15.30 2.90
N VAL A 156 20.01 -15.14 3.01
CA VAL A 156 20.59 -14.83 4.30
C VAL A 156 21.47 -13.61 4.04
N ILE A 157 21.34 -12.60 4.89
CA ILE A 157 22.22 -11.48 4.72
C ILE A 157 22.87 -11.24 6.06
N GLU A 158 24.19 -11.30 6.09
CA GLU A 158 24.85 -11.07 7.39
C GLU A 158 25.00 -9.56 7.66
N ASP A 159 24.52 -9.15 8.83
CA ASP A 159 24.84 -7.78 9.25
C ASP A 159 26.18 -8.00 9.95
N ALA A 160 27.27 -7.80 9.22
CA ALA A 160 28.60 -8.06 9.83
C ALA A 160 29.27 -6.78 10.29
N ALA A 161 28.49 -5.74 10.55
CA ALA A 161 29.01 -4.41 10.96
C ALA A 161 30.07 -4.43 12.05
N GLU A 162 29.98 -5.37 12.99
CA GLU A 162 30.90 -5.31 14.13
C GLU A 162 31.94 -6.40 14.09
N ALA A 163 32.02 -7.10 12.96
CA ALA A 163 32.84 -8.29 12.93
C ALA A 163 33.81 -8.46 11.76
N VAL A 164 34.39 -7.36 11.31
CA VAL A 164 35.39 -7.44 10.27
C VAL A 164 36.53 -8.30 10.86
N GLY A 165 36.96 -9.28 10.08
CA GLY A 165 38.04 -10.14 10.55
C GLY A 165 37.64 -11.42 11.24
N ALA A 166 36.38 -11.54 11.67
CA ALA A 166 35.95 -12.73 12.40
C ALA A 166 35.89 -13.91 11.41
N THR A 167 35.97 -15.12 11.92
CA THR A 167 35.87 -16.29 11.03
C THR A 167 34.96 -17.33 11.69
N TYR A 168 34.49 -18.26 10.87
CA TYR A 168 33.58 -19.27 11.32
C TYR A 168 33.86 -20.51 10.48
N ARG A 169 34.25 -21.57 11.16
CA ARG A 169 34.53 -22.83 10.47
C ARG A 169 35.21 -22.68 9.10
N GLY A 170 36.27 -21.88 9.15
CA GLY A 170 37.22 -21.60 8.07
C GLY A 170 36.92 -20.47 7.09
N LYS A 171 35.86 -19.74 7.38
CA LYS A 171 35.39 -18.67 6.49
C LYS A 171 35.33 -17.36 7.24
N LYS A 172 35.63 -16.28 6.55
CA LYS A 172 35.61 -14.95 7.15
C LYS A 172 34.17 -14.44 7.20
N SER A 173 33.86 -13.55 8.15
CA SER A 173 32.54 -12.87 8.17
C SER A 173 32.46 -12.25 6.74
N GLY A 174 31.25 -12.17 6.20
CA GLY A 174 31.05 -11.58 4.89
C GLY A 174 30.96 -12.59 3.78
N SER A 175 31.46 -13.82 4.00
CA SER A 175 31.45 -14.83 2.91
C SER A 175 30.38 -15.87 3.13
N LEU A 176 29.65 -15.73 4.25
CA LEU A 176 28.69 -16.75 4.67
C LEU A 176 27.28 -16.71 4.10
N GLY A 177 26.65 -15.54 4.03
CA GLY A 177 25.28 -15.54 3.48
C GLY A 177 25.27 -15.27 1.95
N ASP A 178 24.13 -14.82 1.44
CA ASP A 178 24.04 -14.43 0.05
C ASP A 178 24.84 -13.15 -0.13
N CYS A 179 24.83 -12.32 0.92
CA CYS A 179 25.65 -11.11 0.86
C CYS A 179 25.81 -10.72 2.31
N ALA A 180 26.57 -9.65 2.55
CA ALA A 180 26.76 -9.27 3.96
C ALA A 180 27.13 -7.81 3.92
N THR A 181 27.01 -7.15 5.07
CA THR A 181 27.39 -5.73 5.14
C THR A 181 28.31 -5.47 6.35
N PHE A 182 29.07 -4.40 6.17
CA PHE A 182 29.99 -3.94 7.17
C PHE A 182 29.90 -2.44 7.33
N SER A 183 30.34 -2.02 8.49
CA SER A 183 30.33 -0.61 8.87
C SER A 183 31.75 -0.12 9.20
N PHE A 184 32.13 1.05 8.68
CA PHE A 184 33.43 1.64 9.02
C PHE A 184 33.12 2.94 9.72
N PHE A 185 32.03 2.94 10.47
CA PHE A 185 31.75 4.11 11.30
C PHE A 185 32.98 4.31 12.23
N GLY A 186 33.07 5.49 12.84
CA GLY A 186 34.21 5.90 13.66
C GLY A 186 34.70 4.98 14.78
N ASN A 187 33.77 4.32 15.45
CA ASN A 187 34.18 3.42 16.51
C ASN A 187 34.34 1.95 16.05
N1 LLP A 188 24.41 -2.85 12.14
C2 LLP A 188 25.10 -3.00 13.25
C2' LLP A 188 24.92 -4.26 14.02
C3 LLP A 188 25.98 -2.02 13.71
O3 LLP A 188 26.72 -2.15 14.86
C4 LLP A 188 26.12 -0.82 12.98
C4' LLP A 188 27.10 0.19 13.51
C5 LLP A 188 25.32 -0.65 11.83
C6 LLP A 188 24.48 -1.70 11.42
C5' LLP A 188 25.32 0.69 11.09
OP4 LLP A 188 26.55 1.05 10.46
P LLP A 188 26.78 2.65 10.27
OP1 LLP A 188 28.11 2.64 9.38
OP2 LLP A 188 25.54 3.37 9.54
OP3 LLP A 188 26.92 3.38 11.68
N LLP A 188 34.32 1.67 14.74
CA LLP A 188 34.34 0.28 14.24
CB LLP A 188 33.44 0.12 13.02
CG LLP A 188 31.98 0.59 13.23
CD LLP A 188 30.82 -0.32 13.68
CE LLP A 188 29.52 0.47 14.07
NZ LLP A 188 28.30 -0.25 13.62
C LLP A 188 35.76 -0.32 14.19
O LLP A 188 36.72 0.42 14.30
N ILE A 189 35.87 -1.64 14.04
CA ILE A 189 37.16 -2.32 13.95
C ILE A 189 38.12 -1.69 12.89
N ILE A 190 37.53 -1.32 11.76
CA ILE A 190 38.20 -0.59 10.66
C ILE A 190 37.30 0.64 10.50
N THR A 191 37.84 1.84 10.43
CA THR A 191 36.98 2.98 10.24
C THR A 191 37.46 3.80 9.02
N THR A 192 36.49 4.41 8.33
CA THR A 192 36.68 5.38 7.24
C THR A 192 35.97 6.69 7.72
N GLY A 193 35.70 6.82 9.02
CA GLY A 193 34.97 7.98 9.55
C GLY A 193 33.46 7.63 9.47
N GLU A 194 32.97 7.55 8.25
CA GLU A 194 31.62 7.05 7.90
C GLU A 194 31.93 6.22 6.66
N GLY A 195 31.42 4.99 6.58
CA GLY A 195 31.69 4.21 5.41
C GLY A 195 31.05 2.87 5.61
N GLY A 196 30.88 2.10 4.54
CA GLY A 196 30.23 0.78 4.67
C GLY A 196 30.70 -0.09 3.47
N MET A 197 30.36 -1.36 3.50
CA MET A 197 30.72 -2.16 2.36
C MET A 197 29.74 -3.33 2.29
N ILE A 198 29.46 -3.78 1.07
CA ILE A 198 28.68 -5.03 0.89
C ILE A 198 29.60 -6.07 0.26
N THR A 199 29.51 -7.32 0.72
CA THR A 199 30.30 -8.40 0.14
C THR A 199 29.35 -9.49 -0.39
N THR A 200 29.74 -10.06 -1.52
CA THR A 200 28.97 -11.08 -2.16
C THR A 200 29.74 -11.87 -3.19
N ASN A 201 29.30 -13.10 -3.42
CA ASN A 201 29.96 -13.87 -4.47
C ASN A 201 29.15 -13.85 -5.76
N ASP A 202 27.86 -13.53 -5.69
CA ASP A 202 26.96 -13.53 -6.85
C ASP A 202 27.14 -12.35 -7.76
N ASP A 203 27.50 -12.62 -9.01
CA ASP A 203 27.82 -11.53 -9.93
C ASP A 203 26.62 -10.66 -10.22
N ASP A 204 25.45 -11.25 -10.29
CA ASP A 204 24.38 -10.40 -10.70
C ASP A 204 23.91 -9.52 -9.56
N LEU A 205 24.00 -10.05 -8.34
CA LEU A 205 23.58 -9.26 -7.21
C LEU A 205 24.56 -8.13 -7.10
N ALA A 206 25.85 -8.39 -7.32
CA ALA A 206 26.79 -7.32 -7.18
C ALA A 206 26.50 -6.24 -8.20
N ALA A 207 26.19 -6.62 -9.45
CA ALA A 207 25.97 -5.61 -10.51
C ALA A 207 24.77 -4.74 -10.16
N LYS A 208 23.71 -5.39 -9.69
CA LYS A 208 22.49 -4.67 -9.36
C LYS A 208 22.79 -3.68 -8.22
N MET A 209 23.64 -4.12 -7.28
CA MET A 209 24.06 -3.31 -6.15
C MET A 209 24.86 -2.13 -6.69
N ARG A 210 25.77 -2.35 -7.65
CA ARG A 210 26.49 -1.20 -8.17
C ARG A 210 25.54 -0.27 -8.95
N LEU A 211 24.57 -0.87 -9.64
CA LEU A 211 23.56 -0.09 -10.37
C LEU A 211 22.80 0.88 -9.44
N LEU A 212 22.27 0.33 -8.34
CA LEU A 212 21.51 1.14 -7.35
C LEU A 212 22.36 2.14 -6.60
N ARG A 213 23.56 1.74 -6.27
CA ARG A 213 24.49 2.60 -5.52
C ARG A 213 24.74 3.89 -6.28
N GLY A 214 24.88 3.75 -7.60
CA GLY A 214 25.22 4.86 -8.50
C GLY A 214 24.03 5.53 -9.14
N GLN A 215 23.09 5.92 -8.27
CA GLN A 215 21.88 6.64 -8.67
C GLN A 215 21.06 5.91 -9.69
N GLY A 216 21.21 4.59 -9.84
CA GLY A 216 20.36 3.89 -10.83
C GLY A 216 20.75 4.21 -12.31
N MET A 217 21.95 4.75 -12.55
CA MET A 217 22.39 5.08 -13.94
C MET A 217 23.05 3.93 -14.64
N ASP A 218 22.73 3.77 -15.89
CA ASP A 218 23.26 2.62 -16.59
C ASP A 218 24.76 2.73 -16.75
N PRO A 219 25.56 1.79 -16.23
CA PRO A 219 27.00 1.96 -16.38
C PRO A 219 27.38 1.99 -17.85
N ASN A 220 26.45 1.57 -18.69
CA ASN A 220 26.71 1.53 -20.13
C ASN A 220 26.03 2.61 -20.94
N ARG A 221 25.33 3.55 -20.32
CA ARG A 221 24.67 4.55 -21.12
C ARG A 221 24.56 5.67 -20.13
N ARG A 222 25.63 6.45 -20.09
CA ARG A 222 25.67 7.58 -19.16
C ARG A 222 24.45 8.44 -19.39
N TYR A 223 23.92 9.01 -18.31
CA TYR A 223 22.75 9.93 -18.34
C TYR A 223 21.37 9.25 -18.47
N TRP A 224 21.41 7.93 -18.62
CA TRP A 224 20.25 7.06 -18.73
C TRP A 224 20.03 6.27 -17.42
N PHE A 225 18.79 6.27 -16.98
CA PHE A 225 18.41 5.74 -15.67
C PHE A 225 17.27 4.75 -15.86
N PRO A 226 17.65 3.49 -15.92
CA PRO A 226 16.71 2.40 -16.10
C PRO A 226 15.91 2.14 -14.82
N ILE A 227 16.40 2.52 -13.64
CA ILE A 227 15.62 2.23 -12.44
C ILE A 227 15.79 3.36 -11.43
N VAL A 228 15.04 3.25 -10.33
CA VAL A 228 15.16 4.25 -9.27
C VAL A 228 16.29 3.77 -8.38
N GLY A 229 17.35 4.55 -8.20
CA GLY A 229 18.50 4.18 -7.36
C GLY A 229 18.69 5.24 -6.28
N PHE A 230 19.89 5.20 -5.69
CA PHE A 230 20.24 6.00 -4.51
C PHE A 230 21.59 6.61 -4.68
N ASN A 231 21.93 7.48 -3.75
CA ASN A 231 23.28 8.03 -3.76
C ASN A 231 23.95 7.44 -2.51
N TYR A 232 24.53 6.26 -2.70
CA TYR A 232 25.13 5.61 -1.57
C TYR A 232 26.61 5.34 -1.82
N ARG A 233 27.25 6.11 -2.67
CA ARG A 233 28.63 5.87 -3.02
C ARG A 233 29.59 6.33 -1.95
N MET A 234 30.73 5.63 -1.84
CA MET A 234 31.79 6.02 -0.92
C MET A 234 32.72 7.04 -1.63
N THR A 235 33.26 8.02 -0.91
CA THR A 235 34.25 8.90 -1.52
C THR A 235 35.64 8.21 -1.61
N ASN A 236 36.49 8.75 -2.50
CA ASN A 236 37.84 8.25 -2.68
C ASN A 236 38.61 8.54 -1.39
N ILE A 237 38.26 9.63 -0.70
CA ILE A 237 38.92 9.96 0.57
C ILE A 237 38.59 8.90 1.64
N GLN A 238 37.31 8.53 1.77
CA GLN A 238 36.92 7.50 2.72
C GLN A 238 37.60 6.17 2.33
N ALA A 239 37.67 5.86 1.04
CA ALA A 239 38.30 4.58 0.63
C ALA A 239 39.79 4.60 0.94
N ALA A 240 40.38 5.78 0.82
CA ALA A 240 41.82 5.90 1.10
C ALA A 240 42.06 5.53 2.57
N ILE A 241 41.28 6.11 3.47
CA ILE A 241 41.41 5.79 4.88
C ILE A 241 41.12 4.30 5.08
N GLY A 242 40.07 3.87 4.43
CA GLY A 242 39.75 2.46 4.57
C GLY A 242 40.88 1.48 4.15
N LEU A 243 41.57 1.85 3.10
CA LEU A 243 42.57 0.96 2.57
C LEU A 243 43.72 0.93 3.53
N ALA A 244 44.10 2.12 3.99
CA ALA A 244 45.21 2.19 4.96
C ALA A 244 44.84 1.42 6.25
N GLN A 245 43.58 1.45 6.65
CA GLN A 245 43.17 0.71 7.86
C GLN A 245 43.31 -0.76 7.59
N LEU A 246 42.83 -1.19 6.41
CA LEU A 246 42.85 -2.61 6.11
C LEU A 246 44.27 -3.17 6.01
N GLU A 247 45.20 -2.37 5.51
CA GLU A 247 46.59 -2.80 5.44
C GLU A 247 47.13 -3.17 6.82
N ARG A 248 46.48 -2.67 7.86
CA ARG A 248 47.02 -2.97 9.17
C ARG A 248 45.99 -3.71 9.98
N VAL A 249 45.06 -4.38 9.30
CA VAL A 249 43.97 -5.07 9.97
C VAL A 249 44.47 -6.08 11.00
N ASP A 250 45.47 -6.85 10.61
CA ASP A 250 46.02 -7.85 11.52
C ASP A 250 46.60 -7.27 12.78
N GLU A 251 47.26 -6.11 12.69
CA GLU A 251 47.83 -5.41 13.85
C GLU A 251 46.73 -4.85 14.72
N HIS A 252 45.75 -4.23 14.06
CA HIS A 252 44.58 -3.74 14.79
C HIS A 252 43.90 -4.85 15.62
N LEU A 253 43.64 -6.00 14.97
CA LEU A 253 43.03 -7.15 15.64
C LEU A 253 43.92 -7.70 16.77
N ALA A 254 45.22 -7.73 16.56
CA ALA A 254 46.14 -8.25 17.59
C ALA A 254 46.13 -7.38 18.80
N ALA A 255 46.02 -6.10 18.51
CA ALA A 255 45.97 -5.13 19.56
C ALA A 255 44.75 -5.39 20.43
N ARG A 256 43.61 -5.58 19.77
CA ARG A 256 42.37 -5.86 20.47
C ARG A 256 42.56 -7.22 21.20
N GLU A 257 43.17 -8.21 20.54
CA GLU A 257 43.39 -9.49 21.22
C GLU A 257 44.13 -9.33 22.56
N ARG A 258 45.15 -8.49 22.54
CA ARG A 258 45.97 -8.26 23.72
C ARG A 258 45.10 -7.71 24.87
N VAL A 259 44.31 -6.71 24.47
CA VAL A 259 43.43 -6.02 25.39
C VAL A 259 42.45 -7.00 25.99
N VAL A 260 41.88 -7.81 25.10
CA VAL A 260 40.92 -8.82 25.51
C VAL A 260 41.62 -9.79 26.46
N GLY A 261 42.87 -10.09 26.15
CA GLY A 261 43.59 -11.01 27.03
C GLY A 261 43.79 -10.48 28.43
N TRP A 262 43.97 -9.17 28.52
CA TRP A 262 44.18 -8.51 29.80
C TRP A 262 42.90 -8.65 30.62
N TYR A 263 41.77 -8.45 29.95
CA TYR A 263 40.44 -8.61 30.57
C TYR A 263 40.26 -10.01 31.12
N GLU A 264 40.65 -11.02 30.34
CA GLU A 264 40.44 -12.43 30.69
C GLU A 264 41.22 -12.79 31.93
N GLN A 265 42.41 -12.22 32.00
CA GLN A 265 43.30 -12.45 33.11
C GLN A 265 42.90 -11.67 34.36
N LYS A 266 42.55 -10.41 34.17
CA LYS A 266 42.28 -9.62 35.34
C LYS A 266 40.89 -9.65 35.94
N LEU A 267 39.94 -10.13 35.13
CA LEU A 267 38.52 -10.14 35.51
C LEU A 267 38.23 -10.97 36.70
N ALA A 268 39.18 -11.84 37.03
CA ALA A 268 39.09 -12.70 38.21
C ALA A 268 38.89 -11.85 39.48
N ARG A 269 39.53 -10.69 39.50
CA ARG A 269 39.40 -9.81 40.65
C ARG A 269 37.95 -9.46 40.99
N LEU A 270 37.05 -9.55 40.01
CA LEU A 270 35.65 -9.16 40.20
C LEU A 270 34.74 -10.33 40.56
N GLY A 271 35.33 -11.51 40.51
CA GLY A 271 34.58 -12.71 40.89
C GLY A 271 33.24 -12.88 40.21
N ASN A 272 32.21 -13.28 40.97
CA ASN A 272 30.93 -13.51 40.32
C ASN A 272 30.16 -12.23 40.00
N ARG A 273 30.78 -11.08 40.23
CA ARG A 273 30.07 -9.83 39.97
C ARG A 273 29.76 -9.45 38.54
N VAL A 274 30.49 -10.10 37.64
CA VAL A 274 30.23 -10.03 36.21
C VAL A 274 30.27 -11.41 35.62
N THR A 275 29.70 -11.56 34.43
CA THR A 275 29.77 -12.81 33.70
C THR A 275 30.51 -12.47 32.44
N LYS A 276 31.70 -13.05 32.29
CA LYS A 276 32.53 -12.70 31.12
C LYS A 276 31.91 -13.17 29.79
N PRO A 277 32.19 -12.47 28.68
CA PRO A 277 31.63 -12.87 27.42
C PRO A 277 31.97 -14.31 27.02
N HIS A 278 30.98 -15.13 26.71
CA HIS A 278 31.29 -16.49 26.30
C HIS A 278 31.82 -16.43 24.87
N VAL A 279 32.84 -17.24 24.63
CA VAL A 279 33.38 -17.28 23.28
C VAL A 279 33.18 -18.64 22.60
N ALA A 280 32.38 -18.67 21.54
CA ALA A 280 32.18 -19.93 20.80
C ALA A 280 33.48 -20.43 20.16
N LEU A 281 33.66 -21.75 20.08
CA LEU A 281 34.89 -22.24 19.46
C LEU A 281 34.76 -22.39 17.94
N THR A 282 33.78 -21.71 17.36
CA THR A 282 33.49 -21.75 15.91
C THR A 282 34.47 -21.06 14.96
N GLY A 283 35.26 -20.13 15.51
CA GLY A 283 36.27 -19.38 14.75
C GLY A 283 36.67 -18.22 15.64
N ARG A 284 37.24 -17.20 15.02
CA ARG A 284 37.75 -16.03 15.75
C ARG A 284 36.67 -15.03 16.06
N HIS A 285 36.67 -14.61 17.32
CA HIS A 285 35.79 -13.58 17.82
C HIS A 285 36.70 -12.36 17.87
N VAL A 286 36.39 -11.37 17.06
CA VAL A 286 37.24 -10.19 16.96
C VAL A 286 37.06 -9.12 18.06
N PHE A 287 36.06 -9.29 18.91
CA PHE A 287 35.92 -8.38 20.02
C PHE A 287 35.80 -6.87 19.73
N TRP A 288 34.79 -6.52 18.93
CA TRP A 288 34.54 -5.12 18.68
C TRP A 288 34.36 -4.45 20.07
N MET A 289 33.74 -5.17 21.00
CA MET A 289 33.54 -4.71 22.35
C MET A 289 33.55 -5.92 23.24
N TYR A 290 34.20 -5.76 24.40
CA TYR A 290 34.25 -6.77 25.48
C TYR A 290 33.00 -6.59 26.37
N THR A 291 32.05 -7.53 26.26
CA THR A 291 30.73 -7.40 26.86
C THR A 291 30.46 -8.36 28.02
N VAL A 292 30.20 -7.83 29.22
CA VAL A 292 29.87 -8.69 30.36
C VAL A 292 28.38 -8.51 30.66
N ARG A 293 27.83 -9.40 31.48
CA ARG A 293 26.45 -9.27 31.96
C ARG A 293 26.70 -9.24 33.46
N LEU A 294 26.11 -8.20 34.03
CA LEU A 294 26.24 -7.96 35.44
C LEU A 294 25.64 -9.12 36.18
N GLY A 295 26.25 -9.36 37.33
CA GLY A 295 25.84 -10.44 38.23
C GLY A 295 24.45 -10.11 38.75
N GLU A 296 23.63 -11.14 38.85
CA GLU A 296 22.26 -10.89 39.30
C GLU A 296 22.22 -10.49 40.75
N GLY A 297 23.26 -10.90 41.45
CA GLY A 297 23.38 -10.65 42.87
C GLY A 297 23.62 -9.21 43.17
N LEU A 298 24.03 -8.42 42.20
CA LEU A 298 24.32 -7.01 42.52
C LEU A 298 23.11 -6.27 43.03
N SER A 299 23.30 -5.17 43.75
CA SER A 299 22.17 -4.33 44.25
C SER A 299 22.05 -3.15 43.26
N THR A 300 23.20 -2.71 42.76
CA THR A 300 23.27 -1.67 41.75
C THR A 300 22.62 -2.03 40.41
N THR A 301 22.23 -1.02 39.63
CA THR A 301 21.67 -1.28 38.30
C THR A 301 22.69 -1.09 37.15
N ARG A 302 22.48 -1.69 36.00
CA ARG A 302 23.44 -1.49 34.89
C ARG A 302 23.57 0.01 34.51
N ASP A 303 22.46 0.74 34.46
CA ASP A 303 22.61 2.14 34.11
C ASP A 303 23.39 2.94 35.12
N GLN A 304 23.24 2.53 36.40
CA GLN A 304 23.96 3.23 37.46
C GLN A 304 25.49 2.96 37.37
N VAL A 305 25.91 1.73 37.09
CA VAL A 305 27.31 1.37 36.90
C VAL A 305 27.90 2.22 35.79
N ILE A 306 27.16 2.41 34.69
CA ILE A 306 27.68 3.23 33.58
C ILE A 306 27.88 4.63 34.11
N LYS A 307 26.93 5.12 34.88
CA LYS A 307 27.16 6.47 35.41
C LYS A 307 28.32 6.47 36.36
N ASP A 308 28.47 5.43 37.18
CA ASP A 308 29.57 5.51 38.11
C ASP A 308 30.92 5.40 37.43
N LEU A 309 30.97 4.60 36.38
CA LEU A 309 32.23 4.46 35.65
C LEU A 309 32.55 5.80 35.04
N ASP A 310 31.54 6.44 34.48
CA ASP A 310 31.72 7.77 33.85
C ASP A 310 32.41 8.78 34.80
N ALA A 311 31.86 8.88 36.01
CA ALA A 311 32.34 9.80 37.04
C ALA A 311 33.79 9.44 37.34
N LEU A 312 34.14 8.17 37.16
CA LEU A 312 35.51 7.71 37.37
C LEU A 312 36.30 7.88 36.10
N GLY A 313 35.75 8.56 35.09
CA GLY A 313 36.49 8.79 33.84
C GLY A 313 36.61 7.65 32.85
N ILE A 314 35.66 6.73 32.94
CA ILE A 314 35.60 5.55 32.10
C ILE A 314 34.31 5.43 31.32
N GLU A 315 34.49 5.39 30.00
CA GLU A 315 33.34 5.20 29.11
C GLU A 315 32.90 3.73 29.00
N SER A 316 31.60 3.49 29.00
CA SER A 316 31.07 2.13 28.80
C SER A 316 29.72 2.39 28.13
N ARG A 317 28.93 1.37 27.81
CA ARG A 317 27.60 1.68 27.28
C ARG A 317 26.78 0.44 27.45
N PRO A 318 25.49 0.63 27.40
CA PRO A 318 24.62 -0.50 27.57
C PRO A 318 24.60 -1.37 26.35
N VAL A 319 24.25 -2.62 26.61
CA VAL A 319 24.02 -3.47 25.44
C VAL A 319 22.79 -2.85 24.74
N PHE A 320 22.73 -2.96 23.43
CA PHE A 320 21.62 -2.37 22.70
C PHE A 320 20.29 -2.70 23.28
N HIS A 321 19.36 -1.73 23.20
CA HIS A 321 18.01 -1.98 23.71
C HIS A 321 17.34 -2.82 22.68
N PRO A 322 16.62 -3.86 23.11
CA PRO A 322 15.91 -4.68 22.16
C PRO A 322 14.95 -3.77 21.33
N MET A 323 14.82 -4.07 20.05
CA MET A 323 13.96 -3.23 19.20
C MET A 323 12.55 -3.09 19.77
N HIS A 324 12.02 -4.25 20.14
CA HIS A 324 10.62 -4.31 20.54
C HIS A 324 10.34 -3.47 21.77
N ILE A 325 11.37 -2.91 22.39
CA ILE A 325 11.07 -2.16 23.60
C ILE A 325 11.20 -0.69 23.27
N MET A 326 11.50 -0.35 22.03
CA MET A 326 11.58 1.06 21.71
C MET A 326 10.40 1.44 20.82
N PRO A 327 9.99 2.72 20.79
CA PRO A 327 8.80 3.13 20.05
C PRO A 327 8.65 2.62 18.62
N PRO A 328 9.71 2.71 17.83
CA PRO A 328 9.49 2.31 16.46
C PRO A 328 9.08 0.85 16.25
N TYR A 329 9.48 -0.07 17.13
CA TYR A 329 9.21 -1.48 16.87
C TYR A 329 8.47 -2.18 17.98
N ALA A 330 7.89 -1.38 18.86
CA ALA A 330 7.18 -1.92 20.00
C ALA A 330 6.01 -2.76 19.50
N HIS A 331 5.55 -2.43 18.30
CA HIS A 331 4.45 -3.15 17.68
C HIS A 331 4.86 -4.56 17.19
N LEU A 332 6.14 -4.89 17.24
CA LEU A 332 6.56 -6.18 16.77
C LEU A 332 6.91 -7.01 17.98
N ALA A 333 6.59 -6.51 19.17
CA ALA A 333 6.89 -7.29 20.34
C ALA A 333 6.19 -8.65 20.30
N THR A 334 6.84 -9.66 20.87
CA THR A 334 6.28 -10.98 21.10
C THR A 334 6.61 -11.48 22.50
N ASP A 335 5.94 -12.53 22.94
CA ASP A 335 6.27 -13.06 24.27
C ASP A 335 7.51 -14.03 24.23
N ASP A 336 8.22 -14.07 23.11
CA ASP A 336 9.35 -15.00 22.99
C ASP A 336 10.59 -14.25 22.59
N LEU A 337 10.76 -13.14 23.28
CA LEU A 337 11.96 -12.27 23.15
C LEU A 337 12.60 -12.02 24.54
N LYS A 338 12.37 -12.98 25.41
CA LYS A 338 12.83 -12.85 26.78
C LYS A 338 14.35 -12.78 26.97
N ILE A 339 15.12 -13.51 26.15
CA ILE A 339 16.58 -13.47 26.33
C ILE A 339 17.07 -12.10 25.94
N ALA A 340 16.58 -11.58 24.81
CA ALA A 340 17.01 -10.24 24.36
C ALA A 340 16.71 -9.18 25.47
N GLU A 341 15.55 -9.27 26.10
CA GLU A 341 15.20 -8.32 27.17
C GLU A 341 16.15 -8.39 28.35
N ALA A 342 16.48 -9.64 28.75
CA ALA A 342 17.41 -9.90 29.88
C ALA A 342 18.81 -9.32 29.56
N CYS A 343 19.27 -9.59 28.35
CA CYS A 343 20.58 -9.10 27.94
C CYS A 343 20.63 -7.59 27.92
N GLY A 344 19.54 -6.99 27.43
CA GLY A 344 19.44 -5.54 27.39
C GLY A 344 19.48 -4.94 28.78
N VAL A 345 18.89 -5.63 29.74
CA VAL A 345 18.87 -5.18 31.12
C VAL A 345 20.25 -5.22 31.80
N ASP A 346 20.92 -6.37 31.68
CA ASP A 346 22.17 -6.55 32.39
C ASP A 346 23.49 -6.40 31.59
N GLY A 347 23.38 -6.18 30.28
CA GLY A 347 24.53 -6.14 29.38
C GLY A 347 25.35 -4.88 29.45
N LEU A 348 26.67 -5.01 29.53
CA LEU A 348 27.53 -3.82 29.59
C LEU A 348 28.72 -3.93 28.65
N ASN A 349 28.87 -3.01 27.70
CA ASN A 349 30.05 -3.04 26.80
C ASN A 349 31.16 -2.30 27.49
N LEU A 350 32.35 -2.92 27.62
CA LEU A 350 33.46 -2.27 28.31
C LEU A 350 34.48 -1.72 27.27
N PRO A 351 35.32 -0.73 27.62
CA PRO A 351 36.32 -0.24 26.66
C PRO A 351 37.12 -1.37 26.00
N THR A 352 37.19 -1.27 24.68
CA THR A 352 37.87 -2.25 23.84
C THR A 352 38.26 -1.53 22.58
N HIS A 353 39.54 -1.27 22.44
CA HIS A 353 40.06 -0.59 21.25
C HIS A 353 41.57 -0.72 21.24
N ALA A 354 42.18 -0.53 20.08
CA ALA A 354 43.61 -0.70 19.89
C ALA A 354 44.51 0.23 20.64
N GLY A 355 44.01 1.36 21.12
CA GLY A 355 44.86 2.29 21.86
C GLY A 355 44.95 2.01 23.39
N LEU A 356 44.23 1.00 23.88
CA LEU A 356 44.24 0.71 25.34
C LEU A 356 45.46 -0.03 25.86
N THR A 357 46.01 0.46 26.98
CA THR A 357 47.16 -0.13 27.67
C THR A 357 46.72 -1.07 28.79
N GLU A 358 47.65 -1.90 29.25
CA GLU A 358 47.40 -2.82 30.34
C GLU A 358 47.02 -1.99 31.57
N ALA A 359 47.61 -0.80 31.70
CA ALA A 359 47.31 0.05 32.85
C ALA A 359 45.89 0.54 32.77
N ASP A 360 45.47 0.93 31.57
CA ASP A 360 44.10 1.38 31.30
C ASP A 360 43.13 0.29 31.75
N ILE A 361 43.47 -0.95 31.36
CA ILE A 361 42.64 -2.08 31.68
C ILE A 361 42.67 -2.28 33.17
N ASP A 362 43.83 -2.15 33.77
CA ASP A 362 43.85 -2.28 35.22
C ASP A 362 42.83 -1.31 35.88
N ARG A 363 42.83 -0.09 35.35
CA ARG A 363 41.99 1.02 35.82
C ARG A 363 40.51 0.70 35.66
N VAL A 364 40.12 0.16 34.51
CA VAL A 364 38.72 -0.19 34.31
C VAL A 364 38.33 -1.26 35.35
N ILE A 365 39.20 -2.25 35.52
CA ILE A 365 38.82 -3.27 36.46
C ILE A 365 38.71 -2.79 37.91
N ALA A 366 39.59 -1.87 38.30
CA ALA A 366 39.57 -1.38 39.64
C ALA A 366 38.30 -0.60 39.86
N ALA A 367 37.93 0.19 38.84
CA ALA A 367 36.70 0.99 38.87
C ALA A 367 35.50 0.05 39.00
N LEU A 368 35.50 -1.05 38.26
CA LEU A 368 34.41 -2.03 38.33
C LEU A 368 34.37 -2.65 39.70
N ASP A 369 35.56 -2.94 40.28
CA ASP A 369 35.61 -3.44 41.63
C ASP A 369 34.89 -2.45 42.60
N GLN A 370 35.16 -1.17 42.38
CA GLN A 370 34.53 -0.09 43.15
C GLN A 370 33.02 0.07 42.97
N VAL A 371 32.55 0.06 41.73
CA VAL A 371 31.12 0.28 41.40
C VAL A 371 30.15 -0.90 41.35
N LEU A 372 30.65 -2.13 41.34
CA LEU A 372 29.74 -3.28 41.25
C LEU A 372 29.34 -3.62 42.67
N VAL A 373 28.31 -2.93 43.16
CA VAL A 373 27.86 -3.16 44.53
C VAL A 373 26.40 -3.65 44.55
N LEU B 6 46.94 18.38 -27.45
CA LEU B 6 45.48 18.27 -27.53
C LEU B 6 44.85 17.70 -26.25
N PRO B 7 45.09 18.40 -25.13
CA PRO B 7 44.52 18.00 -23.84
C PRO B 7 43.00 18.14 -23.85
N ARG B 8 42.36 17.10 -23.35
CA ARG B 8 40.92 17.05 -23.23
C ARG B 8 40.36 18.18 -22.37
N ILE B 9 39.14 18.55 -22.72
CA ILE B 9 38.48 19.65 -22.03
C ILE B 9 37.27 19.02 -21.34
N SER B 10 37.27 19.17 -20.03
CA SER B 10 36.25 18.58 -19.16
C SER B 10 35.13 19.55 -18.92
N VAL B 11 33.89 19.05 -18.92
CA VAL B 11 32.69 19.84 -18.70
C VAL B 11 32.75 20.50 -17.31
N ALA B 12 33.31 19.77 -16.35
CA ALA B 12 33.49 20.24 -14.97
C ALA B 12 34.80 19.76 -14.35
N ALA B 13 35.04 20.30 -13.15
CA ALA B 13 36.21 19.93 -12.34
C ALA B 13 36.30 20.84 -11.13
N PRO B 14 36.80 20.26 -10.03
CA PRO B 14 36.92 20.99 -8.77
C PRO B 14 38.25 21.69 -8.75
N ARG B 15 38.21 22.80 -8.05
CA ARG B 15 39.38 23.62 -7.83
C ARG B 15 39.47 23.78 -6.31
N LEU B 16 40.45 23.09 -5.75
CA LEU B 16 40.68 23.12 -4.31
C LEU B 16 41.85 24.05 -4.11
N ASP B 17 41.61 25.35 -4.17
CA ASP B 17 42.69 26.33 -4.07
C ASP B 17 42.67 27.21 -2.81
N GLY B 18 42.15 26.69 -1.71
CA GLY B 18 42.12 27.46 -0.47
C GLY B 18 42.70 26.62 0.65
N ASN B 19 42.01 26.61 1.79
CA ASN B 19 42.47 25.87 2.97
C ASN B 19 42.06 24.42 3.10
N GLU B 20 41.51 23.89 2.02
CA GLU B 20 41.05 22.51 2.01
C GLU B 20 42.10 21.57 2.58
N ARG B 21 43.28 21.57 1.97
CA ARG B 21 44.34 20.64 2.34
C ARG B 21 44.68 20.75 3.80
N ASP B 22 44.77 21.99 4.28
CA ASP B 22 45.15 22.18 5.67
C ASP B 22 44.04 21.78 6.59
N TYR B 23 42.82 22.14 6.22
CA TYR B 23 41.73 21.76 7.14
C TYR B 23 41.59 20.25 7.13
N VAL B 24 41.76 19.64 5.97
CA VAL B 24 41.66 18.18 5.98
C VAL B 24 42.75 17.60 6.88
N LEU B 25 43.92 18.24 6.86
CA LEU B 25 45.05 17.77 7.65
C LEU B 25 44.78 17.80 9.13
N GLU B 26 44.08 18.84 9.56
CA GLU B 26 43.76 18.93 10.97
C GLU B 26 42.91 17.74 11.33
N CYS B 27 41.87 17.48 10.54
CA CYS B 27 40.98 16.35 10.83
C CYS B 27 41.80 15.10 11.08
N MET B 28 42.67 14.82 10.11
CA MET B 28 43.51 13.63 10.10
C MET B 28 44.37 13.63 11.34
N ASP B 29 45.13 14.70 11.54
CA ASP B 29 46.04 14.80 12.68
C ASP B 29 45.34 14.63 14.01
N THR B 30 44.17 15.26 14.17
CA THR B 30 43.36 15.20 15.41
C THR B 30 42.60 13.90 15.63
N THR B 31 42.50 13.11 14.58
CA THR B 31 41.67 11.92 14.51
C THR B 31 40.15 12.11 14.41
N TRP B 32 39.73 13.35 14.20
CA TRP B 32 38.34 13.72 14.00
C TRP B 32 37.89 13.62 12.52
N ILE B 33 37.72 12.39 12.06
CA ILE B 33 37.36 12.08 10.68
C ILE B 33 35.93 11.60 10.47
N SER B 34 35.18 11.44 11.57
CA SER B 34 33.82 10.94 11.50
C SER B 34 32.82 12.12 11.42
N SER B 35 31.60 11.77 11.81
CA SER B 35 30.49 12.69 11.79
C SER B 35 30.33 13.48 13.06
N VAL B 36 31.44 13.89 13.65
CA VAL B 36 31.39 14.80 14.78
C VAL B 36 32.69 15.52 14.66
N GLY B 37 32.62 16.85 14.86
CA GLY B 37 33.82 17.67 14.77
C GLY B 37 33.42 19.11 14.51
N ARG B 38 34.38 19.98 14.79
CA ARG B 38 34.22 21.42 14.66
C ARG B 38 33.83 21.97 13.28
N PHE B 39 34.33 21.33 12.24
CA PHE B 39 34.12 21.78 10.89
C PHE B 39 32.66 21.60 10.48
N ILE B 40 32.03 20.56 11.04
CA ILE B 40 30.63 20.34 10.66
C ILE B 40 29.81 21.54 11.11
N VAL B 41 30.01 21.94 12.36
CA VAL B 41 29.24 23.04 12.94
C VAL B 41 29.63 24.34 12.30
N GLU B 42 30.94 24.47 12.11
CA GLU B 42 31.43 25.67 11.49
C GLU B 42 30.94 25.73 10.09
N PHE B 43 31.00 24.63 9.36
CA PHE B 43 30.53 24.71 7.99
C PHE B 43 29.03 25.03 7.97
N GLU B 44 28.27 24.42 8.90
CA GLU B 44 26.82 24.69 8.89
C GLU B 44 26.58 26.12 9.24
N LYS B 45 27.31 26.63 10.23
CA LYS B 45 27.05 28.00 10.63
C LYS B 45 27.36 28.97 9.48
N ALA B 46 28.48 28.68 8.85
CA ALA B 46 28.90 29.59 7.83
C ALA B 46 28.00 29.54 6.63
N PHE B 47 27.51 28.34 6.32
CA PHE B 47 26.67 28.21 5.14
C PHE B 47 25.34 28.86 5.38
N ALA B 48 24.89 28.73 6.62
CA ALA B 48 23.64 29.33 7.04
C ALA B 48 23.78 30.83 6.82
N ASP B 49 24.85 31.45 7.33
CA ASP B 49 25.10 32.90 7.13
C ASP B 49 25.18 33.25 5.67
N TYR B 50 25.92 32.45 4.91
CA TYR B 50 26.02 32.67 3.48
C TYR B 50 24.67 32.74 2.80
N CYS B 51 23.72 31.94 3.28
CA CYS B 51 22.43 32.02 2.59
C CYS B 51 21.45 32.98 3.24
N GLY B 52 21.79 33.49 4.41
CA GLY B 52 20.90 34.39 5.13
C GLY B 52 19.77 33.64 5.85
N VAL B 53 20.00 32.40 6.27
CA VAL B 53 18.93 31.64 6.96
C VAL B 53 19.34 31.32 8.40
N LYS B 54 18.39 30.83 9.21
CA LYS B 54 18.79 30.48 10.57
C LYS B 54 19.48 29.12 10.63
N HIS B 55 19.04 28.16 9.82
CA HIS B 55 19.53 26.81 9.99
C HIS B 55 20.12 26.18 8.77
N ALA B 56 21.21 25.45 8.98
CA ALA B 56 21.87 24.74 7.87
C ALA B 56 22.16 23.38 8.46
N ILE B 57 21.72 22.33 7.75
CA ILE B 57 21.90 20.94 8.16
C ILE B 57 22.73 20.17 7.13
N ALA B 58 23.94 19.81 7.54
CA ALA B 58 24.91 19.11 6.73
C ALA B 58 24.50 17.66 6.52
N CYS B 59 24.44 17.24 5.24
CA CYS B 59 24.08 15.84 4.89
C CYS B 59 25.19 15.17 4.10
N ASN B 60 25.08 13.83 3.95
CA ASN B 60 26.08 13.09 3.19
C ASN B 60 26.10 13.33 1.71
N ASN B 61 24.97 13.79 1.16
CA ASN B 61 24.86 14.16 -0.27
C ASN B 61 23.60 14.93 -0.58
N GLY B 62 23.49 15.50 -1.79
CA GLY B 62 22.35 16.31 -2.19
C GLY B 62 21.10 15.49 -2.32
N THR B 63 21.24 14.21 -2.64
CA THR B 63 20.07 13.29 -2.76
C THR B 63 19.44 12.95 -1.39
N THR B 64 20.25 12.45 -0.47
CA THR B 64 19.75 12.18 0.88
C THR B 64 19.27 13.48 1.51
N ALA B 65 19.77 14.63 1.11
CA ALA B 65 19.29 15.86 1.76
C ALA B 65 17.80 16.08 1.47
N LEU B 66 17.43 15.84 0.20
CA LEU B 66 16.08 16.02 -0.34
C LEU B 66 15.12 15.07 0.37
N HIS B 67 15.59 13.84 0.46
CA HIS B 67 14.81 12.81 1.09
C HIS B 67 14.61 13.25 2.51
N LEU B 68 15.70 13.51 3.19
CA LEU B 68 15.57 13.86 4.58
C LEU B 68 14.65 15.06 4.78
N ALA B 69 14.78 16.04 3.88
CA ALA B 69 13.93 17.25 3.97
C ALA B 69 12.48 16.97 3.76
N LEU B 70 12.19 16.13 2.79
CA LEU B 70 10.80 15.78 2.51
C LEU B 70 10.22 14.96 3.67
N VAL B 71 10.98 14.01 4.17
CA VAL B 71 10.43 13.24 5.25
C VAL B 71 10.13 14.13 6.46
N ALA B 72 11.05 15.03 6.80
CA ALA B 72 10.84 15.95 7.90
C ALA B 72 9.60 16.82 7.72
N MET B 73 9.31 17.13 6.47
CA MET B 73 8.14 17.94 6.15
C MET B 73 6.87 17.13 6.23
N GLY B 74 6.99 15.81 6.36
CA GLY B 74 5.82 14.89 6.47
C GLY B 74 5.30 14.40 5.14
N ILE B 75 6.16 14.45 4.13
CA ILE B 75 5.73 13.93 2.84
C ILE B 75 5.76 12.43 2.98
N GLY B 76 4.65 11.80 2.59
CA GLY B 76 4.58 10.36 2.71
C GLY B 76 3.58 9.74 1.73
N PRO B 77 3.33 8.47 1.91
CA PRO B 77 2.38 7.78 1.07
C PRO B 77 1.08 8.55 0.89
N GLY B 78 0.75 8.66 -0.39
CA GLY B 78 -0.49 9.34 -0.73
C GLY B 78 -0.29 10.71 -1.31
N ASP B 79 0.62 11.44 -0.66
CA ASP B 79 0.95 12.83 -0.94
C ASP B 79 1.49 12.94 -2.37
N GLU B 80 1.24 14.12 -2.95
CA GLU B 80 1.72 14.54 -4.27
C GLU B 80 2.67 15.70 -4.07
N VAL B 81 3.77 15.64 -4.82
CA VAL B 81 4.74 16.70 -4.75
C VAL B 81 4.94 17.10 -6.21
N ILE B 82 4.76 18.39 -6.51
CA ILE B 82 4.94 18.74 -7.90
C ILE B 82 6.42 18.95 -8.18
N VAL B 83 6.89 18.33 -9.24
CA VAL B 83 8.32 18.40 -9.56
C VAL B 83 8.43 18.60 -11.09
N PRO B 84 9.43 19.34 -11.59
CA PRO B 84 9.60 19.51 -13.04
C PRO B 84 10.07 18.21 -13.65
N SER B 85 9.53 17.90 -14.84
CA SER B 85 10.01 16.69 -15.50
C SER B 85 11.50 16.97 -15.89
N LEU B 86 11.83 18.19 -16.32
CA LEU B 86 13.24 18.52 -16.72
C LEU B 86 14.05 18.79 -15.45
N THR B 87 14.74 17.76 -14.99
CA THR B 87 15.58 17.94 -13.80
C THR B 87 16.50 16.70 -13.65
N TYR B 88 17.35 16.70 -12.63
CA TYR B 88 18.19 15.56 -12.33
C TYR B 88 17.28 14.59 -11.61
N ILE B 89 17.46 13.31 -11.90
CA ILE B 89 16.54 12.33 -11.36
C ILE B 89 16.30 12.33 -9.86
N ALA B 90 17.28 12.70 -9.06
CA ALA B 90 17.09 12.66 -7.61
C ALA B 90 15.91 13.56 -7.19
N SER B 91 15.58 14.61 -7.94
CA SER B 91 14.46 15.43 -7.52
C SER B 91 13.19 14.56 -7.39
N ALA B 92 12.95 13.70 -8.40
CA ALA B 92 11.81 12.79 -8.40
C ALA B 92 11.97 11.61 -7.47
N ASN B 93 13.18 11.06 -7.43
CA ASN B 93 13.41 9.90 -6.60
C ASN B 93 13.20 10.22 -5.12
N SER B 94 13.69 11.39 -4.75
CA SER B 94 13.54 11.83 -3.37
C SER B 94 12.08 11.71 -2.90
N VAL B 95 11.14 12.02 -3.78
CA VAL B 95 9.69 12.00 -3.46
C VAL B 95 9.23 10.57 -3.35
N THR B 96 9.76 9.85 -4.30
CA THR B 96 9.50 8.40 -4.36
C THR B 96 9.97 7.66 -3.11
N TYR B 97 11.14 7.98 -2.56
CA TYR B 97 11.62 7.29 -1.39
C TYR B 97 10.59 7.47 -0.25
N CYS B 98 9.88 8.60 -0.21
CA CYS B 98 8.88 8.89 0.84
C CYS B 98 7.63 8.07 0.64
N GLY B 99 7.51 7.33 -0.48
CA GLY B 99 6.28 6.61 -0.81
C GLY B 99 5.31 7.64 -1.43
N ALA B 100 5.74 8.89 -1.61
CA ALA B 100 4.85 9.90 -2.20
C ALA B 100 4.86 9.89 -3.74
N THR B 101 4.00 10.69 -4.34
CA THR B 101 3.83 10.68 -5.79
C THR B 101 4.29 11.95 -6.53
N PRO B 102 5.32 11.85 -7.37
CA PRO B 102 5.78 13.01 -8.15
C PRO B 102 4.69 13.43 -9.15
N VAL B 103 4.40 14.72 -9.25
CA VAL B 103 3.40 15.20 -10.22
C VAL B 103 4.23 16.18 -11.07
N LEU B 104 4.50 15.74 -12.29
CA LEU B 104 5.42 16.46 -13.16
C LEU B 104 4.86 17.72 -13.77
N VAL B 105 5.70 18.74 -13.86
CA VAL B 105 5.23 19.99 -14.43
C VAL B 105 6.24 20.48 -15.51
N ASP B 106 5.72 21.17 -16.54
CA ASP B 106 6.52 21.73 -17.65
C ASP B 106 7.41 22.90 -17.19
N ASN B 107 8.48 23.19 -17.95
CA ASN B 107 9.40 24.27 -17.60
C ASN B 107 9.30 25.34 -18.68
N ASP B 108 10.00 26.43 -18.41
CA ASP B 108 10.05 27.58 -19.32
C ASP B 108 11.09 27.26 -20.42
N PRO B 109 10.80 27.59 -21.68
CA PRO B 109 11.69 27.20 -22.76
C PRO B 109 12.99 27.97 -22.76
N ARG B 110 13.02 29.06 -21.99
CA ARG B 110 14.25 29.87 -21.94
C ARG B 110 15.15 29.66 -20.75
N THR B 111 14.53 29.57 -19.58
CA THR B 111 15.29 29.43 -18.33
C THR B 111 15.44 27.94 -17.95
N PHE B 112 14.68 27.06 -18.61
CA PHE B 112 14.73 25.61 -18.30
C PHE B 112 14.04 25.32 -16.97
N ASN B 113 13.48 26.37 -16.37
CA ASN B 113 12.93 26.29 -15.00
C ASN B 113 11.42 26.13 -14.94
N LEU B 114 10.93 25.65 -13.79
CA LEU B 114 9.51 25.38 -13.55
C LEU B 114 8.70 26.58 -13.98
N ASP B 115 7.73 26.30 -14.84
CA ASP B 115 6.82 27.30 -15.38
C ASP B 115 5.67 27.49 -14.42
N ALA B 116 5.73 28.58 -13.66
CA ALA B 116 4.77 28.85 -12.59
C ALA B 116 3.34 28.92 -13.08
N ALA B 117 3.18 29.30 -14.34
CA ALA B 117 1.87 29.34 -14.98
C ALA B 117 1.23 27.96 -15.18
N LYS B 118 1.99 26.88 -15.08
CA LYS B 118 1.40 25.57 -15.30
C LYS B 118 1.14 24.88 -13.98
N LEU B 119 1.36 25.57 -12.88
CA LEU B 119 1.17 24.87 -11.64
C LEU B 119 -0.28 24.64 -11.22
N GLU B 120 -1.03 25.73 -11.10
CA GLU B 120 -2.42 25.67 -10.62
C GLU B 120 -3.24 24.50 -11.10
N ALA B 121 -3.05 24.17 -12.38
CA ALA B 121 -3.78 23.13 -13.02
C ALA B 121 -3.44 21.77 -12.46
N LEU B 122 -2.30 21.67 -11.80
CA LEU B 122 -1.80 20.37 -11.35
C LEU B 122 -2.11 20.10 -9.90
N ILE B 123 -2.60 21.12 -9.23
CA ILE B 123 -2.89 20.95 -7.80
C ILE B 123 -4.17 20.14 -7.53
N THR B 124 -4.09 19.22 -6.57
CA THR B 124 -5.23 18.36 -6.18
C THR B 124 -5.34 18.27 -4.68
N PRO B 125 -6.29 17.48 -4.19
CA PRO B 125 -6.49 17.35 -2.77
C PRO B 125 -5.27 16.70 -2.16
N ARG B 126 -4.46 16.00 -2.96
CA ARG B 126 -3.28 15.29 -2.43
C ARG B 126 -1.98 16.07 -2.48
N THR B 127 -2.02 17.24 -3.12
CA THR B 127 -0.80 18.01 -3.17
C THR B 127 -0.34 18.51 -1.81
N LYS B 128 0.94 18.39 -1.53
CA LYS B 128 1.51 18.87 -0.26
C LYS B 128 2.62 19.87 -0.48
N ALA B 129 3.37 19.74 -1.56
CA ALA B 129 4.48 20.65 -1.75
C ALA B 129 4.81 20.82 -3.23
N ILE B 130 5.64 21.83 -3.55
CA ILE B 130 6.10 22.09 -4.94
C ILE B 130 7.60 22.14 -4.75
N MET B 131 8.30 21.53 -5.70
CA MET B 131 9.77 21.51 -5.63
C MET B 131 10.35 22.25 -6.83
N PRO B 132 10.46 23.59 -6.75
CA PRO B 132 11.11 24.32 -7.83
C PRO B 132 12.59 23.85 -7.83
N VAL B 133 13.17 23.64 -9.01
CA VAL B 133 14.61 23.23 -9.08
C VAL B 133 15.30 24.37 -9.80
N HIS B 134 16.37 24.88 -9.21
CA HIS B 134 17.11 25.99 -9.82
C HIS B 134 18.18 25.47 -10.83
N LEU B 135 17.70 25.21 -12.05
CA LEU B 135 18.56 24.67 -13.06
C LEU B 135 19.75 25.53 -13.45
N TYR B 136 20.93 24.89 -13.42
CA TYR B 136 22.17 25.44 -13.91
C TYR B 136 22.67 26.71 -13.26
N GLY B 137 22.19 26.98 -12.06
CA GLY B 137 22.72 28.15 -11.34
C GLY B 137 21.68 29.26 -11.36
N GLN B 138 20.52 28.99 -11.97
CA GLN B 138 19.47 30.01 -12.14
C GLN B 138 18.22 29.75 -11.34
N ILE B 139 17.89 30.72 -10.49
CA ILE B 139 16.72 30.58 -9.64
C ILE B 139 15.40 30.69 -10.42
N CYS B 140 14.45 29.77 -10.19
CA CYS B 140 13.10 29.80 -10.82
C CYS B 140 12.47 31.13 -10.41
N ASP B 141 11.38 31.49 -11.08
CA ASP B 141 10.73 32.72 -10.69
C ASP B 141 9.88 32.43 -9.44
N MET B 142 10.46 32.66 -8.30
CA MET B 142 9.85 32.33 -7.03
C MET B 142 8.59 33.01 -6.63
N ASP B 143 8.50 34.30 -6.94
CA ASP B 143 7.32 35.03 -6.47
C ASP B 143 5.99 34.41 -6.81
N PRO B 144 5.84 34.12 -8.09
CA PRO B 144 4.64 33.47 -8.55
C PRO B 144 4.45 32.08 -7.95
N ILE B 145 5.56 31.34 -7.81
CA ILE B 145 5.51 30.01 -7.26
C ILE B 145 5.04 30.09 -5.81
N LEU B 146 5.65 30.97 -5.03
CA LEU B 146 5.27 31.16 -3.64
C LEU B 146 3.85 31.59 -3.58
N GLU B 147 3.43 32.46 -4.50
CA GLU B 147 2.08 32.93 -4.41
C GLU B 147 1.07 31.82 -4.62
N VAL B 148 1.31 30.98 -5.62
CA VAL B 148 0.42 29.83 -5.79
C VAL B 148 0.40 28.88 -4.57
N ALA B 149 1.54 28.71 -3.89
CA ALA B 149 1.61 27.80 -2.74
C ALA B 149 0.87 28.38 -1.56
N ARG B 150 0.98 29.70 -1.46
CA ARG B 150 0.33 30.45 -0.38
C ARG B 150 -1.18 30.24 -0.45
N ARG B 151 -1.70 30.47 -1.65
CA ARG B 151 -3.12 30.28 -2.04
C ARG B 151 -3.61 28.87 -1.74
N HIS B 152 -2.76 27.86 -1.94
CA HIS B 152 -3.13 26.48 -1.67
C HIS B 152 -2.56 25.85 -0.42
N ASN B 153 -2.01 26.65 0.45
CA ASN B 153 -1.48 26.00 1.62
C ASN B 153 -0.47 24.89 1.33
N LEU B 154 0.43 25.17 0.38
CA LEU B 154 1.47 24.20 0.07
C LEU B 154 2.86 24.57 0.54
N LEU B 155 3.67 23.54 0.75
CA LEU B 155 5.05 23.74 1.16
C LEU B 155 5.86 23.96 -0.11
N VAL B 156 6.98 24.65 0.02
CA VAL B 156 7.80 24.83 -1.16
C VAL B 156 9.21 24.41 -0.68
N ILE B 157 9.77 23.44 -1.38
CA ILE B 157 11.11 22.96 -1.10
C ILE B 157 12.00 23.27 -2.34
N GLU B 158 13.03 24.10 -2.20
CA GLU B 158 13.86 24.40 -3.40
C GLU B 158 14.95 23.33 -3.55
N ASP B 159 15.04 22.73 -4.73
CA ASP B 159 16.18 21.83 -4.98
C ASP B 159 17.22 22.85 -5.49
N ALA B 160 18.09 23.37 -4.63
CA ALA B 160 19.06 24.38 -4.99
C ALA B 160 20.40 23.70 -5.25
N ALA B 161 20.40 22.38 -5.51
CA ALA B 161 21.66 21.66 -5.77
C ALA B 161 22.71 22.39 -6.67
N GLU B 162 22.32 22.96 -7.80
CA GLU B 162 23.22 23.57 -8.80
C GLU B 162 23.36 25.12 -8.63
N ALA B 163 22.80 25.66 -7.53
CA ALA B 163 22.68 27.11 -7.35
C ALA B 163 23.29 27.82 -6.12
N VAL B 164 24.33 27.28 -5.51
CA VAL B 164 24.90 27.97 -4.35
CA VAL B 164 24.92 27.97 -4.35
C VAL B 164 25.28 29.35 -4.90
N GLY B 165 24.98 30.42 -4.16
CA GLY B 165 25.34 31.76 -4.55
C GLY B 165 24.40 32.59 -5.42
N ALA B 166 23.45 31.94 -6.06
CA ALA B 166 22.48 32.67 -6.92
C ALA B 166 21.58 33.50 -5.98
N THR B 167 20.97 34.56 -6.50
CA THR B 167 20.07 35.42 -5.72
C THR B 167 18.81 35.72 -6.52
N TYR B 168 17.74 35.99 -5.82
CA TYR B 168 16.50 36.28 -6.49
C TYR B 168 15.92 37.44 -5.70
N ARG B 169 15.82 38.58 -6.39
CA ARG B 169 15.24 39.75 -5.78
C ARG B 169 15.78 40.01 -4.36
N GLY B 170 17.09 39.85 -4.26
CA GLY B 170 17.79 40.14 -3.04
C GLY B 170 17.91 39.02 -2.05
N LYS B 171 17.43 37.84 -2.41
CA LYS B 171 17.58 36.75 -1.44
C LYS B 171 18.41 35.67 -2.11
N LYS B 172 19.24 35.01 -1.31
CA LYS B 172 20.06 33.93 -1.77
C LYS B 172 19.20 32.66 -1.96
N SER B 173 19.56 31.87 -2.96
CA SER B 173 18.98 30.54 -3.07
C SER B 173 19.06 29.89 -1.64
N GLY B 174 18.06 29.06 -1.33
CA GLY B 174 18.08 28.38 -0.06
C GLY B 174 17.28 29.16 0.97
N SER B 175 16.99 30.42 0.69
CA SER B 175 16.29 31.23 1.67
C SER B 175 14.85 31.49 1.22
N LEU B 176 14.40 30.89 0.14
CA LEU B 176 13.07 31.20 -0.41
C LEU B 176 11.91 30.26 -0.07
N GLY B 177 12.15 28.96 -0.07
CA GLY B 177 11.01 28.09 0.20
C GLY B 177 10.97 27.88 1.69
N ASP B 178 10.11 26.95 2.11
CA ASP B 178 10.04 26.50 3.51
C ASP B 178 11.38 25.84 3.85
N CYS B 179 11.99 25.20 2.88
CA CYS B 179 13.31 24.62 3.13
C CYS B 179 14.01 24.50 1.75
N ALA B 180 15.32 24.20 1.74
CA ALA B 180 16.01 24.11 0.44
C ALA B 180 17.10 23.11 0.64
N THR B 181 17.53 22.51 -0.47
CA THR B 181 18.64 21.57 -0.43
C THR B 181 19.76 21.94 -1.42
N PHE B 182 21.00 21.64 -1.04
CA PHE B 182 22.13 21.90 -1.94
C PHE B 182 22.94 20.61 -2.11
N SER B 183 23.74 20.55 -3.17
CA SER B 183 24.65 19.37 -3.32
C SER B 183 26.10 19.93 -3.38
N PHE B 184 27.04 19.18 -2.82
CA PHE B 184 28.48 19.48 -2.90
C PHE B 184 29.19 18.31 -3.59
N PHE B 185 28.48 17.67 -4.52
CA PHE B 185 29.04 16.57 -5.31
C PHE B 185 30.18 17.18 -6.08
N GLY B 186 31.05 16.30 -6.55
CA GLY B 186 32.31 16.72 -7.13
C GLY B 186 32.33 17.79 -8.16
N ASN B 187 31.27 17.86 -8.94
CA ASN B 187 31.24 18.81 -10.05
C ASN B 187 30.44 20.06 -9.72
N1 LLP B 188 19.21 17.71 -7.73
C2 LLP B 188 19.84 18.37 -8.69
C2' LLP B 188 19.09 19.37 -9.52
C3 LLP B 188 21.17 18.15 -8.95
O3 LLP B 188 21.78 18.83 -9.93
C4 LLP B 188 21.90 17.18 -8.22
C4' LLP B 188 23.35 16.98 -8.53
C5 LLP B 188 21.15 16.47 -7.20
C6 LLP B 188 19.83 16.79 -7.00
C5' LLP B 188 21.73 15.34 -6.34
OP4 LLP B 188 22.83 15.78 -5.53
P LLP B 188 23.98 14.67 -5.14
OP1 LLP B 188 23.37 13.33 -4.59
OP2 LLP B 188 24.85 15.40 -4.04
OP3 LLP B 188 24.81 14.38 -6.50
N LLP B 188 29.97 20.18 -8.48
CA LLP B 188 29.15 21.34 -8.13
CB LLP B 188 28.05 21.00 -7.09
CG LLP B 188 27.30 19.71 -7.44
CD LLP B 188 26.02 19.69 -8.32
CE LLP B 188 25.49 18.26 -8.72
NZ LLP B 188 24.04 18.07 -8.55
C LLP B 188 29.91 22.65 -8.01
O LLP B 188 31.14 22.66 -8.04
N ILE B 189 29.21 23.76 -7.85
CA ILE B 189 29.89 25.06 -7.74
C ILE B 189 30.91 25.02 -6.60
N ILE B 190 30.49 24.39 -5.51
CA ILE B 190 31.35 24.15 -4.38
C ILE B 190 31.23 22.67 -4.09
N THR B 191 32.35 22.04 -3.80
CA THR B 191 32.32 20.59 -3.58
C THR B 191 32.83 20.17 -2.20
N THR B 192 32.50 18.93 -1.84
CA THR B 192 32.99 18.31 -0.61
C THR B 192 33.30 16.90 -1.08
N GLY B 193 33.27 16.72 -2.41
CA GLY B 193 33.52 15.39 -3.03
C GLY B 193 32.14 14.74 -3.19
N GLU B 194 31.49 14.52 -2.04
CA GLU B 194 30.08 14.11 -1.95
C GLU B 194 29.63 14.81 -0.67
N GLY B 195 28.50 15.48 -0.71
CA GLY B 195 28.02 16.15 0.50
C GLY B 195 26.77 16.93 0.16
N GLY B 196 25.97 17.30 1.16
CA GLY B 196 24.80 18.13 0.84
C GLY B 196 24.42 18.97 2.07
N MET B 197 23.44 19.84 1.89
CA MET B 197 23.03 20.70 2.98
C MET B 197 21.54 20.95 2.88
N ILE B 198 20.87 21.10 4.03
CA ILE B 198 19.48 21.54 3.96
C ILE B 198 19.48 22.94 4.60
N THR B 199 18.81 23.90 3.98
CA THR B 199 18.66 25.20 4.67
C THR B 199 17.19 25.48 5.03
N THR B 200 16.97 26.15 6.14
CA THR B 200 15.61 26.51 6.55
C THR B 200 15.60 27.54 7.66
N ASN B 201 14.48 28.23 7.77
CA ASN B 201 14.32 29.20 8.86
C ASN B 201 13.46 28.64 9.93
N ASP B 202 12.81 27.51 9.64
CA ASP B 202 11.92 26.85 10.60
C ASP B 202 12.59 26.00 11.66
N ASP B 203 12.43 26.44 12.90
CA ASP B 203 13.06 25.75 14.00
C ASP B 203 12.65 24.31 14.14
N ASP B 204 11.34 24.11 14.08
CA ASP B 204 10.76 22.77 14.22
C ASP B 204 11.22 21.84 13.09
N LEU B 205 11.12 22.30 11.84
CA LEU B 205 11.59 21.45 10.72
C LEU B 205 13.08 21.13 10.96
N ALA B 206 13.87 22.15 11.35
CA ALA B 206 15.31 21.92 11.57
C ALA B 206 15.55 20.82 12.57
N ALA B 207 14.85 20.87 13.69
CA ALA B 207 15.04 19.85 14.74
C ALA B 207 14.73 18.43 14.25
N LYS B 208 13.57 18.29 13.59
CA LYS B 208 13.17 16.99 13.04
C LYS B 208 14.20 16.53 11.99
N MET B 209 14.71 17.46 11.17
CA MET B 209 15.74 17.05 10.24
C MET B 209 16.95 16.49 11.02
N ARG B 210 17.42 17.18 12.08
CA ARG B 210 18.61 16.71 12.80
C ARG B 210 18.36 15.38 13.49
N LEU B 211 17.14 15.23 14.00
CA LEU B 211 16.74 14.00 14.63
C LEU B 211 16.83 12.86 13.60
N LEU B 212 16.22 13.03 12.43
CA LEU B 212 16.25 11.99 11.37
C LEU B 212 17.64 11.69 10.72
N ARG B 213 18.47 12.73 10.67
CA ARG B 213 19.85 12.62 10.16
C ARG B 213 20.78 11.71 10.97
N GLY B 214 20.68 11.80 12.30
CA GLY B 214 21.50 11.04 13.25
C GLY B 214 20.75 9.76 13.70
N GLN B 215 20.35 8.93 12.73
CA GLN B 215 19.67 7.66 13.02
C GLN B 215 18.38 7.71 13.84
N GLY B 216 17.67 8.85 13.97
CA GLY B 216 16.46 8.76 14.76
C GLY B 216 16.75 8.67 16.28
N MET B 217 17.99 8.92 16.67
CA MET B 217 18.31 8.85 18.10
C MET B 217 17.92 10.11 18.88
N ASP B 218 17.36 9.95 20.06
CA ASP B 218 16.95 11.14 20.80
C ASP B 218 18.17 11.89 21.28
N PRO B 219 18.27 13.16 20.89
CA PRO B 219 19.41 13.96 21.25
C PRO B 219 19.49 14.20 22.74
N ASN B 220 18.40 13.94 23.44
CA ASN B 220 18.50 14.12 24.88
C ASN B 220 18.43 12.83 25.62
N ARG B 221 18.49 11.71 24.92
CA ARG B 221 18.45 10.38 25.58
C ARG B 221 19.24 9.38 24.77
N ARG B 222 20.54 9.38 25.01
CA ARG B 222 21.42 8.55 24.22
C ARG B 222 21.04 7.05 24.26
N TYR B 223 21.15 6.37 23.11
CA TYR B 223 20.79 4.96 22.98
C TYR B 223 19.31 4.66 22.84
N TRP B 224 18.50 5.71 22.91
CA TRP B 224 17.07 5.54 22.83
C TRP B 224 16.60 6.15 21.51
N PHE B 225 15.85 5.34 20.75
CA PHE B 225 15.36 5.76 19.44
C PHE B 225 13.84 5.88 19.32
N PRO B 226 13.33 7.11 19.33
CA PRO B 226 11.91 7.35 19.31
C PRO B 226 11.22 7.25 17.94
N ILE B 227 11.99 7.29 16.86
N ILE B 227 11.98 7.30 16.86
CA ILE B 227 11.40 7.23 15.55
CA ILE B 227 11.38 7.19 15.54
C ILE B 227 12.38 6.50 14.65
C ILE B 227 12.35 6.40 14.68
N VAL B 228 11.98 6.18 13.43
CA VAL B 228 12.87 5.49 12.45
C VAL B 228 13.59 6.62 11.77
N GLY B 229 14.91 6.53 11.73
CA GLY B 229 15.65 7.59 11.06
C GLY B 229 16.59 6.99 10.01
N PHE B 230 17.61 7.78 9.70
CA PHE B 230 18.56 7.48 8.64
C PHE B 230 19.98 7.74 9.07
N ASN B 231 20.96 7.26 8.30
CA ASN B 231 22.34 7.65 8.64
C ASN B 231 22.69 8.60 7.50
N TYR B 232 22.37 9.89 7.67
CA TYR B 232 22.62 10.81 6.61
C TYR B 232 23.65 11.87 7.02
N ARG B 233 24.49 11.55 7.97
CA ARG B 233 25.48 12.56 8.40
C ARG B 233 26.68 12.78 7.46
N MET B 234 27.11 14.02 7.38
CA MET B 234 28.32 14.43 6.68
C MET B 234 29.52 14.19 7.65
N THR B 235 30.71 13.97 7.11
CA THR B 235 31.89 13.75 7.94
C THR B 235 32.54 15.11 8.17
N ASN B 236 33.42 15.14 9.17
CA ASN B 236 34.10 16.36 9.57
C ASN B 236 35.07 16.72 8.44
N ILE B 237 35.53 15.70 7.72
CA ILE B 237 36.38 15.93 6.55
C ILE B 237 35.66 16.58 5.39
N GLN B 238 34.47 16.05 5.07
CA GLN B 238 33.63 16.69 4.05
C GLN B 238 33.41 18.09 4.50
N ALA B 239 33.04 18.30 5.78
CA ALA B 239 32.77 19.66 6.26
C ALA B 239 34.03 20.57 6.17
N ALA B 240 35.19 19.99 6.44
CA ALA B 240 36.45 20.74 6.31
C ALA B 240 36.63 21.25 4.88
N ILE B 241 36.39 20.38 3.90
CA ILE B 241 36.58 20.77 2.49
C ILE B 241 35.53 21.79 2.04
N GLY B 242 34.32 21.54 2.51
CA GLY B 242 33.26 22.48 2.21
C GLY B 242 33.57 23.82 2.85
N LEU B 243 34.08 23.88 4.09
CA LEU B 243 34.28 25.19 4.69
C LEU B 243 35.32 25.99 3.92
N ALA B 244 36.38 25.32 3.56
CA ALA B 244 37.43 25.99 2.79
C ALA B 244 36.89 26.45 1.41
N GLN B 245 36.05 25.63 0.79
CA GLN B 245 35.48 26.03 -0.50
C GLN B 245 34.61 27.26 -0.25
N LEU B 246 33.83 27.19 0.82
CA LEU B 246 32.90 28.28 1.06
C LEU B 246 33.68 29.58 1.29
N GLU B 247 34.83 29.51 1.93
CA GLU B 247 35.61 30.72 2.17
C GLU B 247 36.02 31.42 0.85
N ARG B 248 36.12 30.69 -0.26
CA ARG B 248 36.45 31.32 -1.55
C ARG B 248 35.29 31.29 -2.56
N VAL B 249 34.07 31.18 -2.03
CA VAL B 249 32.91 31.13 -2.90
C VAL B 249 32.89 32.24 -3.90
N ASP B 250 33.17 33.45 -3.45
CA ASP B 250 33.14 34.53 -4.39
C ASP B 250 34.16 34.40 -5.51
N GLU B 251 35.34 33.93 -5.16
CA GLU B 251 36.38 33.73 -6.17
C GLU B 251 35.97 32.67 -7.16
N HIS B 252 35.35 31.61 -6.63
CA HIS B 252 34.87 30.50 -7.44
C HIS B 252 33.78 31.00 -8.40
N LEU B 253 32.95 31.90 -7.85
CA LEU B 253 31.82 32.47 -8.59
C LEU B 253 32.40 33.33 -9.67
N ALA B 254 33.44 34.08 -9.34
CA ALA B 254 34.02 35.00 -10.31
C ALA B 254 34.61 34.32 -11.52
N ALA B 255 35.24 33.17 -11.28
CA ALA B 255 35.90 32.34 -12.28
C ALA B 255 34.90 31.80 -13.28
N ARG B 256 33.69 31.46 -12.85
CA ARG B 256 32.73 30.97 -13.84
C ARG B 256 32.21 32.11 -14.71
N GLU B 257 32.07 33.26 -14.08
CA GLU B 257 31.60 34.44 -14.80
C GLU B 257 32.62 34.77 -15.89
N ARG B 258 33.90 34.64 -15.57
CA ARG B 258 34.97 34.86 -16.56
C ARG B 258 34.79 33.91 -17.74
N VAL B 259 34.64 32.62 -17.43
CA VAL B 259 34.44 31.60 -18.47
C VAL B 259 33.18 31.87 -19.32
N VAL B 260 32.08 32.17 -18.64
CA VAL B 260 30.87 32.56 -19.30
C VAL B 260 31.09 33.82 -20.14
N GLY B 261 31.78 34.86 -19.61
CA GLY B 261 32.00 36.06 -20.42
C GLY B 261 32.70 35.66 -21.74
N TRP B 262 33.65 34.72 -21.68
CA TRP B 262 34.30 34.25 -22.89
C TRP B 262 33.36 33.62 -23.91
N TYR B 263 32.46 32.76 -23.47
CA TYR B 263 31.50 32.18 -24.38
C TYR B 263 30.65 33.29 -24.99
N GLU B 264 30.17 34.19 -24.13
CA GLU B 264 29.26 35.26 -24.60
C GLU B 264 29.93 36.19 -25.58
N GLN B 265 31.21 36.50 -25.35
CA GLN B 265 31.90 37.36 -26.33
C GLN B 265 32.26 36.66 -27.67
N LYS B 266 32.14 35.34 -27.74
CA LYS B 266 32.51 34.55 -28.93
C LYS B 266 31.42 33.90 -29.71
N LEU B 267 30.20 33.98 -29.18
CA LEU B 267 29.07 33.30 -29.81
C LEU B 267 28.62 33.55 -31.27
N ALA B 268 28.86 34.74 -31.82
CA ALA B 268 28.42 35.09 -33.20
C ALA B 268 29.01 34.13 -34.20
N ARG B 269 30.16 33.57 -33.81
CA ARG B 269 30.81 32.60 -34.67
C ARG B 269 29.81 31.49 -34.92
N LEU B 270 28.91 31.27 -33.97
CA LEU B 270 27.96 30.17 -34.14
C LEU B 270 26.69 30.60 -34.82
N GLY B 271 26.41 31.88 -34.86
CA GLY B 271 25.14 32.23 -35.47
C GLY B 271 23.86 31.70 -34.81
N ASN B 272 22.87 31.49 -35.67
CA ASN B 272 21.58 31.04 -35.20
C ASN B 272 21.60 29.54 -34.90
N ARG B 273 22.79 28.97 -35.00
CA ARG B 273 23.00 27.53 -34.76
C ARG B 273 22.80 27.05 -33.32
N VAL B 274 22.81 27.98 -32.38
CA VAL B 274 22.52 27.63 -30.99
C VAL B 274 21.79 28.84 -30.49
N THR B 275 21.07 28.71 -29.39
CA THR B 275 20.42 29.82 -28.72
C THR B 275 21.20 29.87 -27.37
N LYS B 276 21.78 31.00 -27.02
CA LYS B 276 22.55 31.11 -25.78
C LYS B 276 21.62 31.15 -24.56
N PRO B 277 22.09 30.73 -23.40
CA PRO B 277 21.23 30.67 -22.23
C PRO B 277 20.71 32.04 -21.80
N HIS B 278 19.41 32.11 -21.74
CA HIS B 278 18.71 33.29 -21.34
C HIS B 278 18.90 33.53 -19.85
N VAL B 279 19.24 34.76 -19.50
CA VAL B 279 19.41 35.12 -18.11
C VAL B 279 18.23 35.97 -17.62
N ALA B 280 17.37 35.41 -16.78
CA ALA B 280 16.24 36.12 -16.21
C ALA B 280 16.84 37.25 -15.36
N LEU B 281 16.21 38.43 -15.39
CA LEU B 281 16.73 39.60 -14.66
C LEU B 281 16.19 39.75 -13.24
N THR B 282 16.19 38.65 -12.48
CA THR B 282 15.64 38.55 -11.14
C THR B 282 16.72 38.42 -10.05
N GLY B 283 17.98 38.27 -10.47
CA GLY B 283 19.09 38.16 -9.51
C GLY B 283 20.29 37.46 -10.16
N ARG B 284 21.29 37.04 -9.39
CA ARG B 284 22.47 36.41 -9.98
C ARG B 284 22.24 34.99 -10.48
N HIS B 285 22.74 34.70 -11.69
CA HIS B 285 22.68 33.35 -12.30
C HIS B 285 24.15 32.89 -12.16
N VAL B 286 24.39 31.85 -11.38
CA VAL B 286 25.77 31.39 -11.08
C VAL B 286 26.37 30.43 -12.09
N PHE B 287 25.64 30.13 -13.16
CA PHE B 287 26.22 29.30 -14.22
C PHE B 287 27.00 28.06 -13.81
N TRP B 288 26.29 27.17 -13.12
CA TRP B 288 26.91 25.90 -12.79
C TRP B 288 27.26 25.27 -14.13
N MET B 289 26.35 25.43 -15.09
CA MET B 289 26.62 24.97 -16.46
C MET B 289 26.21 26.02 -17.48
N TYR B 290 26.89 26.07 -18.65
CA TYR B 290 26.57 27.01 -19.78
C TYR B 290 25.86 26.14 -20.81
N THR B 291 24.57 26.40 -20.92
CA THR B 291 23.62 25.57 -21.64
C THR B 291 22.98 26.18 -22.88
N VAL B 292 23.25 25.55 -24.02
CA VAL B 292 22.65 26.13 -25.26
C VAL B 292 21.60 25.19 -25.80
N ARG B 293 20.78 25.71 -26.70
CA ARG B 293 19.71 24.93 -27.33
C ARG B 293 20.09 24.94 -28.78
N LEU B 294 20.37 23.76 -29.33
CA LEU B 294 20.73 23.67 -30.72
C LEU B 294 19.62 24.00 -31.69
N GLY B 295 20.03 24.57 -32.82
CA GLY B 295 19.10 24.90 -33.88
C GLY B 295 18.36 23.71 -34.52
N GLU B 296 17.05 23.82 -34.55
CA GLU B 296 16.17 22.78 -35.10
C GLU B 296 16.56 22.55 -36.55
N GLY B 297 17.10 23.62 -37.11
CA GLY B 297 17.53 23.64 -38.51
C GLY B 297 18.74 22.76 -38.82
N LEU B 298 19.44 22.31 -37.78
CA LEU B 298 20.65 21.52 -37.97
C LEU B 298 20.23 20.20 -38.52
N SER B 299 21.12 19.64 -39.32
CA SER B 299 20.89 18.37 -39.97
C SER B 299 21.32 17.34 -38.94
N THR B 300 22.36 17.73 -38.21
CA THR B 300 22.93 16.84 -37.21
C THR B 300 22.01 16.73 -36.01
N THR B 301 22.28 15.76 -35.14
CA THR B 301 21.49 15.56 -33.94
C THR B 301 22.36 15.98 -32.77
N ARG B 302 21.68 16.30 -31.64
CA ARG B 302 22.30 16.74 -30.37
C ARG B 302 23.22 15.64 -29.92
N ASP B 303 22.72 14.39 -29.89
CA ASP B 303 23.59 13.25 -29.56
C ASP B 303 24.81 13.12 -30.51
N GLN B 304 24.65 13.38 -31.80
CA GLN B 304 25.82 13.25 -32.66
C GLN B 304 26.81 14.33 -32.32
N VAL B 305 26.24 15.51 -32.07
CA VAL B 305 27.10 16.64 -31.76
C VAL B 305 27.94 16.30 -30.54
N ILE B 306 27.37 15.62 -29.55
CA ILE B 306 28.16 15.29 -28.39
C ILE B 306 29.31 14.36 -28.80
N LYS B 307 29.00 13.42 -29.70
CA LYS B 307 30.02 12.46 -30.13
C LYS B 307 31.15 13.11 -30.91
N ASP B 308 30.76 14.04 -31.78
CA ASP B 308 31.74 14.78 -32.54
C ASP B 308 32.61 15.68 -31.65
N LEU B 309 32.03 16.38 -30.66
CA LEU B 309 32.90 17.18 -29.82
C LEU B 309 33.86 16.30 -29.04
N ASP B 310 33.38 15.16 -28.59
CA ASP B 310 34.25 14.28 -27.85
C ASP B 310 35.44 13.92 -28.75
N ALA B 311 35.10 13.56 -29.98
CA ALA B 311 36.09 13.18 -30.95
C ALA B 311 37.14 14.32 -31.02
N LEU B 312 36.73 15.56 -30.80
CA LEU B 312 37.65 16.71 -30.81
C LEU B 312 38.19 17.05 -29.41
N GLY B 313 38.06 16.08 -28.50
CA GLY B 313 38.55 16.13 -27.12
C GLY B 313 37.78 17.07 -26.22
N ILE B 314 36.57 17.43 -26.64
CA ILE B 314 35.75 18.38 -25.90
C ILE B 314 34.61 17.61 -25.30
N GLU B 315 34.52 17.73 -23.98
CA GLU B 315 33.47 17.08 -23.22
C GLU B 315 32.24 18.00 -23.07
N SER B 316 31.07 17.44 -23.32
CA SER B 316 29.81 18.16 -23.18
C SER B 316 28.79 17.08 -22.76
N ARG B 317 27.56 17.46 -22.41
CA ARG B 317 26.52 16.49 -22.04
C ARG B 317 25.14 17.03 -22.49
N PRO B 318 24.16 16.13 -22.58
CA PRO B 318 22.83 16.52 -22.99
C PRO B 318 22.16 17.15 -21.80
N VAL B 319 21.16 17.96 -22.04
CA VAL B 319 20.48 18.54 -20.92
C VAL B 319 19.80 17.28 -20.40
N PHE B 320 19.48 17.30 -19.09
CA PHE B 320 18.74 16.24 -18.37
C PHE B 320 17.63 15.60 -19.18
N HIS B 321 17.65 14.28 -19.34
CA HIS B 321 16.49 13.74 -20.06
C HIS B 321 15.24 13.92 -19.15
N PRO B 322 14.12 14.41 -19.71
CA PRO B 322 12.88 14.51 -18.96
C PRO B 322 12.56 13.18 -18.25
N MET B 323 12.16 13.37 -17.01
CA MET B 323 11.91 12.20 -16.17
C MET B 323 10.98 11.21 -16.90
N HIS B 324 9.91 11.75 -17.46
CA HIS B 324 8.85 11.00 -18.13
C HIS B 324 9.22 10.31 -19.41
N ILE B 325 10.47 10.49 -19.83
CA ILE B 325 10.98 9.74 -20.98
C ILE B 325 11.90 8.61 -20.55
N MET B 326 12.14 8.47 -19.24
CA MET B 326 13.01 7.37 -18.80
C MET B 326 12.20 6.31 -18.10
N PRO B 327 12.68 5.07 -18.14
CA PRO B 327 11.86 4.01 -17.58
C PRO B 327 11.27 4.24 -16.19
N PRO B 328 12.00 4.80 -15.21
CA PRO B 328 11.34 4.90 -13.91
C PRO B 328 10.11 5.78 -13.89
N TYR B 329 9.98 6.69 -14.84
CA TYR B 329 8.91 7.65 -14.65
C TYR B 329 8.10 7.83 -15.91
N ALA B 330 8.21 6.82 -16.76
CA ALA B 330 7.45 6.88 -18.02
C ALA B 330 5.99 6.96 -17.71
N HIS B 331 5.60 6.26 -16.64
CA HIS B 331 4.20 6.20 -16.21
C HIS B 331 3.62 7.52 -15.74
N LEU B 332 4.46 8.53 -15.53
CA LEU B 332 4.08 9.84 -15.03
C LEU B 332 3.89 10.87 -16.16
N ALA B 333 4.09 10.38 -17.40
CA ALA B 333 4.01 11.16 -18.60
C ALA B 333 2.65 11.81 -18.77
N THR B 334 2.63 13.04 -19.31
CA THR B 334 1.41 13.75 -19.65
C THR B 334 1.58 14.39 -21.01
N ASP B 335 0.48 14.95 -21.52
CA ASP B 335 0.52 15.66 -22.81
C ASP B 335 0.89 17.12 -22.58
N ASP B 336 1.17 17.46 -21.33
CA ASP B 336 1.54 18.85 -21.08
C ASP B 336 2.96 19.04 -20.61
N LEU B 337 3.87 18.28 -21.23
CA LEU B 337 5.30 18.31 -20.91
C LEU B 337 6.09 18.56 -22.21
N LYS B 338 5.52 19.37 -23.10
CA LYS B 338 6.13 19.69 -24.37
C LYS B 338 7.44 20.45 -24.37
N ILE B 339 7.56 21.49 -23.54
CA ILE B 339 8.80 22.31 -23.51
C ILE B 339 9.96 21.48 -22.99
N ALA B 340 9.71 20.74 -21.93
CA ALA B 340 10.68 19.81 -21.34
C ALA B 340 11.17 18.86 -22.44
N GLU B 341 10.27 18.24 -23.17
CA GLU B 341 10.68 17.34 -24.23
C GLU B 341 11.55 18.08 -25.24
N ALA B 342 11.11 19.25 -25.67
CA ALA B 342 11.91 19.96 -26.66
C ALA B 342 13.30 20.30 -26.12
N CYS B 343 13.36 20.69 -24.86
CA CYS B 343 14.73 20.99 -24.33
C CYS B 343 15.54 19.69 -24.26
N GLY B 344 14.86 18.59 -23.91
CA GLY B 344 15.60 17.35 -23.76
C GLY B 344 16.19 16.97 -25.12
N VAL B 345 15.47 17.37 -26.17
CA VAL B 345 15.93 17.09 -27.53
C VAL B 345 17.13 17.91 -27.89
N ASP B 346 16.94 19.21 -27.73
CA ASP B 346 17.96 20.11 -28.21
C ASP B 346 18.97 20.65 -27.28
N GLY B 347 18.88 20.32 -25.98
CA GLY B 347 19.77 20.94 -25.00
C GLY B 347 21.13 20.31 -24.89
N LEU B 348 22.16 21.19 -24.79
CA LEU B 348 23.58 20.85 -24.67
C LEU B 348 24.31 21.67 -23.60
N ASN B 349 24.85 20.98 -22.59
CA ASN B 349 25.63 21.64 -21.55
C ASN B 349 27.05 21.71 -22.05
N LEU B 350 27.62 22.91 -21.92
CA LEU B 350 28.99 23.18 -22.32
C LEU B 350 29.88 23.31 -21.10
N PRO B 351 31.16 22.91 -21.25
CA PRO B 351 32.15 22.94 -20.17
C PRO B 351 32.18 24.32 -19.51
N THR B 352 32.02 24.26 -18.20
CA THR B 352 31.94 25.47 -17.39
C THR B 352 32.57 25.06 -16.08
N HIS B 353 33.79 25.54 -15.84
CA HIS B 353 34.45 25.28 -14.57
C HIS B 353 35.54 26.30 -14.48
N ALA B 354 35.95 26.55 -13.24
CA ALA B 354 36.91 27.59 -12.89
C ALA B 354 38.27 27.45 -13.54
N GLY B 355 38.62 26.25 -13.96
CA GLY B 355 39.94 26.07 -14.52
C GLY B 355 40.06 26.17 -16.04
N LEU B 356 38.97 26.47 -16.73
CA LEU B 356 39.02 26.55 -18.19
C LEU B 356 39.63 27.89 -18.61
N THR B 357 40.41 27.86 -19.70
CA THR B 357 41.04 29.07 -20.20
C THR B 357 40.38 29.68 -21.43
N GLU B 358 40.77 30.90 -21.75
CA GLU B 358 40.20 31.50 -22.95
C GLU B 358 40.44 30.62 -24.16
N ALA B 359 41.63 30.05 -24.22
CA ALA B 359 42.01 29.19 -25.34
C ALA B 359 41.12 27.95 -25.45
N ASP B 360 40.82 27.36 -24.31
CA ASP B 360 39.89 26.24 -24.22
C ASP B 360 38.52 26.71 -24.73
N ILE B 361 38.08 27.89 -24.29
CA ILE B 361 36.76 28.30 -24.72
C ILE B 361 36.83 28.49 -26.22
N ASP B 362 37.97 28.99 -26.68
CA ASP B 362 38.15 29.17 -28.10
C ASP B 362 38.02 27.83 -28.82
N ARG B 363 38.63 26.81 -28.24
CA ARG B 363 38.55 25.49 -28.82
C ARG B 363 37.14 24.94 -28.85
N VAL B 364 36.44 25.19 -27.75
CA VAL B 364 35.07 24.71 -27.72
C VAL B 364 34.23 25.36 -28.82
N ILE B 365 34.40 26.66 -29.06
CA ILE B 365 33.60 27.36 -30.06
C ILE B 365 33.96 26.90 -31.50
N ALA B 366 35.25 26.68 -31.71
CA ALA B 366 35.78 26.23 -33.00
C ALA B 366 35.21 24.86 -33.33
N ALA B 367 35.24 23.97 -32.35
CA ALA B 367 34.63 22.66 -32.54
C ALA B 367 33.13 22.75 -32.82
N LEU B 368 32.40 23.57 -32.08
CA LEU B 368 30.95 23.67 -32.28
C LEU B 368 30.74 24.19 -33.69
N ASP B 369 31.59 25.15 -34.06
CA ASP B 369 31.46 25.72 -35.38
C ASP B 369 31.61 24.65 -36.46
N GLN B 370 32.52 23.74 -36.17
CA GLN B 370 32.74 22.69 -37.14
C GLN B 370 31.67 21.62 -37.12
N VAL B 371 31.18 21.29 -35.93
CA VAL B 371 30.20 20.21 -35.85
C VAL B 371 28.73 20.60 -36.04
N LEU B 372 28.39 21.86 -35.77
CA LEU B 372 26.99 22.28 -35.94
C LEU B 372 26.60 22.43 -37.42
N VAL B 373 26.24 21.30 -38.01
CA VAL B 373 25.90 21.19 -39.42
C VAL B 373 24.44 20.92 -39.76
N ILE C 9 -49.06 11.05 0.62
CA ILE C 9 -48.37 11.28 -0.65
C ILE C 9 -46.86 11.06 -0.49
N SER C 10 -46.38 9.95 -1.05
CA SER C 10 -44.95 9.58 -0.96
C SER C 10 -44.13 9.99 -2.19
N VAL C 11 -42.83 10.14 -2.00
CA VAL C 11 -41.91 10.55 -3.07
C VAL C 11 -41.84 9.47 -4.13
N ALA C 12 -41.79 8.20 -3.72
CA ALA C 12 -41.70 7.04 -4.63
C ALA C 12 -42.47 5.83 -4.09
N ALA C 13 -42.88 4.96 -5.01
CA ALA C 13 -43.61 3.77 -4.64
C ALA C 13 -43.62 2.75 -5.78
N PRO C 14 -43.44 1.48 -5.44
CA PRO C 14 -43.45 0.39 -6.40
C PRO C 14 -44.84 0.26 -6.94
N ARG C 15 -44.91 -0.14 -8.19
CA ARG C 15 -46.18 -0.39 -8.85
C ARG C 15 -45.95 -1.73 -9.52
N LEU C 16 -46.40 -2.78 -8.88
CA LEU C 16 -46.17 -4.05 -9.49
C LEU C 16 -47.51 -4.41 -10.10
N ASP C 17 -47.82 -3.82 -11.24
CA ASP C 17 -49.12 -4.06 -11.88
C ASP C 17 -49.08 -4.89 -13.16
N GLY C 18 -48.10 -5.78 -13.23
CA GLY C 18 -47.95 -6.69 -14.36
C GLY C 18 -47.85 -8.14 -13.82
N ASN C 19 -46.95 -8.92 -14.39
CA ASN C 19 -46.78 -10.32 -14.09
C ASN C 19 -45.89 -10.74 -12.93
N GLU C 20 -45.56 -9.78 -12.08
CA GLU C 20 -44.65 -10.02 -10.97
C GLU C 20 -45.01 -11.17 -10.05
N ARG C 21 -46.25 -11.10 -9.55
CA ARG C 21 -46.81 -12.10 -8.64
C ARG C 21 -46.71 -13.45 -9.32
N ASP C 22 -47.30 -13.53 -10.50
CA ASP C 22 -47.27 -14.73 -11.32
C ASP C 22 -45.89 -15.35 -11.54
N TYR C 23 -44.93 -14.51 -11.92
CA TYR C 23 -43.58 -15.03 -12.22
C TYR C 23 -42.87 -15.51 -10.96
N VAL C 24 -43.11 -14.78 -9.89
CA VAL C 24 -42.53 -15.13 -8.60
C VAL C 24 -43.17 -16.47 -8.10
N LEU C 25 -44.50 -16.56 -8.14
CA LEU C 25 -45.19 -17.80 -7.71
C LEU C 25 -44.65 -18.97 -8.50
N GLU C 26 -44.33 -18.75 -9.77
CA GLU C 26 -43.70 -19.82 -10.54
C GLU C 26 -42.37 -20.25 -9.93
N CYS C 27 -41.57 -19.31 -9.41
CA CYS C 27 -40.27 -19.68 -8.82
C CYS C 27 -40.54 -20.53 -7.60
N MET C 28 -41.55 -20.10 -6.85
CA MET C 28 -41.86 -20.80 -5.64
C MET C 28 -42.38 -22.18 -5.94
N ASP C 29 -43.23 -22.29 -6.96
CA ASP C 29 -43.90 -23.54 -7.27
C ASP C 29 -42.98 -24.53 -7.88
N THR C 30 -42.01 -24.05 -8.65
CA THR C 30 -40.99 -24.89 -9.27
C THR C 30 -39.76 -25.04 -8.36
N THR C 31 -39.67 -24.23 -7.30
CA THR C 31 -38.54 -24.22 -6.37
C THR C 31 -37.23 -23.64 -6.88
N TRP C 32 -37.27 -22.89 -7.98
CA TRP C 32 -36.09 -22.24 -8.53
C TRP C 32 -36.09 -20.82 -8.01
N ILE C 33 -35.74 -20.72 -6.73
CA ILE C 33 -35.68 -19.47 -6.00
C ILE C 33 -34.28 -18.89 -5.75
N SER C 34 -33.24 -19.60 -6.17
CA SER C 34 -31.83 -19.19 -5.99
C SER C 34 -31.33 -18.48 -7.25
N SER C 35 -30.00 -18.39 -7.35
CA SER C 35 -29.36 -17.62 -8.41
C SER C 35 -29.06 -18.42 -9.66
N VAL C 36 -30.06 -19.21 -9.97
CA VAL C 36 -30.08 -20.00 -11.18
C VAL C 36 -31.55 -20.12 -11.63
N GLY C 37 -31.77 -20.08 -12.93
CA GLY C 37 -33.12 -20.27 -13.41
C GLY C 37 -33.35 -19.43 -14.67
N ARG C 38 -34.45 -19.74 -15.33
CA ARG C 38 -34.78 -19.06 -16.56
C ARG C 38 -35.12 -17.57 -16.41
N PHE C 39 -35.60 -17.14 -15.25
CA PHE C 39 -35.98 -15.72 -15.18
C PHE C 39 -34.70 -14.89 -15.33
N ILE C 40 -33.60 -15.39 -14.76
CA ILE C 40 -32.31 -14.70 -14.76
C ILE C 40 -31.89 -14.48 -16.20
N VAL C 41 -31.68 -15.57 -16.95
CA VAL C 41 -31.33 -15.53 -18.34
C VAL C 41 -32.37 -14.72 -19.14
N GLU C 42 -33.67 -14.89 -18.87
CA GLU C 42 -34.60 -14.11 -19.69
C GLU C 42 -34.52 -12.61 -19.47
N PHE C 43 -34.42 -12.23 -18.21
CA PHE C 43 -34.38 -10.83 -17.91
C PHE C 43 -33.07 -10.25 -18.46
N GLU C 44 -31.95 -10.94 -18.37
CA GLU C 44 -30.75 -10.36 -18.95
C GLU C 44 -30.92 -10.15 -20.44
N LYS C 45 -31.41 -11.16 -21.15
CA LYS C 45 -31.54 -10.99 -22.58
CA LYS C 45 -31.59 -11.02 -22.59
C LYS C 45 -32.52 -9.88 -22.94
N ALA C 46 -33.65 -9.84 -22.26
CA ALA C 46 -34.61 -8.81 -22.59
C ALA C 46 -34.02 -7.43 -22.31
N PHE C 47 -33.36 -7.37 -21.17
CA PHE C 47 -32.81 -6.07 -20.76
C PHE C 47 -31.72 -5.65 -21.74
N ALA C 48 -30.84 -6.56 -22.11
CA ALA C 48 -29.80 -6.23 -23.12
C ALA C 48 -30.50 -5.77 -24.39
N ASP C 49 -31.55 -6.48 -24.76
CA ASP C 49 -32.30 -6.09 -25.95
C ASP C 49 -32.88 -4.71 -25.77
N TYR C 50 -33.49 -4.44 -24.63
CA TYR C 50 -34.06 -3.11 -24.39
C TYR C 50 -33.10 -1.94 -24.50
N CYS C 51 -31.86 -2.09 -24.04
CA CYS C 51 -30.89 -0.97 -24.12
C CYS C 51 -30.12 -0.94 -25.41
N GLY C 52 -30.33 -1.96 -26.23
CA GLY C 52 -29.65 -2.03 -27.50
C GLY C 52 -28.23 -2.52 -27.39
N VAL C 53 -27.97 -3.33 -26.37
CA VAL C 53 -26.61 -3.85 -26.20
C VAL C 53 -26.52 -5.37 -26.33
N LYS C 54 -25.30 -5.84 -26.42
CA LYS C 54 -25.03 -7.25 -26.55
C LYS C 54 -25.19 -7.99 -25.24
N HIS C 55 -24.61 -7.44 -24.17
CA HIS C 55 -24.58 -8.18 -22.89
C HIS C 55 -25.22 -7.49 -21.71
N ALA C 56 -25.87 -8.28 -20.85
CA ALA C 56 -26.51 -7.76 -19.63
C ALA C 56 -26.17 -8.77 -18.54
N ILE C 57 -25.59 -8.31 -17.44
CA ILE C 57 -25.17 -9.18 -16.33
C ILE C 57 -25.93 -8.76 -15.06
N ALA C 58 -26.82 -9.62 -14.59
CA ALA C 58 -27.69 -9.30 -13.49
C ALA C 58 -26.92 -9.49 -12.21
N CYS C 59 -27.02 -8.50 -11.30
CA CYS C 59 -26.30 -8.47 -10.00
C CYS C 59 -27.28 -8.31 -8.85
N ASN C 60 -26.80 -8.50 -7.63
CA ASN C 60 -27.75 -8.44 -6.52
C ASN C 60 -28.18 -7.03 -6.10
N ASN C 61 -27.47 -6.06 -6.65
CA ASN C 61 -27.78 -4.63 -6.49
C ASN C 61 -27.01 -3.69 -7.40
N GLY C 62 -27.42 -2.43 -7.43
CA GLY C 62 -26.83 -1.41 -8.27
C GLY C 62 -25.43 -1.02 -7.74
N THR C 63 -25.21 -1.19 -6.45
CA THR C 63 -23.91 -0.80 -5.86
C THR C 63 -22.85 -1.84 -6.19
N THR C 64 -23.18 -3.10 -5.98
CA THR C 64 -22.32 -4.25 -6.30
C THR C 64 -22.07 -4.30 -7.82
N ALA C 65 -23.10 -3.94 -8.58
CA ALA C 65 -22.97 -3.85 -10.04
C ALA C 65 -21.82 -2.89 -10.35
N LEU C 66 -21.79 -1.72 -9.73
CA LEU C 66 -20.73 -0.75 -9.95
C LEU C 66 -19.38 -1.31 -9.58
N HIS C 67 -19.34 -1.99 -8.46
CA HIS C 67 -18.08 -2.55 -8.00
C HIS C 67 -17.59 -3.60 -8.96
N LEU C 68 -18.47 -4.52 -9.31
CA LEU C 68 -18.12 -5.57 -10.23
C LEU C 68 -17.56 -5.01 -11.56
N ALA C 69 -18.28 -4.07 -12.15
CA ALA C 69 -17.87 -3.57 -13.45
C ALA C 69 -16.47 -2.91 -13.43
N LEU C 70 -16.28 -2.13 -12.38
CA LEU C 70 -15.03 -1.40 -12.20
C LEU C 70 -13.89 -2.39 -12.03
N VAL C 71 -14.17 -3.43 -11.25
CA VAL C 71 -13.13 -4.43 -11.02
C VAL C 71 -12.87 -5.20 -12.31
N ALA C 72 -13.95 -5.49 -13.04
CA ALA C 72 -13.80 -6.26 -14.26
C ALA C 72 -13.06 -5.36 -15.25
N MET C 73 -13.12 -4.05 -15.09
CA MET C 73 -12.37 -3.17 -15.99
C MET C 73 -10.92 -2.97 -15.58
N GLY C 74 -10.54 -3.60 -14.48
CA GLY C 74 -9.14 -3.50 -14.04
C GLY C 74 -8.90 -2.28 -13.16
N ILE C 75 -9.96 -1.64 -12.71
CA ILE C 75 -9.77 -0.49 -11.82
C ILE C 75 -9.22 -1.06 -10.51
N GLY C 76 -8.15 -0.46 -9.96
CA GLY C 76 -7.52 -0.91 -8.74
C GLY C 76 -6.66 0.18 -8.03
N PRO C 77 -5.96 -0.21 -6.98
CA PRO C 77 -5.18 0.78 -6.25
C PRO C 77 -4.22 1.53 -7.18
N GLY C 78 -4.18 2.82 -6.86
CA GLY C 78 -3.34 3.80 -7.51
C GLY C 78 -3.99 4.30 -8.79
N ASP C 79 -5.19 3.83 -9.10
CA ASP C 79 -5.91 4.33 -10.26
C ASP C 79 -6.87 5.40 -9.77
N GLU C 80 -7.20 6.28 -10.72
CA GLU C 80 -8.14 7.38 -10.42
C GLU C 80 -9.37 7.25 -11.34
N VAL C 81 -10.56 7.42 -10.77
CA VAL C 81 -11.82 7.40 -11.53
C VAL C 81 -12.51 8.74 -11.26
N ILE C 82 -12.91 9.42 -12.33
CA ILE C 82 -13.49 10.74 -12.16
C ILE C 82 -15.01 10.52 -11.93
N VAL C 83 -15.55 11.13 -10.90
CA VAL C 83 -16.92 10.89 -10.47
C VAL C 83 -17.47 12.24 -10.02
N PRO C 84 -18.72 12.58 -10.36
CA PRO C 84 -19.29 13.87 -10.00
C PRO C 84 -19.37 13.98 -8.49
N SER C 85 -19.29 15.17 -7.89
CA SER C 85 -19.48 15.18 -6.43
C SER C 85 -20.97 14.98 -6.11
N LEU C 86 -21.78 15.54 -6.98
CA LEU C 86 -23.23 15.45 -6.78
C LEU C 86 -23.75 14.11 -7.34
N THR C 87 -23.97 13.15 -6.45
CA THR C 87 -24.43 11.81 -6.82
C THR C 87 -24.69 10.98 -5.54
N TYR C 88 -25.38 9.86 -5.73
CA TYR C 88 -25.65 8.92 -4.68
C TYR C 88 -24.27 8.33 -4.30
N ILE C 89 -23.99 8.19 -3.00
CA ILE C 89 -22.63 7.87 -2.54
C ILE C 89 -22.04 6.59 -3.08
N ALA C 90 -22.91 5.66 -3.48
CA ALA C 90 -22.43 4.39 -4.04
C ALA C 90 -21.47 4.62 -5.23
N SER C 91 -21.69 5.69 -5.99
CA SER C 91 -20.85 5.99 -7.16
C SER C 91 -19.36 6.05 -6.80
N ALA C 92 -19.11 6.81 -5.73
CA ALA C 92 -17.75 6.95 -5.19
C ALA C 92 -17.32 5.72 -4.38
N ASN C 93 -18.23 5.18 -3.57
CA ASN C 93 -17.85 4.00 -2.80
C ASN C 93 -17.40 2.86 -3.68
N SER C 94 -18.11 2.65 -4.78
CA SER C 94 -17.71 1.58 -5.68
C SER C 94 -16.20 1.75 -6.06
N VAL C 95 -15.76 2.99 -6.19
CA VAL C 95 -14.41 3.25 -6.64
C VAL C 95 -13.55 2.96 -5.44
N THR C 96 -13.97 3.49 -4.30
CA THR C 96 -13.22 3.20 -3.08
C THR C 96 -13.03 1.69 -2.83
N TYR C 97 -14.04 0.85 -3.06
CA TYR C 97 -13.91 -0.59 -2.83
C TYR C 97 -12.73 -1.20 -3.54
N CYS C 98 -12.43 -0.69 -4.73
CA CYS C 98 -11.38 -1.20 -5.64
C CYS C 98 -10.01 -0.79 -5.13
N GLY C 99 -9.99 0.24 -4.29
CA GLY C 99 -8.74 0.73 -3.73
C GLY C 99 -8.27 1.85 -4.61
N ALA C 100 -9.16 2.30 -5.50
CA ALA C 100 -8.88 3.41 -6.43
C ALA C 100 -9.33 4.73 -5.77
N THR C 101 -8.93 5.82 -6.40
CA THR C 101 -9.24 7.12 -5.80
C THR C 101 -10.29 7.91 -6.58
N PRO C 102 -11.40 8.22 -5.95
CA PRO C 102 -12.38 9.04 -6.65
C PRO C 102 -11.77 10.47 -6.92
N VAL C 103 -12.09 11.04 -8.07
CA VAL C 103 -11.63 12.36 -8.40
C VAL C 103 -12.89 13.09 -8.80
N LEU C 104 -13.33 13.95 -7.89
CA LEU C 104 -14.58 14.66 -8.08
C LEU C 104 -14.55 15.76 -9.11
N VAL C 105 -15.69 15.86 -9.77
CA VAL C 105 -15.85 16.86 -10.78
C VAL C 105 -17.19 17.54 -10.53
N ASP C 106 -17.26 18.80 -10.94
CA ASP C 106 -18.47 19.60 -10.85
C ASP C 106 -19.53 19.22 -11.86
N ASN C 107 -20.76 19.63 -11.56
CA ASN C 107 -21.83 19.33 -12.50
C ASN C 107 -22.39 20.61 -13.11
N ASP C 108 -23.33 20.42 -14.02
CA ASP C 108 -24.11 21.50 -14.66
C ASP C 108 -25.20 22.02 -13.74
N PRO C 109 -25.28 23.33 -13.67
CA PRO C 109 -26.28 23.99 -12.80
C PRO C 109 -27.71 23.62 -13.16
N ARG C 110 -27.94 23.37 -14.44
CA ARG C 110 -29.30 23.08 -14.84
C ARG C 110 -29.65 21.61 -14.93
N THR C 111 -28.80 20.77 -15.54
CA THR C 111 -29.12 19.36 -15.69
C THR C 111 -28.76 18.57 -14.42
N PHE C 112 -27.85 19.13 -13.63
CA PHE C 112 -27.32 18.53 -12.40
C PHE C 112 -26.30 17.49 -12.81
N ASN C 113 -25.97 17.41 -14.08
CA ASN C 113 -25.09 16.36 -14.53
C ASN C 113 -23.65 16.80 -14.62
N LEU C 114 -22.75 15.79 -14.68
CA LEU C 114 -21.31 15.99 -14.85
C LEU C 114 -21.13 17.05 -15.93
N ASP C 115 -20.33 18.07 -15.61
CA ASP C 115 -20.01 19.12 -16.57
C ASP C 115 -18.84 18.64 -17.44
N ALA C 116 -19.14 18.31 -18.68
CA ALA C 116 -18.09 17.82 -19.57
C ALA C 116 -16.89 18.81 -19.69
N ALA C 117 -17.15 20.11 -19.61
CA ALA C 117 -16.06 21.08 -19.79
C ALA C 117 -15.08 21.11 -18.62
N LYS C 118 -15.42 20.41 -17.55
CA LYS C 118 -14.52 20.35 -16.42
C LYS C 118 -13.65 19.10 -16.34
N LEU C 119 -13.78 18.14 -17.26
CA LEU C 119 -12.97 16.91 -17.19
C LEU C 119 -11.50 17.01 -17.46
N GLU C 120 -11.17 17.69 -18.55
CA GLU C 120 -9.78 17.62 -18.98
C GLU C 120 -8.80 18.03 -17.93
N ALA C 121 -9.23 19.04 -17.19
CA ALA C 121 -8.43 19.63 -16.13
C ALA C 121 -8.24 18.65 -15.00
N LEU C 122 -8.98 17.55 -14.98
CA LEU C 122 -8.81 16.63 -13.86
C LEU C 122 -8.03 15.38 -14.21
N ILE C 123 -7.84 15.18 -15.49
CA ILE C 123 -7.19 13.98 -15.97
C ILE C 123 -5.70 14.02 -15.57
N THR C 124 -5.15 12.90 -15.09
CA THR C 124 -3.73 12.80 -14.72
C THR C 124 -3.19 11.49 -15.25
N PRO C 125 -1.93 11.17 -14.94
CA PRO C 125 -1.44 9.89 -15.40
C PRO C 125 -2.18 8.74 -14.70
N ARG C 126 -2.87 8.98 -13.59
CA ARG C 126 -3.55 7.89 -12.92
C ARG C 126 -4.98 7.63 -13.39
N THR C 127 -5.54 8.57 -14.10
CA THR C 127 -6.93 8.43 -14.55
C THR C 127 -7.10 7.20 -15.46
N LYS C 128 -8.10 6.38 -15.20
CA LYS C 128 -8.41 5.24 -16.03
C LYS C 128 -9.83 5.27 -16.63
N ALA C 129 -10.72 6.00 -15.97
CA ALA C 129 -12.13 6.00 -16.34
C ALA C 129 -12.82 7.20 -15.79
N ILE C 130 -13.98 7.49 -16.39
CA ILE C 130 -14.88 8.58 -16.06
C ILE C 130 -16.24 7.90 -15.89
N MET C 131 -16.95 8.28 -14.81
CA MET C 131 -18.26 7.76 -14.47
C MET C 131 -19.33 8.88 -14.48
N PRO C 132 -19.86 9.14 -15.68
CA PRO C 132 -20.93 10.14 -15.79
C PRO C 132 -22.10 9.44 -15.08
N VAL C 133 -22.86 10.21 -14.32
CA VAL C 133 -23.98 9.62 -13.60
C VAL C 133 -25.19 10.26 -14.24
N HIS C 134 -26.16 9.46 -14.67
CA HIS C 134 -27.32 10.11 -15.27
C HIS C 134 -28.33 10.45 -14.20
N LEU C 135 -28.18 11.57 -13.52
CA LEU C 135 -29.11 11.82 -12.41
C LEU C 135 -30.57 12.02 -12.78
N TYR C 136 -31.48 11.56 -11.91
CA TYR C 136 -32.92 11.77 -12.04
C TYR C 136 -33.61 11.32 -13.29
N GLY C 137 -32.90 10.51 -14.08
CA GLY C 137 -33.42 10.01 -15.35
C GLY C 137 -32.97 10.81 -16.58
N GLN C 138 -32.07 11.78 -16.39
CA GLN C 138 -31.57 12.57 -17.52
C GLN C 138 -30.12 12.13 -17.84
N ILE C 139 -29.89 11.75 -19.09
CA ILE C 139 -28.56 11.31 -19.50
C ILE C 139 -27.56 12.45 -19.67
N CYS C 140 -26.30 12.26 -19.23
CA CYS C 140 -25.28 13.32 -19.34
C CYS C 140 -25.06 13.67 -20.79
N ASP C 141 -24.34 14.77 -21.01
CA ASP C 141 -24.05 15.18 -22.36
C ASP C 141 -22.92 14.31 -22.84
N MET C 142 -23.29 13.13 -23.31
CA MET C 142 -22.36 12.09 -23.67
C MET C 142 -21.26 12.24 -24.71
N ASP C 143 -21.55 13.00 -25.76
CA ASP C 143 -20.62 13.19 -26.85
C ASP C 143 -19.32 13.82 -26.42
N PRO C 144 -19.41 14.96 -25.74
CA PRO C 144 -18.19 15.62 -25.25
C PRO C 144 -17.49 14.70 -24.23
N ILE C 145 -18.26 14.06 -23.36
CA ILE C 145 -17.67 13.13 -22.38
C ILE C 145 -16.91 11.97 -23.10
N LEU C 146 -17.56 11.39 -24.10
CA LEU C 146 -16.92 10.29 -24.81
C LEU C 146 -15.68 10.78 -25.56
N GLU C 147 -15.76 12.02 -26.01
CA GLU C 147 -14.64 12.49 -26.80
C GLU C 147 -13.37 12.70 -25.98
N VAL C 148 -13.57 13.27 -24.81
CA VAL C 148 -12.46 13.50 -23.86
C VAL C 148 -11.85 12.16 -23.54
N ALA C 149 -12.71 11.16 -23.26
CA ALA C 149 -12.22 9.81 -22.92
C ALA C 149 -11.40 9.27 -24.07
N ARG C 150 -11.95 9.46 -25.26
CA ARG C 150 -11.30 9.00 -26.49
C ARG C 150 -9.86 9.51 -26.63
N ARG C 151 -9.73 10.82 -26.61
CA ARG C 151 -8.45 11.48 -26.75
C ARG C 151 -7.51 11.11 -25.65
N HIS C 152 -8.03 10.76 -24.47
CA HIS C 152 -7.10 10.46 -23.39
C HIS C 152 -7.06 8.97 -23.07
N ASN C 153 -7.64 8.18 -23.95
CA ASN C 153 -7.66 6.72 -23.83
C ASN C 153 -8.20 6.29 -22.49
N LEU C 154 -9.41 6.73 -22.17
CA LEU C 154 -9.99 6.39 -20.84
C LEU C 154 -11.22 5.53 -21.07
N LEU C 155 -11.66 4.80 -20.07
CA LEU C 155 -12.87 4.00 -20.16
C LEU C 155 -14.00 4.91 -19.66
N VAL C 156 -15.22 4.62 -20.12
CA VAL C 156 -16.37 5.38 -19.61
C VAL C 156 -17.36 4.36 -19.06
N ILE C 157 -17.70 4.55 -17.80
CA ILE C 157 -18.69 3.68 -17.19
C ILE C 157 -19.88 4.56 -16.82
N GLU C 158 -21.02 4.29 -17.45
CA GLU C 158 -22.20 5.02 -17.00
C GLU C 158 -22.86 4.50 -15.69
N ASP C 159 -23.11 5.36 -14.70
CA ASP C 159 -23.88 4.91 -13.53
C ASP C 159 -25.30 5.38 -13.97
N ALA C 160 -26.06 4.47 -14.59
CA ALA C 160 -27.40 4.75 -15.14
C ALA C 160 -28.45 4.24 -14.16
N ALA C 161 -28.12 4.19 -12.88
CA ALA C 161 -29.03 3.65 -11.89
C ALA C 161 -30.41 4.29 -11.97
N GLU C 162 -30.45 5.61 -12.22
CA GLU C 162 -31.72 6.36 -12.22
C GLU C 162 -32.34 6.61 -13.59
N ALA C 163 -31.88 5.93 -14.64
CA ALA C 163 -32.23 6.26 -16.00
C ALA C 163 -32.61 5.17 -16.95
N VAL C 164 -33.24 4.13 -16.43
CA VAL C 164 -33.72 3.07 -17.31
C VAL C 164 -34.70 3.72 -18.30
N GLY C 165 -34.43 3.51 -19.60
CA GLY C 165 -35.31 4.00 -20.67
C GLY C 165 -35.02 5.36 -21.24
N ALA C 166 -34.07 6.04 -20.62
CA ALA C 166 -33.66 7.34 -21.08
C ALA C 166 -32.95 7.09 -22.42
N THR C 167 -32.90 8.11 -23.26
CA THR C 167 -32.16 7.99 -24.53
C THR C 167 -31.38 9.26 -24.84
N TYR C 168 -30.33 9.05 -25.61
CA TYR C 168 -29.50 10.18 -25.97
C TYR C 168 -29.17 10.01 -27.45
N ARG C 169 -29.72 10.88 -28.26
CA ARG C 169 -29.48 10.76 -29.66
C ARG C 169 -29.75 9.35 -30.17
N GLY C 170 -30.91 8.81 -29.84
CA GLY C 170 -31.31 7.49 -30.29
C GLY C 170 -30.67 6.28 -29.64
N LYS C 171 -29.71 6.53 -28.75
CA LYS C 171 -29.06 5.43 -28.03
C LYS C 171 -29.66 5.36 -26.62
N LYS C 172 -29.86 4.17 -26.14
CA LYS C 172 -30.46 4.08 -24.81
C LYS C 172 -29.34 4.15 -23.76
N SER C 173 -29.69 4.63 -22.57
CA SER C 173 -28.78 4.65 -21.42
C SER C 173 -28.31 3.21 -21.34
N GLY C 174 -27.02 3.07 -20.99
CA GLY C 174 -26.46 1.74 -20.91
C GLY C 174 -25.76 1.23 -22.16
N SER C 175 -25.99 1.88 -23.30
CA SER C 175 -25.36 1.48 -24.55
C SER C 175 -24.30 2.53 -24.94
N LEU C 176 -24.13 3.56 -24.13
CA LEU C 176 -23.17 4.62 -24.48
C LEU C 176 -21.70 4.57 -24.07
N GLY C 177 -21.39 4.05 -22.89
CA GLY C 177 -19.98 4.01 -22.46
C GLY C 177 -19.49 2.60 -22.71
N ASP C 178 -18.29 2.31 -22.23
CA ASP C 178 -17.72 0.95 -22.27
C ASP C 178 -18.63 -0.03 -21.53
N CYS C 179 -19.29 0.44 -20.48
CA CYS C 179 -20.24 -0.37 -19.77
C CYS C 179 -21.10 0.61 -18.97
N ALA C 180 -22.12 0.08 -18.33
CA ALA C 180 -22.98 0.93 -17.53
C ALA C 180 -23.69 0.12 -16.47
N THR C 181 -24.19 0.76 -15.41
CA THR C 181 -24.92 -0.04 -14.42
C THR C 181 -26.24 0.58 -14.16
N PHE C 182 -27.12 -0.29 -13.71
CA PHE C 182 -28.49 0.12 -13.36
C PHE C 182 -28.81 -0.46 -11.98
N SER C 183 -29.75 0.20 -11.32
CA SER C 183 -30.21 -0.25 -10.00
C SER C 183 -31.70 -0.56 -10.08
N PHE C 184 -32.12 -1.64 -9.44
CA PHE C 184 -33.52 -2.05 -9.35
C PHE C 184 -33.99 -2.06 -7.90
N PHE C 185 -33.44 -1.11 -7.13
CA PHE C 185 -33.79 -0.88 -5.73
C PHE C 185 -35.26 -0.45 -5.77
N GLY C 186 -35.92 -0.65 -4.64
CA GLY C 186 -37.34 -0.36 -4.43
C GLY C 186 -37.96 0.87 -5.09
N ASN C 187 -37.32 2.02 -5.01
CA ASN C 187 -37.90 3.23 -5.55
C ASN C 187 -37.47 3.57 -6.97
N1 LLP C 188 -25.92 4.94 -7.93
C2 LLP C 188 -26.92 5.78 -8.03
C2' LLP C 188 -26.83 7.08 -8.80
C3 LLP C 188 -28.13 5.48 -7.43
O3 LLP C 188 -29.09 6.38 -7.58
C4 LLP C 188 -28.36 4.30 -6.67
C4' LLP C 188 -29.72 4.05 -6.08
C5 LLP C 188 -27.24 3.44 -6.56
C6 LLP C 188 -26.04 3.80 -7.22
C5' LLP C 188 -27.28 2.18 -5.75
OP4 LLP C 188 -28.02 1.16 -6.39
P LLP C 188 -28.61 0.19 -5.21
OP1 LLP C 188 -29.35 -0.91 -6.07
OP2 LLP C 188 -27.44 -0.42 -4.31
OP3 LLP C 188 -29.63 1.05 -4.34
N LLP C 188 -36.78 2.66 -7.65
CA LLP C 188 -36.30 3.04 -8.97
CB LLP C 188 -34.96 2.33 -9.26
CG LLP C 188 -33.97 2.57 -8.11
CD LLP C 188 -32.90 3.70 -8.11
CE LLP C 188 -32.14 3.76 -6.77
NZ LLP C 188 -30.68 4.01 -6.95
C LLP C 188 -37.31 2.86 -10.11
O LLP C 188 -38.31 2.15 -9.97
N ILE C 189 -37.00 3.48 -11.24
CA ILE C 189 -37.87 3.39 -12.42
C ILE C 189 -38.37 1.94 -12.50
N ILE C 190 -37.50 0.95 -12.60
CA ILE C 190 -37.99 -0.42 -12.49
CA ILE C 190 -37.91 -0.48 -12.54
C ILE C 190 -37.49 -1.06 -11.19
N THR C 191 -38.28 -1.93 -10.59
CA THR C 191 -37.75 -2.53 -9.37
C THR C 191 -37.66 -4.08 -9.34
N THR C 192 -36.73 -4.67 -8.57
CA THR C 192 -36.70 -6.10 -8.30
C THR C 192 -36.67 -6.24 -6.75
N GLY C 193 -36.95 -5.13 -6.07
CA GLY C 193 -36.87 -5.09 -4.59
C GLY C 193 -35.43 -4.61 -4.29
N GLU C 194 -34.48 -5.48 -4.61
CA GLU C 194 -33.07 -5.13 -4.60
C GLU C 194 -32.54 -5.83 -5.85
N GLY C 195 -31.68 -5.17 -6.62
CA GLY C 195 -31.11 -5.82 -7.80
C GLY C 195 -30.41 -4.74 -8.63
N GLY C 196 -29.61 -5.18 -9.60
CA GLY C 196 -28.80 -4.34 -10.50
C GLY C 196 -28.48 -5.15 -11.75
N MET C 197 -27.74 -4.51 -12.65
CA MET C 197 -27.42 -5.10 -13.94
C MET C 197 -26.24 -4.30 -14.43
N ILE C 198 -25.37 -4.96 -15.19
CA ILE C 198 -24.30 -4.28 -15.90
C ILE C 198 -24.62 -4.54 -17.36
N THR C 199 -24.45 -3.50 -18.17
CA THR C 199 -24.64 -3.64 -19.61
C THR C 199 -23.33 -3.34 -20.34
N THR C 200 -23.13 -4.00 -21.47
CA THR C 200 -21.86 -3.84 -22.25
C THR C 200 -21.92 -4.59 -23.59
N ASN C 201 -21.13 -4.11 -24.55
CA ASN C 201 -21.11 -4.74 -25.85
C ASN C 201 -19.87 -5.59 -25.98
N ASP C 202 -18.97 -5.45 -25.01
CA ASP C 202 -17.65 -6.09 -25.05
C ASP C 202 -17.63 -7.48 -24.50
N ASP C 203 -17.24 -8.44 -25.30
CA ASP C 203 -17.35 -9.81 -24.82
C ASP C 203 -16.42 -10.13 -23.70
N ASP C 204 -15.19 -9.67 -23.82
CA ASP C 204 -14.17 -10.02 -22.83
C ASP C 204 -14.59 -9.51 -21.46
N LEU C 205 -15.02 -8.26 -21.42
CA LEU C 205 -15.45 -7.61 -20.21
C LEU C 205 -16.61 -8.42 -19.65
N ALA C 206 -17.60 -8.68 -20.49
CA ALA C 206 -18.76 -9.39 -19.99
C ALA C 206 -18.36 -10.71 -19.34
N ALA C 207 -17.49 -11.45 -19.99
CA ALA C 207 -17.10 -12.77 -19.46
C ALA C 207 -16.43 -12.56 -18.10
N LYS C 208 -15.60 -11.53 -18.03
CA LYS C 208 -14.89 -11.26 -16.76
C LYS C 208 -15.88 -10.96 -15.62
N MET C 209 -16.93 -10.22 -15.99
CA MET C 209 -17.93 -9.78 -15.06
C MET C 209 -18.66 -11.02 -14.60
N ARG C 210 -19.00 -11.92 -15.53
CA ARG C 210 -19.69 -13.15 -15.09
C ARG C 210 -18.77 -14.02 -14.18
N LEU C 211 -17.49 -14.12 -14.50
CA LEU C 211 -16.64 -14.93 -13.62
C LEU C 211 -16.57 -14.37 -12.17
N LEU C 212 -16.39 -13.05 -12.05
CA LEU C 212 -16.27 -12.45 -10.73
C LEU C 212 -17.59 -12.50 -9.98
N ARG C 213 -18.65 -12.41 -10.77
CA ARG C 213 -19.96 -12.38 -10.18
C ARG C 213 -20.27 -13.66 -9.48
N GLY C 214 -19.80 -14.78 -10.08
CA GLY C 214 -20.03 -16.18 -9.64
C GLY C 214 -18.91 -16.79 -8.77
N GLN C 215 -18.52 -15.99 -7.78
CA GLN C 215 -17.49 -16.34 -6.81
C GLN C 215 -16.16 -16.63 -7.49
N GLY C 216 -15.94 -16.12 -8.72
CA GLY C 216 -14.64 -16.38 -9.40
C GLY C 216 -14.45 -17.85 -9.85
N MET C 217 -15.54 -18.61 -9.93
CA MET C 217 -15.39 -20.03 -10.26
C MET C 217 -15.37 -20.17 -11.78
N ASP C 218 -14.44 -20.99 -12.25
CA ASP C 218 -14.32 -21.30 -13.67
C ASP C 218 -15.60 -21.90 -14.23
N PRO C 219 -16.16 -21.24 -15.23
CA PRO C 219 -17.41 -21.77 -15.77
C PRO C 219 -17.14 -23.06 -16.57
N ASN C 220 -15.88 -23.39 -16.73
CA ASN C 220 -15.60 -24.63 -17.44
C ASN C 220 -14.89 -25.69 -16.63
N ARG C 221 -14.86 -25.48 -15.32
CA ARG C 221 -14.17 -26.34 -14.37
C ARG C 221 -14.75 -26.09 -12.97
N ARG C 222 -15.92 -26.66 -12.76
CA ARG C 222 -16.62 -26.47 -11.48
C ARG C 222 -15.73 -26.77 -10.28
N TYR C 223 -15.97 -26.08 -9.17
CA TYR C 223 -15.16 -26.25 -7.94
C TYR C 223 -13.74 -25.71 -8.09
N TRP C 224 -13.41 -25.13 -9.24
CA TRP C 224 -12.08 -24.57 -9.44
C TRP C 224 -12.20 -23.04 -9.52
N PHE C 225 -11.33 -22.30 -8.83
CA PHE C 225 -11.39 -20.82 -8.70
C PHE C 225 -10.07 -20.15 -9.11
N PRO C 226 -10.06 -19.63 -10.32
CA PRO C 226 -8.81 -19.10 -10.87
C PRO C 226 -8.45 -17.74 -10.33
N ILE C 227 -9.50 -17.06 -9.87
CA ILE C 227 -9.40 -15.72 -9.34
C ILE C 227 -10.22 -15.54 -8.06
N VAL C 228 -10.00 -14.40 -7.39
CA VAL C 228 -10.74 -14.03 -6.17
C VAL C 228 -12.00 -13.38 -6.72
N GLY C 229 -13.18 -13.92 -6.40
CA GLY C 229 -14.41 -13.33 -6.88
C GLY C 229 -15.31 -12.81 -5.74
N PHE C 230 -16.58 -12.67 -6.07
CA PHE C 230 -17.60 -12.13 -5.15
C PHE C 230 -18.88 -12.92 -5.24
N ASN C 231 -19.83 -12.67 -4.33
CA ASN C 231 -21.14 -13.34 -4.50
C ASN C 231 -22.05 -12.14 -4.77
N TYR C 232 -22.17 -11.78 -6.05
CA TYR C 232 -23.01 -10.66 -6.49
C TYR C 232 -24.14 -11.16 -7.44
N ARG C 233 -24.49 -12.43 -7.37
CA ARG C 233 -25.54 -12.95 -8.24
C ARG C 233 -26.91 -12.45 -7.86
N MET C 234 -27.77 -12.26 -8.85
CA MET C 234 -29.16 -11.90 -8.63
C MET C 234 -29.98 -13.25 -8.54
N THR C 235 -31.04 -13.32 -7.73
CA THR C 235 -31.84 -14.57 -7.63
C THR C 235 -32.87 -14.69 -8.79
N ASN C 236 -33.31 -15.89 -9.12
CA ASN C 236 -34.36 -16.04 -10.14
C ASN C 236 -35.63 -15.28 -9.76
N ILE C 237 -35.85 -15.16 -8.45
CA ILE C 237 -37.03 -14.43 -7.93
C ILE C 237 -36.89 -12.94 -8.23
N GLN C 238 -35.76 -12.29 -7.94
CA GLN C 238 -35.61 -10.87 -8.33
C GLN C 238 -35.69 -10.74 -9.88
N ALA C 239 -35.10 -11.68 -10.63
CA ALA C 239 -35.15 -11.57 -12.11
C ALA C 239 -36.59 -11.76 -12.63
N ALA C 240 -37.42 -12.53 -11.90
CA ALA C 240 -38.83 -12.75 -12.26
C ALA C 240 -39.55 -11.42 -12.11
N ILE C 241 -39.28 -10.73 -11.01
CA ILE C 241 -39.94 -9.42 -10.82
C ILE C 241 -39.49 -8.40 -11.88
N GLY C 242 -38.17 -8.42 -12.14
CA GLY C 242 -37.50 -7.53 -13.11
C GLY C 242 -38.14 -7.73 -14.51
N LEU C 243 -38.30 -8.98 -14.89
CA LEU C 243 -38.83 -9.25 -16.23
C LEU C 243 -40.25 -8.71 -16.34
N ALA C 244 -41.06 -9.03 -15.33
CA ALA C 244 -42.44 -8.53 -15.30
C ALA C 244 -42.41 -7.02 -15.39
N GLN C 245 -41.51 -6.38 -14.64
CA GLN C 245 -41.45 -4.91 -14.63
C GLN C 245 -41.02 -4.39 -15.99
N LEU C 246 -40.00 -5.04 -16.52
CA LEU C 246 -39.48 -4.64 -17.81
C LEU C 246 -40.64 -4.76 -18.82
N GLU C 247 -41.51 -5.74 -18.63
CA GLU C 247 -42.64 -5.90 -19.56
C GLU C 247 -43.59 -4.70 -19.72
N ARG C 248 -43.73 -3.86 -18.70
CA ARG C 248 -44.57 -2.65 -18.62
C ARG C 248 -43.76 -1.33 -18.53
N VAL C 249 -42.50 -1.48 -18.93
CA VAL C 249 -41.61 -0.33 -18.89
C VAL C 249 -42.21 0.88 -19.55
N ASP C 250 -42.74 0.71 -20.76
CA ASP C 250 -43.33 1.87 -21.43
C ASP C 250 -44.51 2.49 -20.70
N GLU C 251 -45.32 1.59 -20.17
CA GLU C 251 -46.46 2.06 -19.40
C GLU C 251 -45.93 2.76 -18.18
N HIS C 252 -44.94 2.18 -17.50
CA HIS C 252 -44.46 2.93 -16.33
C HIS C 252 -43.84 4.25 -16.77
N LEU C 253 -43.16 4.24 -17.91
CA LEU C 253 -42.53 5.50 -18.33
C LEU C 253 -43.61 6.54 -18.59
N ALA C 254 -44.65 6.07 -19.26
CA ALA C 254 -45.76 6.92 -19.65
C ALA C 254 -46.47 7.55 -18.47
N ALA C 255 -46.68 6.75 -17.45
CA ALA C 255 -47.32 7.30 -16.27
C ALA C 255 -46.52 8.50 -15.77
N ARG C 256 -45.24 8.26 -15.61
CA ARG C 256 -44.28 9.24 -15.09
C ARG C 256 -44.30 10.54 -15.94
N GLU C 257 -44.39 10.37 -17.26
CA GLU C 257 -44.54 11.45 -18.22
C GLU C 257 -45.80 12.27 -17.85
N ARG C 258 -46.88 11.56 -17.57
CA ARG C 258 -48.13 12.24 -17.21
C ARG C 258 -47.95 13.13 -15.99
N VAL C 259 -47.38 12.51 -14.97
CA VAL C 259 -47.14 13.19 -13.73
C VAL C 259 -46.26 14.41 -13.98
N VAL C 260 -45.25 14.24 -14.81
CA VAL C 260 -44.41 15.39 -15.09
C VAL C 260 -45.19 16.51 -15.77
N GLY C 261 -46.08 16.13 -16.69
CA GLY C 261 -46.92 17.09 -17.41
C GLY C 261 -47.69 17.92 -16.41
N TRP C 262 -48.24 17.24 -15.42
CA TRP C 262 -48.97 17.88 -14.35
C TRP C 262 -48.15 18.98 -13.71
N TYR C 263 -46.95 18.65 -13.26
CA TYR C 263 -46.02 19.61 -12.64
C TYR C 263 -45.70 20.76 -13.54
N GLU C 264 -45.42 20.42 -14.79
CA GLU C 264 -45.09 21.46 -15.74
C GLU C 264 -46.27 22.41 -15.91
N GLN C 265 -47.49 21.90 -16.09
CA GLN C 265 -48.62 22.82 -16.24
C GLN C 265 -48.79 23.63 -14.97
N LYS C 266 -48.64 22.98 -13.82
CA LYS C 266 -48.85 23.68 -12.57
C LYS C 266 -47.78 24.54 -11.93
N LEU C 267 -46.54 24.28 -12.32
CA LEU C 267 -45.36 24.98 -11.79
C LEU C 267 -45.48 26.51 -11.75
N ALA C 268 -46.07 27.10 -12.78
CA ALA C 268 -46.19 28.56 -12.83
C ALA C 268 -46.83 29.16 -11.58
N ARG C 269 -47.71 28.39 -10.95
CA ARG C 269 -48.37 28.88 -9.75
C ARG C 269 -47.34 29.25 -8.67
N LEU C 270 -46.13 28.74 -8.84
CA LEU C 270 -45.05 29.07 -7.91
C LEU C 270 -44.11 30.20 -8.29
N GLY C 271 -44.13 30.57 -9.55
CA GLY C 271 -43.29 31.65 -10.05
C GLY C 271 -41.80 31.40 -9.94
N ASN C 272 -41.06 32.48 -9.72
CA ASN C 272 -39.61 32.39 -9.65
C ASN C 272 -39.16 31.79 -8.33
N ARG C 273 -40.12 31.30 -7.52
CA ARG C 273 -39.81 30.66 -6.24
C ARG C 273 -39.12 29.31 -6.42
N VAL C 274 -39.23 28.71 -7.61
CA VAL C 274 -38.55 27.44 -7.85
C VAL C 274 -38.06 27.62 -9.27
N THR C 275 -37.18 26.71 -9.65
CA THR C 275 -36.67 26.68 -10.99
C THR C 275 -37.03 25.28 -11.41
N LYS C 276 -37.80 25.13 -12.49
CA LYS C 276 -38.21 23.82 -12.97
C LYS C 276 -37.00 23.09 -13.56
N PRO C 277 -37.02 21.76 -13.50
CA PRO C 277 -35.94 20.98 -14.04
C PRO C 277 -35.76 21.17 -15.53
N HIS C 278 -34.57 21.64 -15.89
CA HIS C 278 -34.25 21.81 -17.27
C HIS C 278 -34.12 20.46 -17.96
N VAL C 279 -34.64 20.38 -19.17
CA VAL C 279 -34.56 19.13 -19.91
C VAL C 279 -33.69 19.37 -21.13
N ALA C 280 -32.55 18.69 -21.16
CA ALA C 280 -31.70 18.74 -22.34
C ALA C 280 -32.46 18.11 -23.54
N LEU C 281 -32.27 18.68 -24.73
CA LEU C 281 -32.97 18.20 -25.92
C LEU C 281 -32.17 17.15 -26.66
N THR C 282 -31.48 16.31 -25.89
CA THR C 282 -30.64 15.29 -26.50
C THR C 282 -31.34 13.92 -26.61
N GLY C 283 -32.45 13.75 -25.91
CA GLY C 283 -33.17 12.49 -25.99
C GLY C 283 -34.18 12.46 -24.87
N ARG C 284 -34.65 11.26 -24.57
CA ARG C 284 -35.61 11.09 -23.49
C ARG C 284 -35.09 11.19 -22.04
N HIS C 285 -35.77 12.03 -21.24
CA HIS C 285 -35.47 12.21 -19.83
C HIS C 285 -36.63 11.51 -19.18
N VAL C 286 -36.27 10.41 -18.53
CA VAL C 286 -37.24 9.58 -17.83
C VAL C 286 -37.71 10.07 -16.47
N PHE C 287 -37.20 11.18 -15.94
CA PHE C 287 -37.74 11.63 -14.67
C PHE C 287 -38.03 10.59 -13.64
N TRP C 288 -36.96 10.02 -13.09
CA TRP C 288 -37.09 9.10 -11.97
C TRP C 288 -37.58 10.06 -10.88
N MET C 289 -37.16 11.33 -10.95
CA MET C 289 -37.62 12.34 -9.99
C MET C 289 -37.71 13.74 -10.53
N TYR C 290 -38.69 14.49 -10.02
CA TYR C 290 -38.94 15.87 -10.42
C TYR C 290 -38.23 16.81 -9.42
N THR C 291 -37.14 17.40 -9.89
CA THR C 291 -36.27 18.18 -9.02
C THR C 291 -36.28 19.68 -9.30
N VAL C 292 -36.66 20.46 -8.29
CA VAL C 292 -36.71 21.89 -8.52
C VAL C 292 -35.52 22.42 -7.74
N ARG C 293 -35.16 23.66 -8.04
CA ARG C 293 -34.11 24.36 -7.31
C ARG C 293 -34.90 25.53 -6.76
N LEU C 294 -34.84 25.68 -5.44
CA LEU C 294 -35.58 26.68 -4.71
C LEU C 294 -34.98 28.01 -5.02
N GLY C 295 -35.76 29.08 -4.88
CA GLY C 295 -35.31 30.42 -5.13
C GLY C 295 -34.49 31.06 -4.03
N GLU C 296 -33.46 31.77 -4.44
CA GLU C 296 -32.46 32.35 -3.56
C GLU C 296 -33.10 33.33 -2.67
N GLY C 297 -34.06 34.04 -3.27
CA GLY C 297 -34.97 34.91 -2.60
C GLY C 297 -35.56 34.37 -1.32
N LEU C 298 -36.41 33.37 -1.41
CA LEU C 298 -36.94 32.65 -0.28
C LEU C 298 -36.27 33.00 0.97
N SER C 299 -37.05 33.10 2.03
CA SER C 299 -36.53 33.49 3.32
C SER C 299 -36.33 32.21 4.12
N THR C 300 -36.97 31.13 3.64
CA THR C 300 -36.86 29.82 4.26
C THR C 300 -35.71 28.98 3.67
N THR C 301 -35.46 27.85 4.35
CA THR C 301 -34.41 26.86 4.09
C THR C 301 -35.00 25.64 3.36
N ARG C 302 -34.23 25.05 2.47
CA ARG C 302 -34.68 23.84 1.72
C ARG C 302 -35.11 22.77 2.71
N ASP C 303 -34.35 22.69 3.78
CA ASP C 303 -34.68 21.71 4.76
C ASP C 303 -35.97 22.10 5.44
N GLN C 304 -36.25 23.39 5.54
CA GLN C 304 -37.48 23.75 6.24
C GLN C 304 -38.66 23.33 5.39
N VAL C 305 -38.52 23.68 4.13
CA VAL C 305 -39.55 23.39 3.17
C VAL C 305 -39.87 21.93 3.26
N ILE C 306 -38.83 21.13 3.39
CA ILE C 306 -39.05 19.69 3.42
C ILE C 306 -39.82 19.27 4.67
N LYS C 307 -39.52 19.93 5.79
CA LYS C 307 -40.16 19.59 7.05
C LYS C 307 -41.60 20.05 7.01
N ASP C 308 -41.76 21.23 6.44
CA ASP C 308 -43.07 21.81 6.32
C ASP C 308 -43.86 20.84 5.47
N LEU C 309 -43.48 20.68 4.21
CA LEU C 309 -44.22 19.72 3.41
C LEU C 309 -44.61 18.45 4.15
N ASP C 310 -43.67 17.83 4.84
CA ASP C 310 -44.03 16.60 5.49
C ASP C 310 -45.21 16.83 6.41
N ALA C 311 -45.25 18.03 6.95
CA ALA C 311 -46.30 18.41 7.88
C ALA C 311 -47.66 18.33 7.18
N LEU C 312 -47.66 18.68 5.89
CA LEU C 312 -48.86 18.68 5.05
C LEU C 312 -49.03 17.35 4.32
N GLY C 313 -48.38 16.31 4.87
CA GLY C 313 -48.44 14.93 4.39
C GLY C 313 -47.80 14.69 3.03
N ILE C 314 -46.89 15.58 2.65
CA ILE C 314 -46.19 15.48 1.38
C ILE C 314 -44.72 15.14 1.64
N GLU C 315 -44.27 13.99 1.16
CA GLU C 315 -42.87 13.67 1.36
C GLU C 315 -42.04 14.16 0.15
N SER C 316 -40.85 14.62 0.49
CA SER C 316 -39.90 15.15 -0.48
C SER C 316 -38.48 14.94 0.09
N ARG C 317 -37.45 15.08 -0.74
CA ARG C 317 -36.07 14.88 -0.24
C ARG C 317 -35.10 15.91 -0.80
N PRO C 318 -34.02 16.11 -0.08
CA PRO C 318 -33.09 17.09 -0.57
C PRO C 318 -32.26 16.42 -1.69
N VAL C 319 -31.81 17.23 -2.63
CA VAL C 319 -30.92 16.74 -3.65
C VAL C 319 -29.71 16.07 -2.95
N PHE C 320 -29.17 14.97 -3.45
CA PHE C 320 -28.02 14.36 -2.76
C PHE C 320 -27.06 15.35 -2.17
N HIS C 321 -26.42 15.01 -1.06
CA HIS C 321 -25.39 15.93 -0.55
C HIS C 321 -24.13 15.59 -1.38
N PRO C 322 -23.40 16.60 -1.86
CA PRO C 322 -22.13 16.44 -2.60
C PRO C 322 -21.25 15.60 -1.68
N MET C 323 -20.60 14.62 -2.30
CA MET C 323 -19.71 13.74 -1.55
C MET C 323 -18.72 14.50 -0.66
N HIS C 324 -18.11 15.54 -1.20
CA HIS C 324 -17.04 16.22 -0.49
C HIS C 324 -17.51 16.99 0.73
N ILE C 325 -18.81 17.03 0.96
CA ILE C 325 -19.27 17.75 2.13
C ILE C 325 -19.57 16.72 3.26
N MET C 326 -19.53 15.42 2.94
CA MET C 326 -19.75 14.41 4.00
C MET C 326 -18.46 13.80 4.47
N PRO C 327 -18.50 13.22 5.67
CA PRO C 327 -17.25 12.71 6.22
C PRO C 327 -16.41 11.76 5.37
N PRO C 328 -17.00 10.83 4.65
CA PRO C 328 -16.14 9.93 3.90
C PRO C 328 -15.29 10.53 2.75
N TYR C 329 -15.75 11.65 2.16
CA TYR C 329 -15.09 12.22 1.00
C TYR C 329 -14.76 13.67 1.15
N ALA C 330 -14.84 14.15 2.40
CA ALA C 330 -14.48 15.53 2.72
C ALA C 330 -13.04 15.79 2.30
N HIS C 331 -12.20 14.76 2.39
CA HIS C 331 -10.78 14.86 2.05
C HIS C 331 -10.50 15.06 0.56
N LEU C 332 -11.55 14.86 -0.24
CA LEU C 332 -11.43 15.00 -1.64
C LEU C 332 -12.01 16.31 -2.12
N ALA C 333 -12.43 17.19 -1.22
CA ALA C 333 -12.97 18.49 -1.65
C ALA C 333 -11.96 19.36 -2.39
N THR C 334 -12.41 20.17 -3.34
CA THR C 334 -11.55 21.10 -4.09
C THR C 334 -12.26 22.44 -4.18
N ASP C 335 -11.67 23.40 -4.90
CA ASP C 335 -12.24 24.74 -4.98
C ASP C 335 -13.11 24.88 -6.20
N ASP C 336 -13.22 23.77 -6.89
CA ASP C 336 -14.05 23.81 -8.06
C ASP C 336 -15.26 22.87 -7.98
N LEU C 337 -16.06 22.96 -6.92
CA LEU C 337 -17.25 22.09 -6.89
C LEU C 337 -18.36 22.96 -6.41
N LYS C 338 -18.32 24.23 -6.82
CA LYS C 338 -19.31 25.19 -6.34
C LYS C 338 -20.71 24.92 -6.93
N ILE C 339 -20.79 24.42 -8.16
CA ILE C 339 -22.15 24.17 -8.62
C ILE C 339 -22.76 23.08 -7.75
N ALA C 340 -22.02 21.97 -7.65
CA ALA C 340 -22.49 20.86 -6.83
C ALA C 340 -22.97 21.38 -5.47
N GLU C 341 -22.15 22.19 -4.79
CA GLU C 341 -22.54 22.73 -3.50
C GLU C 341 -23.82 23.53 -3.55
N ALA C 342 -23.89 24.40 -4.56
CA ALA C 342 -25.06 25.25 -4.74
C ALA C 342 -26.39 24.46 -4.92
N CYS C 343 -26.29 23.40 -5.71
CA CYS C 343 -27.40 22.53 -5.99
C CYS C 343 -27.69 21.76 -4.71
N GLY C 344 -26.63 21.28 -4.08
CA GLY C 344 -26.85 20.52 -2.85
C GLY C 344 -27.63 21.41 -1.87
N VAL C 345 -27.33 22.71 -1.86
CA VAL C 345 -28.00 23.62 -0.92
C VAL C 345 -29.49 23.88 -1.16
N ASP C 346 -29.84 24.21 -2.40
CA ASP C 346 -31.19 24.62 -2.76
C ASP C 346 -32.03 23.58 -3.46
N GLY C 347 -31.46 22.42 -3.72
CA GLY C 347 -32.26 21.45 -4.44
C GLY C 347 -33.28 20.66 -3.65
N LEU C 348 -34.41 20.39 -4.29
CA LEU C 348 -35.48 19.63 -3.68
C LEU C 348 -36.10 18.59 -4.64
N ASN C 349 -36.08 17.31 -4.27
CA ASN C 349 -36.72 16.30 -5.12
C ASN C 349 -38.19 16.17 -4.73
N LEU C 350 -39.06 16.24 -5.75
CA LEU C 350 -40.52 16.18 -5.53
C LEU C 350 -41.14 14.82 -5.83
N PRO C 351 -42.25 14.49 -5.17
CA PRO C 351 -42.86 13.19 -5.42
C PRO C 351 -42.99 12.87 -6.91
N THR C 352 -42.46 11.73 -7.30
CA THR C 352 -42.52 11.38 -8.70
C THR C 352 -42.57 9.87 -8.77
N HIS C 353 -43.75 9.37 -9.13
CA HIS C 353 -44.04 7.96 -9.29
C HIS C 353 -45.34 7.72 -10.07
N ALA C 354 -45.34 6.71 -10.94
CA ALA C 354 -46.51 6.37 -11.74
C ALA C 354 -47.85 6.18 -11.02
N GLY C 355 -47.89 6.36 -9.71
CA GLY C 355 -49.16 6.20 -9.01
C GLY C 355 -49.74 7.55 -8.58
N LEU C 356 -48.97 8.62 -8.71
CA LEU C 356 -49.53 9.89 -8.31
C LEU C 356 -50.60 10.37 -9.27
N THR C 357 -51.59 11.03 -8.68
CA THR C 357 -52.80 11.60 -9.32
C THR C 357 -52.66 13.10 -9.66
N GLU C 358 -53.44 13.58 -10.61
CA GLU C 358 -53.34 15.00 -10.94
C GLU C 358 -53.64 15.74 -9.64
N ALA C 359 -54.56 15.14 -8.91
CA ALA C 359 -54.99 15.66 -7.63
C ALA C 359 -53.80 15.72 -6.69
N ASP C 360 -52.96 14.71 -6.77
CA ASP C 360 -51.78 14.70 -5.91
C ASP C 360 -50.89 15.91 -6.24
N ILE C 361 -50.65 16.09 -7.53
CA ILE C 361 -49.77 17.16 -7.96
C ILE C 361 -50.43 18.45 -7.49
N ASP C 362 -51.72 18.59 -7.75
CA ASP C 362 -52.46 19.75 -7.25
C ASP C 362 -52.06 19.99 -5.80
N ARG C 363 -52.21 18.95 -4.98
CA ARG C 363 -51.87 19.02 -3.56
C ARG C 363 -50.44 19.57 -3.40
N VAL C 364 -49.49 18.85 -4.00
CA VAL C 364 -48.08 19.20 -3.96
C VAL C 364 -47.85 20.67 -4.28
N ILE C 365 -48.40 21.14 -5.40
CA ILE C 365 -48.25 22.55 -5.79
C ILE C 365 -48.82 23.48 -4.71
N ALA C 366 -49.93 23.06 -4.08
CA ALA C 366 -50.64 23.78 -3.02
C ALA C 366 -49.71 24.03 -1.84
N ALA C 367 -49.31 22.91 -1.23
CA ALA C 367 -48.38 22.92 -0.12
C ALA C 367 -47.20 23.81 -0.39
N LEU C 368 -46.67 23.69 -1.60
CA LEU C 368 -45.50 24.42 -2.07
C LEU C 368 -45.79 25.93 -2.11
N ASP C 369 -46.93 26.30 -2.68
CA ASP C 369 -47.29 27.71 -2.76
C ASP C 369 -47.33 28.25 -1.35
N GLN C 370 -47.85 27.40 -0.48
CA GLN C 370 -47.99 27.78 0.91
C GLN C 370 -46.68 28.00 1.64
N VAL C 371 -45.76 27.06 1.49
CA VAL C 371 -44.46 27.03 2.18
C VAL C 371 -43.24 27.74 1.54
N LEU C 372 -43.35 28.17 0.30
CA LEU C 372 -42.24 28.85 -0.33
C LEU C 372 -42.31 30.37 -0.06
N VAL C 373 -41.73 30.74 1.06
CA VAL C 373 -41.67 32.11 1.53
C VAL C 373 -40.29 32.40 2.08
N SER D 10 -29.19 -36.48 -6.49
CA SER D 10 -29.16 -35.04 -6.21
C SER D 10 -28.69 -34.68 -4.80
N VAL D 11 -27.51 -34.04 -4.69
CA VAL D 11 -26.89 -33.67 -3.41
C VAL D 11 -27.69 -32.82 -2.42
N ALA D 12 -28.34 -31.77 -2.91
CA ALA D 12 -29.13 -30.91 -2.03
C ALA D 12 -30.38 -30.47 -2.75
N ALA D 13 -31.41 -30.07 -2.00
CA ALA D 13 -32.64 -29.67 -2.66
C ALA D 13 -33.72 -29.07 -1.76
N PRO D 14 -33.86 -27.76 -1.88
CA PRO D 14 -34.83 -27.03 -1.08
C PRO D 14 -36.14 -27.79 -0.89
N ARG D 15 -36.75 -27.55 0.27
CA ARG D 15 -38.05 -28.09 0.62
C ARG D 15 -38.82 -26.89 1.12
N LEU D 16 -39.65 -26.32 0.25
CA LEU D 16 -40.43 -25.15 0.61
C LEU D 16 -41.83 -25.57 1.06
N ASP D 17 -41.87 -26.57 1.95
CA ASP D 17 -43.10 -27.13 2.50
C ASP D 17 -43.87 -26.37 3.57
N GLY D 18 -43.31 -25.29 4.11
CA GLY D 18 -44.01 -24.54 5.15
C GLY D 18 -44.77 -23.36 4.61
N ASN D 19 -44.55 -22.22 5.27
CA ASN D 19 -45.19 -20.95 4.89
C ASN D 19 -44.46 -20.16 3.80
N GLU D 20 -43.50 -20.80 3.14
CA GLU D 20 -42.74 -20.10 2.12
C GLU D 20 -43.68 -19.34 1.20
N ARG D 21 -44.49 -20.09 0.47
CA ARG D 21 -45.38 -19.52 -0.53
C ARG D 21 -46.31 -18.42 -0.03
N ASP D 22 -46.98 -18.67 1.09
CA ASP D 22 -47.86 -17.63 1.61
C ASP D 22 -47.09 -16.41 2.08
N TYR D 23 -45.98 -16.65 2.78
CA TYR D 23 -45.21 -15.50 3.25
C TYR D 23 -44.81 -14.66 2.07
N VAL D 24 -44.36 -15.32 1.01
CA VAL D 24 -43.95 -14.57 -0.17
C VAL D 24 -45.08 -13.82 -0.85
N LEU D 25 -46.24 -14.47 -0.93
CA LEU D 25 -47.44 -13.84 -1.52
C LEU D 25 -47.78 -12.60 -0.75
N GLU D 26 -47.58 -12.70 0.55
CA GLU D 26 -47.84 -11.55 1.36
C GLU D 26 -46.93 -10.39 0.94
N CYS D 27 -45.65 -10.67 0.68
CA CYS D 27 -44.72 -9.60 0.28
C CYS D 27 -45.16 -8.97 -1.04
N MET D 28 -45.54 -9.85 -1.95
CA MET D 28 -45.96 -9.52 -3.32
C MET D 28 -47.21 -8.67 -3.23
N ASP D 29 -48.18 -9.21 -2.51
CA ASP D 29 -49.46 -8.57 -2.34
C ASP D 29 -49.40 -7.22 -1.65
N THR D 30 -48.51 -7.06 -0.69
CA THR D 30 -48.40 -5.77 0.01
C THR D 30 -47.42 -4.82 -0.65
N THR D 31 -46.67 -5.31 -1.63
CA THR D 31 -45.58 -4.58 -2.30
C THR D 31 -44.29 -4.36 -1.48
N TRP D 32 -44.23 -4.96 -0.30
CA TRP D 32 -42.99 -4.93 0.49
C TRP D 32 -42.06 -6.05 0.01
N ILE D 33 -41.48 -5.79 -1.16
CA ILE D 33 -40.57 -6.68 -1.89
C ILE D 33 -39.10 -6.28 -1.80
N SER D 34 -38.83 -5.13 -1.17
CA SER D 34 -37.46 -4.60 -1.01
C SER D 34 -36.86 -4.93 0.36
N SER D 35 -35.88 -4.12 0.74
CA SER D 35 -35.08 -4.38 1.93
C SER D 35 -35.55 -3.80 3.23
N VAL D 36 -36.86 -3.64 3.26
CA VAL D 36 -37.54 -3.21 4.48
C VAL D 36 -38.87 -3.98 4.52
N GLY D 37 -39.27 -4.36 5.72
CA GLY D 37 -40.50 -5.12 5.89
C GLY D 37 -40.43 -5.94 7.16
N ARG D 38 -41.62 -6.37 7.62
CA ARG D 38 -41.74 -7.15 8.84
C ARG D 38 -41.03 -8.51 8.87
N PHE D 39 -40.95 -9.18 7.72
CA PHE D 39 -40.29 -10.48 7.70
C PHE D 39 -38.80 -10.42 7.99
N ILE D 40 -38.16 -9.34 7.57
CA ILE D 40 -36.73 -9.19 7.84
C ILE D 40 -36.50 -9.15 9.38
N VAL D 41 -37.27 -8.31 10.08
CA VAL D 41 -37.08 -8.20 11.53
C VAL D 41 -37.50 -9.46 12.28
N GLU D 42 -38.57 -10.07 11.79
CA GLU D 42 -39.10 -11.25 12.46
C GLU D 42 -38.13 -12.38 12.26
N PHE D 43 -37.60 -12.44 11.06
CA PHE D 43 -36.62 -13.48 10.76
C PHE D 43 -35.37 -13.25 11.65
N GLU D 44 -34.87 -12.01 11.69
CA GLU D 44 -33.71 -11.76 12.50
C GLU D 44 -33.98 -12.14 13.96
N LYS D 45 -35.10 -11.65 14.49
CA LYS D 45 -35.42 -11.94 15.88
C LYS D 45 -35.57 -13.46 16.14
N ALA D 46 -36.28 -14.14 15.25
CA ALA D 46 -36.46 -15.58 15.45
C ALA D 46 -35.15 -16.33 15.31
N PHE D 47 -34.31 -15.91 14.36
CA PHE D 47 -33.05 -16.64 14.17
C PHE D 47 -32.07 -16.51 15.38
N ALA D 48 -32.00 -15.29 15.91
CA ALA D 48 -31.14 -15.05 17.06
C ALA D 48 -31.65 -15.85 18.27
N ASP D 49 -32.97 -15.88 18.47
CA ASP D 49 -33.62 -16.71 19.50
C ASP D 49 -33.17 -18.12 19.25
N TYR D 50 -33.31 -18.56 18.01
CA TYR D 50 -32.86 -19.89 17.70
C TYR D 50 -31.43 -20.18 18.13
N CYS D 51 -30.52 -19.24 17.90
CA CYS D 51 -29.11 -19.42 18.23
C CYS D 51 -28.78 -19.08 19.69
N GLY D 52 -29.72 -18.43 20.35
CA GLY D 52 -29.53 -18.07 21.73
C GLY D 52 -28.51 -16.94 21.84
N VAL D 53 -28.55 -16.02 20.87
CA VAL D 53 -27.72 -14.82 20.85
C VAL D 53 -28.69 -13.64 20.96
N LYS D 54 -28.16 -12.45 21.25
CA LYS D 54 -28.94 -11.22 21.39
C LYS D 54 -29.20 -10.52 20.05
N HIS D 55 -28.28 -10.70 19.10
CA HIS D 55 -28.43 -10.06 17.78
C HIS D 55 -28.21 -10.95 16.57
N ALA D 56 -28.99 -10.63 15.53
CA ALA D 56 -28.99 -11.32 14.25
C ALA D 56 -29.18 -10.23 13.21
N ILE D 57 -28.23 -10.18 12.28
CA ILE D 57 -28.19 -9.19 11.21
C ILE D 57 -28.30 -9.93 9.89
N ALA D 58 -29.45 -9.74 9.23
CA ALA D 58 -29.77 -10.42 7.95
C ALA D 58 -28.94 -9.78 6.82
N CYS D 59 -28.34 -10.59 5.94
CA CYS D 59 -27.49 -10.10 4.83
C CYS D 59 -27.90 -10.69 3.47
N ASN D 60 -27.36 -10.15 2.39
CA ASN D 60 -27.75 -10.68 1.08
C ASN D 60 -27.19 -12.03 0.71
N ASN D 61 -26.15 -12.43 1.44
CA ASN D 61 -25.60 -13.78 1.26
C ASN D 61 -24.60 -14.06 2.37
N GLY D 62 -24.04 -15.27 2.44
CA GLY D 62 -23.07 -15.62 3.47
C GLY D 62 -21.68 -15.07 3.24
N THR D 63 -21.42 -14.68 2.00
CA THR D 63 -20.12 -14.14 1.63
C THR D 63 -20.04 -12.70 2.08
N THR D 64 -21.03 -11.90 1.71
CA THR D 64 -21.04 -10.51 2.11
C THR D 64 -21.21 -10.46 3.63
N ALA D 65 -21.89 -11.44 4.20
CA ALA D 65 -22.03 -11.51 5.68
C ALA D 65 -20.63 -11.58 6.33
N LEU D 66 -19.77 -12.44 5.77
CA LEU D 66 -18.44 -12.58 6.31
C LEU D 66 -17.68 -11.31 6.16
N HIS D 67 -17.74 -10.75 4.97
CA HIS D 67 -17.07 -9.47 4.71
C HIS D 67 -17.49 -8.37 5.70
N LEU D 68 -18.81 -8.25 5.87
CA LEU D 68 -19.44 -7.27 6.74
C LEU D 68 -18.97 -7.45 8.15
N ALA D 69 -19.02 -8.70 8.62
CA ALA D 69 -18.60 -8.95 9.98
C ALA D 69 -17.13 -8.65 10.21
N LEU D 70 -16.26 -9.02 9.28
CA LEU D 70 -14.84 -8.73 9.48
C LEU D 70 -14.54 -7.22 9.52
N VAL D 71 -15.12 -6.50 8.58
CA VAL D 71 -14.93 -5.06 8.60
C VAL D 71 -15.55 -4.47 9.91
N ALA D 72 -16.72 -4.95 10.36
CA ALA D 72 -17.38 -4.38 11.55
C ALA D 72 -16.40 -4.54 12.68
N MET D 73 -15.72 -5.67 12.66
CA MET D 73 -14.76 -5.93 13.71
C MET D 73 -13.47 -5.16 13.50
N GLY D 74 -13.41 -4.32 12.48
CA GLY D 74 -12.22 -3.52 12.23
C GLY D 74 -11.03 -4.27 11.62
N ILE D 75 -11.29 -5.38 10.95
CA ILE D 75 -10.21 -6.12 10.30
C ILE D 75 -9.80 -5.26 9.09
N GLY D 76 -8.51 -5.09 8.84
CA GLY D 76 -8.07 -4.26 7.73
C GLY D 76 -6.63 -4.53 7.27
N PRO D 77 -6.17 -3.76 6.28
CA PRO D 77 -4.80 -3.94 5.81
C PRO D 77 -3.82 -4.05 7.00
N GLY D 78 -2.91 -4.98 6.89
CA GLY D 78 -1.94 -5.05 7.96
C GLY D 78 -2.30 -6.09 8.98
N ASP D 79 -3.54 -6.58 8.90
CA ASP D 79 -4.00 -7.55 9.87
C ASP D 79 -3.98 -8.95 9.29
N GLU D 80 -3.90 -9.96 10.18
CA GLU D 80 -3.86 -11.37 9.79
C GLU D 80 -5.03 -12.06 10.45
N VAL D 81 -5.69 -12.91 9.71
CA VAL D 81 -6.82 -13.67 10.24
C VAL D 81 -6.45 -15.10 9.89
N ILE D 82 -6.49 -15.95 10.91
CA ILE D 82 -6.21 -17.36 10.62
C ILE D 82 -7.49 -18.05 10.10
N VAL D 83 -7.36 -18.74 8.97
CA VAL D 83 -8.43 -19.44 8.29
C VAL D 83 -7.90 -20.83 7.84
N PRO D 84 -8.71 -21.89 7.93
CA PRO D 84 -8.27 -23.19 7.46
C PRO D 84 -8.16 -23.19 5.93
N SER D 85 -7.14 -23.87 5.44
CA SER D 85 -7.00 -23.96 3.97
C SER D 85 -8.20 -24.79 3.43
N LEU D 86 -8.66 -25.73 4.25
CA LEU D 86 -9.79 -26.57 3.85
C LEU D 86 -11.18 -25.97 4.18
N THR D 87 -11.71 -25.21 3.23
CA THR D 87 -13.02 -24.53 3.49
C THR D 87 -13.50 -24.03 2.12
N TYR D 88 -14.71 -23.47 2.08
CA TYR D 88 -15.25 -22.84 0.88
C TYR D 88 -14.40 -21.56 0.66
N ILE D 89 -13.97 -21.23 -0.57
CA ILE D 89 -13.08 -20.08 -0.82
C ILE D 89 -13.52 -18.72 -0.22
N ALA D 90 -14.83 -18.56 -0.05
CA ALA D 90 -15.38 -17.31 0.52
C ALA D 90 -14.73 -16.99 1.88
N SER D 91 -14.32 -18.00 2.63
CA SER D 91 -13.72 -17.82 3.97
C SER D 91 -12.45 -16.99 3.86
N ALA D 92 -11.62 -17.35 2.88
CA ALA D 92 -10.39 -16.62 2.58
C ALA D 92 -10.72 -15.30 1.90
N ASN D 93 -11.50 -15.37 0.83
CA ASN D 93 -11.87 -14.13 0.13
C ASN D 93 -12.36 -12.99 0.99
N SER D 94 -13.25 -13.30 1.95
CA SER D 94 -13.79 -12.24 2.80
C SER D 94 -12.66 -11.48 3.53
N VAL D 95 -11.64 -12.17 4.01
CA VAL D 95 -10.54 -11.47 4.74
C VAL D 95 -9.82 -10.59 3.65
N THR D 96 -9.64 -11.18 2.46
CA THR D 96 -8.99 -10.49 1.37
C THR D 96 -9.68 -9.20 1.04
N TYR D 97 -10.99 -9.22 0.96
CA TYR D 97 -11.73 -7.98 0.64
C TYR D 97 -11.38 -6.87 1.61
N CYS D 98 -11.13 -7.22 2.86
CA CYS D 98 -10.72 -6.25 3.87
C CYS D 98 -9.34 -5.68 3.68
N GLY D 99 -8.49 -6.28 2.86
CA GLY D 99 -7.14 -5.78 2.71
C GLY D 99 -6.25 -6.55 3.68
N ALA D 100 -6.86 -7.49 4.39
CA ALA D 100 -6.11 -8.29 5.37
C ALA D 100 -5.47 -9.53 4.75
N THR D 101 -4.67 -10.19 5.59
CA THR D 101 -3.96 -11.41 5.17
C THR D 101 -4.44 -12.74 5.78
N PRO D 102 -4.98 -13.64 4.95
CA PRO D 102 -5.43 -14.95 5.52
C PRO D 102 -4.09 -15.66 5.84
N VAL D 103 -4.09 -16.37 6.96
CA VAL D 103 -3.00 -17.16 7.45
C VAL D 103 -3.68 -18.51 7.63
N LEU D 104 -3.32 -19.42 6.71
CA LEU D 104 -3.93 -20.75 6.60
C LEU D 104 -3.40 -21.78 7.60
N VAL D 105 -4.32 -22.53 8.18
CA VAL D 105 -4.09 -23.51 9.22
C VAL D 105 -4.62 -24.87 8.75
N ASP D 106 -3.94 -25.94 9.18
CA ASP D 106 -4.37 -27.29 8.88
C ASP D 106 -5.62 -27.67 9.71
N ASN D 107 -6.27 -28.73 9.29
CA ASN D 107 -7.49 -29.19 9.94
C ASN D 107 -7.26 -30.63 10.46
N ASP D 108 -8.21 -31.13 11.24
CA ASP D 108 -8.25 -32.47 11.76
C ASP D 108 -8.59 -33.43 10.62
N PRO D 109 -7.88 -34.54 10.59
CA PRO D 109 -8.05 -35.53 9.52
C PRO D 109 -9.37 -36.26 9.57
N ARG D 110 -9.96 -36.27 10.76
CA ARG D 110 -11.24 -36.92 10.96
C ARG D 110 -12.42 -35.99 10.88
N THR D 111 -12.28 -34.82 11.46
CA THR D 111 -13.43 -33.93 11.39
C THR D 111 -13.42 -32.91 10.28
N PHE D 112 -12.26 -32.79 9.60
CA PHE D 112 -12.09 -31.83 8.50
C PHE D 112 -12.02 -30.40 9.05
N ASN D 113 -12.18 -30.27 10.37
CA ASN D 113 -12.23 -28.97 11.03
C ASN D 113 -10.89 -28.42 11.53
N LEU D 114 -10.79 -27.10 11.68
CA LEU D 114 -9.56 -26.44 12.10
C LEU D 114 -8.89 -27.14 13.26
N ASP D 115 -7.61 -27.43 13.14
CA ASP D 115 -6.93 -28.11 14.23
C ASP D 115 -6.33 -27.13 15.26
N ALA D 116 -6.98 -27.08 16.41
CA ALA D 116 -6.61 -26.12 17.47
C ALA D 116 -5.17 -26.25 17.87
N ALA D 117 -4.62 -27.45 17.69
CA ALA D 117 -3.21 -27.71 18.03
C ALA D 117 -2.23 -26.98 17.15
N LYS D 118 -2.73 -26.57 16.00
CA LYS D 118 -1.89 -25.93 15.02
C LYS D 118 -1.99 -24.44 15.06
N LEU D 119 -2.81 -23.90 15.96
CA LEU D 119 -2.97 -22.45 16.01
C LEU D 119 -1.78 -21.69 16.59
N GLU D 120 -1.48 -21.99 17.83
CA GLU D 120 -0.43 -21.25 18.49
C GLU D 120 0.70 -20.85 17.56
N ALA D 121 1.19 -21.81 16.78
CA ALA D 121 2.34 -21.56 15.93
C ALA D 121 2.19 -20.47 14.85
N LEU D 122 0.96 -20.19 14.48
CA LEU D 122 0.64 -19.22 13.41
C LEU D 122 0.42 -17.81 13.91
N ILE D 123 0.32 -17.68 15.21
CA ILE D 123 0.03 -16.36 15.77
C ILE D 123 1.28 -15.52 15.67
N THR D 124 1.09 -14.24 15.36
CA THR D 124 2.14 -13.22 15.28
C THR D 124 1.54 -11.87 15.70
N PRO D 125 2.43 -10.88 15.78
CA PRO D 125 2.01 -9.55 16.17
C PRO D 125 0.83 -8.99 15.35
N ARG D 126 0.67 -9.45 14.11
CA ARG D 126 -0.40 -8.93 13.24
C ARG D 126 -1.68 -9.73 13.34
N THR D 127 -1.69 -10.85 14.08
CA THR D 127 -2.94 -11.60 14.19
C THR D 127 -4.05 -10.83 14.93
N LYS D 128 -5.26 -10.79 14.38
CA LYS D 128 -6.38 -10.10 15.01
C LYS D 128 -7.50 -11.10 15.29
N ALA D 129 -7.68 -12.08 14.40
CA ALA D 129 -8.78 -13.02 14.57
C ALA D 129 -8.51 -14.42 14.04
N ILE D 130 -9.40 -15.34 14.44
CA ILE D 130 -9.36 -16.73 14.01
C ILE D 130 -10.72 -17.08 13.40
N MET D 131 -10.70 -17.75 12.27
CA MET D 131 -11.94 -18.19 11.62
C MET D 131 -12.16 -19.70 11.57
N PRO D 132 -12.70 -20.25 12.65
CA PRO D 132 -13.03 -21.67 12.70
C PRO D 132 -14.23 -21.80 11.75
N VAL D 133 -14.22 -22.77 10.85
CA VAL D 133 -15.33 -22.98 9.92
C VAL D 133 -15.93 -24.36 10.28
N HIS D 134 -17.23 -24.43 10.56
CA HIS D 134 -17.86 -25.69 10.97
C HIS D 134 -18.20 -26.52 9.76
N LEU D 135 -17.22 -27.21 9.23
CA LEU D 135 -17.52 -27.92 7.96
C LEU D 135 -18.56 -29.04 8.02
N TYR D 136 -19.42 -29.07 7.01
CA TYR D 136 -20.43 -30.10 6.83
C TYR D 136 -21.48 -30.21 7.93
N GLY D 137 -21.66 -29.15 8.72
CA GLY D 137 -22.66 -29.18 9.79
C GLY D 137 -22.04 -29.51 11.16
N GLN D 138 -20.74 -29.78 11.17
CA GLN D 138 -20.02 -30.16 12.37
C GLN D 138 -19.22 -28.98 12.95
N ILE D 139 -19.50 -28.66 14.20
CA ILE D 139 -18.87 -27.53 14.88
C ILE D 139 -17.44 -27.87 15.22
N CYS D 140 -16.53 -26.89 15.11
CA CYS D 140 -15.13 -27.05 15.52
C CYS D 140 -15.01 -27.30 17.02
N ASP D 141 -13.83 -27.74 17.46
CA ASP D 141 -13.63 -28.02 18.89
C ASP D 141 -13.40 -26.64 19.51
N MET D 142 -14.49 -25.95 19.75
CA MET D 142 -14.36 -24.58 20.20
C MET D 142 -13.62 -24.30 21.49
N ASP D 143 -13.74 -25.20 22.46
CA ASP D 143 -13.12 -24.86 23.71
C ASP D 143 -11.68 -24.52 23.59
N PRO D 144 -10.91 -25.44 23.03
CA PRO D 144 -9.47 -25.23 22.85
C PRO D 144 -9.16 -24.04 21.94
N ILE D 145 -10.00 -23.79 20.94
CA ILE D 145 -9.79 -22.67 20.05
C ILE D 145 -9.97 -21.37 20.83
N LEU D 146 -11.02 -21.27 21.65
CA LEU D 146 -11.27 -20.05 22.42
C LEU D 146 -10.15 -19.80 23.44
N GLU D 147 -9.66 -20.90 24.00
CA GLU D 147 -8.55 -20.87 24.95
C GLU D 147 -7.39 -20.20 24.24
N VAL D 148 -7.06 -20.67 23.05
CA VAL D 148 -5.90 -20.08 22.40
C VAL D 148 -6.12 -18.62 22.10
N ALA D 149 -7.29 -18.33 21.53
CA ALA D 149 -7.62 -16.95 21.18
C ALA D 149 -7.62 -16.01 22.37
N ARG D 150 -8.25 -16.46 23.45
CA ARG D 150 -8.29 -15.58 24.62
C ARG D 150 -6.90 -15.25 25.21
N ARG D 151 -6.06 -16.26 25.20
CA ARG D 151 -4.67 -16.08 25.66
C ARG D 151 -3.95 -15.07 24.74
N HIS D 152 -4.39 -14.95 23.51
CA HIS D 152 -3.71 -13.97 22.65
C HIS D 152 -4.56 -12.74 22.39
N ASN D 153 -5.60 -12.57 23.17
CA ASN D 153 -6.51 -11.47 22.92
C ASN D 153 -6.94 -11.36 21.47
N LEU D 154 -7.32 -12.50 20.88
CA LEU D 154 -7.80 -12.54 19.51
C LEU D 154 -9.31 -12.66 19.38
N LEU D 155 -9.85 -12.11 18.30
CA LEU D 155 -11.28 -12.21 18.03
C LEU D 155 -11.52 -13.57 17.42
N VAL D 156 -12.74 -14.07 17.58
CA VAL D 156 -13.13 -15.34 16.97
C VAL D 156 -14.42 -15.16 16.20
N ILE D 157 -14.34 -15.49 14.90
CA ILE D 157 -15.53 -15.36 14.05
C ILE D 157 -15.83 -16.75 13.44
N GLU D 158 -16.99 -17.32 13.78
CA GLU D 158 -17.29 -18.64 13.23
C GLU D 158 -17.87 -18.50 11.82
N ASP D 159 -17.34 -19.30 10.89
CA ASP D 159 -17.95 -19.40 9.58
C ASP D 159 -18.89 -20.63 9.75
N ALA D 160 -20.14 -20.34 10.11
CA ALA D 160 -21.14 -21.36 10.36
C ALA D 160 -22.09 -21.52 9.23
N ALA D 161 -21.63 -21.07 8.05
CA ALA D 161 -22.39 -21.15 6.82
C ALA D 161 -23.08 -22.52 6.59
N GLU D 162 -22.42 -23.62 6.96
CA GLU D 162 -22.87 -25.00 6.74
C GLU D 162 -23.46 -25.69 7.95
N ALA D 163 -23.72 -24.91 8.99
CA ALA D 163 -24.08 -25.53 10.25
C ALA D 163 -25.22 -25.00 11.10
N VAL D 164 -26.26 -24.47 10.51
CA VAL D 164 -27.38 -24.01 11.34
C VAL D 164 -27.98 -25.23 12.10
N GLY D 165 -28.41 -25.02 13.33
CA GLY D 165 -28.94 -26.16 14.09
C GLY D 165 -27.85 -26.94 14.87
N ALA D 166 -26.59 -26.94 14.45
CA ALA D 166 -25.52 -27.65 15.18
C ALA D 166 -25.30 -27.17 16.60
N THR D 167 -24.77 -28.07 17.44
CA THR D 167 -24.57 -27.61 18.82
C THR D 167 -23.22 -28.07 19.31
N TYR D 168 -22.71 -27.33 20.29
CA TYR D 168 -21.43 -27.66 20.89
C TYR D 168 -21.46 -27.43 22.40
N ARG D 169 -21.56 -28.51 23.18
CA ARG D 169 -21.61 -28.40 24.67
C ARG D 169 -22.70 -27.46 25.18
N GLY D 170 -23.88 -27.74 24.63
CA GLY D 170 -25.13 -27.06 24.86
C GLY D 170 -25.27 -25.70 24.18
N LYS D 171 -24.34 -25.33 23.30
CA LYS D 171 -24.51 -24.02 22.65
C LYS D 171 -24.78 -24.21 21.17
N LYS D 172 -25.61 -23.34 20.60
CA LYS D 172 -25.82 -23.46 19.16
C LYS D 172 -24.65 -22.82 18.45
N SER D 173 -24.40 -23.27 17.23
CA SER D 173 -23.42 -22.63 16.38
C SER D 173 -23.93 -21.20 16.29
N GLY D 174 -23.04 -20.24 16.18
CA GLY D 174 -23.45 -18.86 16.08
C GLY D 174 -23.29 -18.12 17.39
N SER D 175 -23.25 -18.85 18.51
CA SER D 175 -23.14 -18.25 19.86
C SER D 175 -21.79 -18.43 20.50
N LEU D 176 -20.90 -19.02 19.75
CA LEU D 176 -19.60 -19.34 20.31
C LEU D 176 -18.49 -18.30 20.24
N GLY D 177 -18.30 -17.66 19.09
CA GLY D 177 -17.18 -16.71 19.02
C GLY D 177 -17.69 -15.31 19.27
N ASP D 178 -16.84 -14.33 18.98
CA ASP D 178 -17.29 -12.94 19.06
C ASP D 178 -18.45 -12.71 18.08
N CYS D 179 -18.39 -13.37 16.94
CA CYS D 179 -19.50 -13.24 16.02
C CYS D 179 -19.51 -14.45 15.16
N ALA D 180 -20.59 -14.59 14.38
CA ALA D 180 -20.74 -15.77 13.56
C ALA D 180 -21.48 -15.43 12.27
N THR D 181 -21.19 -16.17 11.20
CA THR D 181 -21.92 -15.96 9.95
C THR D 181 -22.60 -17.24 9.49
N PHE D 182 -23.74 -17.10 8.79
CA PHE D 182 -24.45 -18.25 8.24
C PHE D 182 -24.85 -17.93 6.79
N SER D 183 -25.04 -19.00 6.00
CA SER D 183 -25.43 -18.90 4.56
C SER D 183 -26.80 -19.56 4.38
N PHE D 184 -27.69 -18.98 3.56
CA PHE D 184 -29.01 -19.61 3.21
C PHE D 184 -29.03 -19.69 1.72
N PHE D 185 -27.84 -19.93 1.19
CA PHE D 185 -27.68 -20.22 -0.22
C PHE D 185 -28.55 -21.45 -0.54
N GLY D 186 -28.96 -21.50 -1.80
CA GLY D 186 -29.92 -22.48 -2.25
C GLY D 186 -29.78 -23.91 -1.80
N ASN D 187 -28.56 -24.37 -1.55
CA ASN D 187 -28.38 -25.77 -1.17
C ASN D 187 -28.05 -25.91 0.30
N1 LLP D 188 -18.54 -20.17 3.77
C2 LLP D 188 -18.76 -21.47 3.69
C2' LLP D 188 -17.97 -22.44 4.52
C3 LLP D 188 -19.75 -22.00 2.86
O3 LLP D 188 -19.95 -23.34 2.86
C4 LLP D 188 -20.54 -21.15 2.03
C4' LLP D 188 -21.63 -21.74 1.20
C5 LLP D 188 -20.22 -19.75 2.10
C6 LLP D 188 -19.22 -19.33 2.99
C5' LLP D 188 -20.89 -18.71 1.23
OP4 LLP D 188 -22.23 -18.52 1.57
P LLP D 188 -22.92 -17.95 0.25
OP1 LLP D 188 -24.35 -17.48 0.75
OP2 LLP D 188 -22.14 -16.68 -0.30
OP3 LLP D 188 -23.04 -19.10 -0.88
N LLP D 188 -28.16 -24.85 1.08
CA LLP D 188 -27.83 -24.92 2.51
CB LLP D 188 -27.23 -23.66 3.12
CG LLP D 188 -26.16 -23.28 2.11
CD LLP D 188 -24.70 -23.46 2.55
CE LLP D 188 -23.82 -22.90 1.42
NZ LLP D 188 -22.58 -22.27 1.89
C LLP D 188 -28.97 -25.53 3.31
O LLP D 188 -30.07 -25.70 2.78
N ILE D 189 -28.69 -25.90 4.56
CA ILE D 189 -29.68 -26.59 5.40
C ILE D 189 -30.97 -25.84 5.34
N ILE D 190 -30.85 -24.52 5.52
CA ILE D 190 -31.94 -23.59 5.32
C ILE D 190 -31.59 -22.66 4.18
N THR D 191 -32.57 -22.40 3.32
CA THR D 191 -32.33 -21.57 2.14
C THR D 191 -33.21 -20.31 2.09
N THR D 192 -32.79 -19.29 1.35
CA THR D 192 -33.60 -18.08 1.11
C THR D 192 -33.31 -17.82 -0.38
N GLY D 193 -32.64 -18.77 -1.01
CA GLY D 193 -32.24 -18.68 -2.43
C GLY D 193 -30.82 -18.16 -2.40
N GLU D 194 -30.70 -16.94 -1.86
CA GLU D 194 -29.40 -16.36 -1.58
C GLU D 194 -29.73 -15.65 -0.30
N GLY D 195 -28.84 -15.68 0.68
CA GLY D 195 -29.16 -14.98 1.92
C GLY D 195 -28.12 -15.33 2.96
N GLY D 196 -28.03 -14.46 3.96
CA GLY D 196 -27.05 -14.71 5.00
C GLY D 196 -27.39 -14.03 6.32
N MET D 197 -26.64 -14.37 7.35
CA MET D 197 -26.98 -13.70 8.60
C MET D 197 -25.71 -13.64 9.45
N ILE D 198 -25.63 -12.59 10.27
CA ILE D 198 -24.54 -12.52 11.23
C ILE D 198 -25.19 -12.63 12.61
N THR D 199 -24.61 -13.46 13.48
CA THR D 199 -25.11 -13.48 14.86
C THR D 199 -24.02 -12.98 15.81
N THR D 200 -24.37 -12.20 16.82
CA THR D 200 -23.39 -11.75 17.82
C THR D 200 -24.10 -11.36 19.14
N ASN D 201 -23.37 -11.28 20.26
CA ASN D 201 -24.02 -10.77 21.46
C ASN D 201 -23.57 -9.35 21.76
N ASP D 202 -22.63 -8.85 20.97
CA ASP D 202 -22.08 -7.50 21.21
C ASP D 202 -22.91 -6.34 20.67
N ASP D 203 -23.53 -5.58 21.57
CA ASP D 203 -24.42 -4.46 21.16
C ASP D 203 -23.72 -3.57 20.15
N ASP D 204 -22.49 -3.18 20.48
CA ASP D 204 -21.77 -2.25 19.62
C ASP D 204 -21.46 -2.82 18.24
N LEU D 205 -21.00 -4.05 18.23
CA LEU D 205 -20.63 -4.65 16.96
C LEU D 205 -21.87 -4.73 16.06
N ALA D 206 -22.98 -5.11 16.68
CA ALA D 206 -24.20 -5.28 15.91
C ALA D 206 -24.62 -3.95 15.32
N ALA D 207 -24.54 -2.89 16.12
CA ALA D 207 -24.93 -1.58 15.62
C ALA D 207 -23.99 -1.20 14.47
N LYS D 208 -22.72 -1.57 14.58
CA LYS D 208 -21.79 -1.20 13.51
C LYS D 208 -22.12 -2.03 12.24
N MET D 209 -22.41 -3.29 12.44
CA MET D 209 -22.83 -4.10 11.32
C MET D 209 -24.08 -3.53 10.63
N ARG D 210 -25.11 -3.19 11.41
CA ARG D 210 -26.29 -2.60 10.78
C ARG D 210 -25.92 -1.33 9.99
N LEU D 211 -25.03 -0.51 10.53
CA LEU D 211 -24.68 0.72 9.85
C LEU D 211 -24.06 0.44 8.46
N LEU D 212 -23.00 -0.37 8.46
CA LEU D 212 -22.29 -0.72 7.23
C LEU D 212 -23.22 -1.49 6.30
N ARG D 213 -24.12 -2.32 6.83
CA ARG D 213 -25.01 -3.08 5.90
C ARG D 213 -25.92 -2.16 5.07
N GLY D 214 -26.31 -1.05 5.70
CA GLY D 214 -27.20 -0.11 5.06
C GLY D 214 -26.54 1.12 4.45
N GLN D 215 -25.61 0.90 3.53
CA GLN D 215 -24.91 1.94 2.76
C GLN D 215 -24.15 2.92 3.60
N GLY D 216 -23.92 2.59 4.87
CA GLY D 216 -23.21 3.46 5.78
C GLY D 216 -24.09 4.68 6.10
N MET D 217 -25.41 4.64 5.90
CA MET D 217 -26.23 5.82 6.22
C MET D 217 -26.55 5.96 7.71
N ASP D 218 -26.43 7.16 8.26
CA ASP D 218 -26.75 7.35 9.67
C ASP D 218 -28.20 7.02 9.95
N PRO D 219 -28.40 6.01 10.81
CA PRO D 219 -29.76 5.59 11.16
C PRO D 219 -30.47 6.74 11.84
N ASN D 220 -29.74 7.73 12.35
CA ASN D 220 -30.44 8.83 12.97
C ASN D 220 -30.51 10.11 12.15
N ARG D 221 -29.90 10.11 10.96
CA ARG D 221 -29.90 11.29 10.09
C ARG D 221 -29.93 10.77 8.68
N ARG D 222 -31.14 10.71 8.15
CA ARG D 222 -31.39 10.18 6.82
C ARG D 222 -30.63 10.99 5.79
N TYR D 223 -30.17 10.31 4.74
CA TYR D 223 -29.43 10.99 3.67
C TYR D 223 -28.01 11.40 4.14
N TRP D 224 -27.65 11.16 5.39
CA TRP D 224 -26.33 11.55 5.88
C TRP D 224 -25.44 10.31 6.00
N PHE D 225 -24.23 10.44 5.50
CA PHE D 225 -23.33 9.26 5.46
C PHE D 225 -21.98 9.50 6.10
N PRO D 226 -21.86 9.05 7.34
CA PRO D 226 -20.63 9.25 8.10
C PRO D 226 -19.48 8.28 7.78
N ILE D 227 -19.79 7.12 7.22
CA ILE D 227 -18.72 6.19 6.86
C ILE D 227 -19.01 5.61 5.50
N VAL D 228 -18.01 4.89 4.97
CA VAL D 228 -18.14 4.18 3.69
C VAL D 228 -18.78 2.85 4.03
N GLY D 229 -19.96 2.58 3.49
CA GLY D 229 -20.59 1.31 3.85
C GLY D 229 -20.87 0.50 2.58
N PHE D 230 -21.80 -0.44 2.71
CA PHE D 230 -22.11 -1.33 1.62
C PHE D 230 -23.60 -1.50 1.39
N ASN D 231 -23.97 -2.18 0.29
CA ASN D 231 -25.37 -2.59 0.11
C ASN D 231 -25.43 -4.13 0.33
N TYR D 232 -25.59 -4.53 1.57
CA TYR D 232 -25.60 -5.95 1.87
C TYR D 232 -26.93 -6.30 2.53
N ARG D 233 -27.99 -5.54 2.26
CA ARG D 233 -29.29 -5.82 2.89
C ARG D 233 -29.94 -7.04 2.31
N MET D 234 -30.76 -7.70 3.13
CA MET D 234 -31.57 -8.80 2.63
C MET D 234 -32.96 -8.24 2.22
N THR D 235 -33.68 -8.85 1.29
CA THR D 235 -34.97 -8.28 0.95
C THR D 235 -36.03 -8.98 1.82
N ASN D 236 -37.19 -8.34 1.98
CA ASN D 236 -38.32 -8.89 2.68
C ASN D 236 -38.74 -10.29 2.17
N ILE D 237 -38.59 -10.54 0.89
CA ILE D 237 -38.95 -11.86 0.35
C ILE D 237 -37.98 -12.98 0.78
N GLN D 238 -36.67 -12.69 0.70
CA GLN D 238 -35.71 -13.68 1.21
C GLN D 238 -35.99 -13.96 2.67
N ALA D 239 -36.24 -12.92 3.44
CA ALA D 239 -36.49 -13.09 4.87
C ALA D 239 -37.78 -13.90 5.07
N ALA D 240 -38.79 -13.63 4.22
CA ALA D 240 -40.09 -14.34 4.32
C ALA D 240 -39.81 -15.82 4.16
N ILE D 241 -39.10 -16.14 3.07
CA ILE D 241 -38.74 -17.52 2.81
C ILE D 241 -37.88 -18.07 3.99
N GLY D 242 -36.93 -17.30 4.51
CA GLY D 242 -36.12 -17.81 5.61
C GLY D 242 -36.93 -18.09 6.89
N LEU D 243 -37.92 -17.23 7.19
CA LEU D 243 -38.77 -17.36 8.38
C LEU D 243 -39.52 -18.68 8.32
N ALA D 244 -40.07 -18.97 7.14
CA ALA D 244 -40.81 -20.19 6.91
C ALA D 244 -39.95 -21.43 7.11
N GLN D 245 -38.75 -21.40 6.57
CA GLN D 245 -37.81 -22.50 6.63
C GLN D 245 -37.44 -22.72 8.07
N LEU D 246 -37.16 -21.61 8.74
CA LEU D 246 -36.71 -21.70 10.15
C LEU D 246 -37.86 -22.26 11.00
N GLU D 247 -39.10 -21.93 10.64
CA GLU D 247 -40.25 -22.48 11.35
C GLU D 247 -40.25 -24.01 11.35
N ARG D 248 -39.65 -24.63 10.33
CA ARG D 248 -39.53 -26.08 10.22
C ARG D 248 -38.10 -26.59 10.37
N VAL D 249 -37.23 -25.79 10.95
CA VAL D 249 -35.89 -26.28 11.07
C VAL D 249 -35.69 -27.71 11.69
N ASP D 250 -36.29 -27.89 12.86
CA ASP D 250 -36.16 -29.16 13.59
C ASP D 250 -36.64 -30.31 12.73
N GLU D 251 -37.75 -30.08 12.02
CA GLU D 251 -38.29 -31.08 11.13
C GLU D 251 -37.36 -31.40 9.95
N HIS D 252 -36.77 -30.40 9.33
CA HIS D 252 -35.84 -30.68 8.24
C HIS D 252 -34.56 -31.29 8.85
N LEU D 253 -34.19 -30.82 10.05
CA LEU D 253 -33.00 -31.34 10.73
C LEU D 253 -33.27 -32.82 11.04
N ALA D 254 -34.49 -33.14 11.48
CA ALA D 254 -34.85 -34.53 11.72
C ALA D 254 -34.71 -35.39 10.47
N ALA D 255 -35.27 -34.86 9.39
CA ALA D 255 -35.25 -35.58 8.15
C ALA D 255 -33.84 -35.98 7.78
N ARG D 256 -32.90 -35.04 7.88
CA ARG D 256 -31.53 -35.38 7.45
C ARG D 256 -30.95 -36.40 8.40
N GLU D 257 -31.32 -36.26 9.65
CA GLU D 257 -30.85 -37.17 10.67
C GLU D 257 -31.25 -38.59 10.23
N ARG D 258 -32.49 -38.73 9.77
CA ARG D 258 -32.99 -40.02 9.34
C ARG D 258 -32.14 -40.60 8.20
N VAL D 259 -31.82 -39.74 7.25
CA VAL D 259 -30.98 -40.14 6.11
C VAL D 259 -29.60 -40.62 6.51
N VAL D 260 -28.96 -39.89 7.43
CA VAL D 260 -27.61 -40.27 7.81
C VAL D 260 -27.84 -41.60 8.51
N GLY D 261 -29.00 -41.73 9.14
CA GLY D 261 -29.33 -42.98 9.81
C GLY D 261 -29.11 -44.09 8.78
N TRP D 262 -29.89 -44.03 7.70
CA TRP D 262 -29.72 -45.00 6.64
C TRP D 262 -28.26 -45.19 6.25
N TYR D 263 -27.49 -44.12 6.08
CA TYR D 263 -26.07 -44.28 5.73
C TYR D 263 -25.27 -45.02 6.80
N GLU D 264 -25.54 -44.71 8.06
CA GLU D 264 -24.76 -45.35 9.11
C GLU D 264 -25.06 -46.84 8.96
N GLN D 265 -26.34 -47.16 9.05
CA GLN D 265 -26.83 -48.52 8.91
C GLN D 265 -26.44 -49.30 7.65
N LYS D 266 -26.24 -48.60 6.54
CA LYS D 266 -25.89 -49.33 5.33
C LYS D 266 -24.44 -49.31 4.85
N LEU D 267 -23.68 -48.28 5.21
CA LEU D 267 -22.32 -48.15 4.72
C LEU D 267 -21.41 -49.35 4.95
N ALA D 268 -21.84 -50.18 5.90
CA ALA D 268 -21.12 -51.39 6.30
C ALA D 268 -20.78 -52.18 5.03
N ARG D 269 -21.76 -52.16 4.14
CA ARG D 269 -21.71 -52.83 2.84
C ARG D 269 -20.49 -52.42 1.99
N LEU D 270 -19.91 -51.25 2.24
CA LEU D 270 -18.74 -50.79 1.49
C LEU D 270 -17.39 -51.10 2.14
N GLY D 271 -17.44 -51.61 3.36
CA GLY D 271 -16.26 -52.04 4.10
C GLY D 271 -15.08 -51.10 4.19
N ASN D 272 -13.92 -51.61 3.77
CA ASN D 272 -12.64 -50.90 3.83
C ASN D 272 -12.44 -49.75 2.84
N ARG D 273 -13.28 -49.73 1.82
CA ARG D 273 -13.18 -48.76 0.75
C ARG D 273 -13.36 -47.30 1.16
N VAL D 274 -14.10 -47.07 2.23
CA VAL D 274 -14.29 -45.71 2.66
C VAL D 274 -14.13 -45.67 4.15
N THR D 275 -14.07 -44.44 4.66
CA THR D 275 -13.99 -44.10 6.08
C THR D 275 -15.12 -43.08 6.21
N LYS D 276 -16.10 -43.50 6.97
CA LYS D 276 -17.28 -42.72 7.20
C LYS D 276 -16.85 -41.48 7.99
N PRO D 277 -17.68 -40.44 7.94
CA PRO D 277 -17.36 -39.22 8.68
C PRO D 277 -17.36 -39.41 10.23
N HIS D 278 -16.22 -39.09 10.82
CA HIS D 278 -16.15 -39.10 12.27
C HIS D 278 -17.07 -38.02 12.89
N VAL D 279 -17.81 -38.39 13.93
CA VAL D 279 -18.70 -37.47 14.61
C VAL D 279 -18.15 -37.21 16.01
N ALA D 280 -17.66 -36.00 16.25
CA ALA D 280 -17.07 -35.66 17.55
C ALA D 280 -18.26 -35.69 18.50
N LEU D 281 -18.06 -36.06 19.74
CA LEU D 281 -19.22 -36.18 20.62
C LEU D 281 -19.33 -34.93 21.43
N THR D 282 -19.34 -33.80 20.74
CA THR D 282 -19.40 -32.51 21.41
C THR D 282 -20.71 -31.79 21.33
N GLY D 283 -21.67 -32.44 20.68
CA GLY D 283 -23.00 -31.87 20.44
C GLY D 283 -23.51 -32.33 19.06
N ARG D 284 -24.57 -31.71 18.59
CA ARG D 284 -25.21 -32.06 17.32
C ARG D 284 -24.46 -31.79 16.00
N HIS D 285 -24.26 -32.81 15.20
CA HIS D 285 -23.58 -32.66 13.91
C HIS D 285 -24.74 -32.65 12.95
N VAL D 286 -25.00 -31.53 12.30
CA VAL D 286 -26.18 -31.45 11.44
C VAL D 286 -26.02 -32.00 10.02
N PHE D 287 -24.83 -32.49 9.69
CA PHE D 287 -24.65 -33.14 8.40
C PHE D 287 -25.29 -32.44 7.19
N TRP D 288 -24.69 -31.32 6.82
CA TRP D 288 -25.14 -30.56 5.66
C TRP D 288 -24.88 -31.53 4.53
N MET D 289 -23.75 -32.24 4.63
CA MET D 289 -23.32 -33.23 3.64
CA MET D 289 -23.42 -33.26 3.65
C MET D 289 -22.69 -34.38 4.40
N TYR D 290 -22.80 -35.61 3.86
CA TYR D 290 -22.23 -36.86 4.42
C TYR D 290 -20.93 -37.17 3.70
N THR D 291 -19.84 -36.95 4.40
CA THR D 291 -18.52 -36.98 3.80
C THR D 291 -17.65 -38.19 4.09
N VAL D 292 -17.20 -38.86 3.04
CA VAL D 292 -16.41 -40.04 3.28
C VAL D 292 -14.98 -39.88 2.76
N ARG D 293 -14.02 -40.58 3.36
CA ARG D 293 -12.71 -40.38 2.79
C ARG D 293 -12.44 -41.72 2.15
N LEU D 294 -12.01 -41.70 0.91
CA LEU D 294 -11.71 -42.91 0.15
C LEU D 294 -10.39 -43.59 0.52
N GLY D 295 -10.33 -44.92 0.43
CA GLY D 295 -9.09 -45.65 0.69
C GLY D 295 -8.04 -45.44 -0.40
N GLU D 296 -6.83 -45.18 0.04
CA GLU D 296 -5.74 -44.95 -0.89
C GLU D 296 -5.46 -46.21 -1.70
N GLY D 297 -6.04 -47.32 -1.26
CA GLY D 297 -5.83 -48.60 -1.89
C GLY D 297 -6.60 -48.74 -3.21
N LEU D 298 -7.79 -48.16 -3.25
CA LEU D 298 -8.63 -48.22 -4.45
C LEU D 298 -7.83 -47.84 -5.70
N SER D 299 -8.24 -48.34 -6.86
CA SER D 299 -7.52 -47.96 -8.07
C SER D 299 -8.30 -46.84 -8.76
N THR D 300 -9.55 -46.63 -8.34
CA THR D 300 -10.38 -45.57 -8.93
C THR D 300 -9.92 -44.28 -8.27
N THR D 301 -10.01 -43.14 -8.95
CA THR D 301 -9.62 -41.88 -8.33
C THR D 301 -10.87 -41.20 -7.85
N ARG D 302 -10.69 -40.29 -6.88
CA ARG D 302 -11.82 -39.62 -6.27
C ARG D 302 -12.68 -39.01 -7.34
N ASP D 303 -11.99 -38.39 -8.29
CA ASP D 303 -12.66 -37.73 -9.39
C ASP D 303 -13.37 -38.66 -10.35
N GLN D 304 -12.70 -39.78 -10.59
CA GLN D 304 -13.29 -40.81 -11.44
C GLN D 304 -14.58 -41.32 -10.79
N VAL D 305 -14.54 -41.52 -9.46
CA VAL D 305 -15.67 -42.01 -8.72
C VAL D 305 -16.87 -41.08 -8.92
N ILE D 306 -16.62 -39.76 -8.85
CA ILE D 306 -17.67 -38.76 -9.03
C ILE D 306 -18.46 -38.89 -10.37
N LYS D 307 -17.71 -39.05 -11.46
CA LYS D 307 -18.26 -39.20 -12.83
C LYS D 307 -19.09 -40.48 -12.89
N ASP D 308 -18.49 -41.57 -12.42
CA ASP D 308 -19.19 -42.86 -12.36
C ASP D 308 -20.56 -42.87 -11.65
N LEU D 309 -20.66 -42.25 -10.48
CA LEU D 309 -21.96 -42.17 -9.83
C LEU D 309 -22.86 -41.20 -10.55
N ASP D 310 -22.26 -40.18 -11.16
CA ASP D 310 -23.14 -39.26 -11.83
C ASP D 310 -23.76 -40.03 -12.98
N ALA D 311 -22.99 -40.96 -13.55
CA ALA D 311 -23.48 -41.70 -14.70
C ALA D 311 -24.72 -42.48 -14.25
N LEU D 312 -24.70 -42.90 -12.99
CA LEU D 312 -25.79 -43.69 -12.44
C LEU D 312 -26.87 -42.83 -11.85
N GLY D 313 -26.86 -41.57 -12.24
CA GLY D 313 -27.89 -40.65 -11.81
C GLY D 313 -27.62 -40.15 -10.39
N ILE D 314 -26.37 -40.31 -9.98
CA ILE D 314 -25.95 -39.85 -8.66
C ILE D 314 -25.04 -38.63 -8.51
N GLU D 315 -25.61 -37.58 -7.96
CA GLU D 315 -24.86 -36.38 -7.68
C GLU D 315 -23.93 -36.63 -6.49
N SER D 316 -22.67 -36.22 -6.61
CA SER D 316 -21.65 -36.28 -5.55
C SER D 316 -20.62 -35.15 -5.83
N ARG D 317 -19.76 -34.80 -4.88
CA ARG D 317 -18.76 -33.77 -5.17
C ARG D 317 -17.52 -33.92 -4.30
N PRO D 318 -16.41 -33.36 -4.79
CA PRO D 318 -15.16 -33.47 -4.05
C PRO D 318 -15.18 -32.53 -2.88
N VAL D 319 -14.32 -32.86 -1.94
CA VAL D 319 -14.25 -32.04 -0.77
C VAL D 319 -13.57 -30.81 -1.34
N PHE D 320 -13.90 -29.66 -0.73
CA PHE D 320 -13.36 -28.35 -1.13
C PHE D 320 -11.86 -28.46 -1.49
N HIS D 321 -11.41 -27.84 -2.60
CA HIS D 321 -9.97 -27.91 -2.87
C HIS D 321 -9.28 -27.00 -1.85
N PRO D 322 -8.17 -27.44 -1.21
CA PRO D 322 -7.48 -26.58 -0.26
C PRO D 322 -7.12 -25.22 -0.88
N MET D 323 -7.46 -24.14 -0.17
CA MET D 323 -7.23 -22.81 -0.71
C MET D 323 -5.86 -22.72 -1.39
N HIS D 324 -4.86 -23.20 -0.67
CA HIS D 324 -3.46 -23.09 -1.12
C HIS D 324 -3.05 -23.84 -2.35
N ILE D 325 -3.94 -24.64 -2.91
CA ILE D 325 -3.61 -25.35 -4.14
C ILE D 325 -4.31 -24.65 -5.31
N MET D 326 -5.13 -23.64 -5.05
CA MET D 326 -5.75 -22.93 -6.17
C MET D 326 -5.04 -21.60 -6.37
N PRO D 327 -5.10 -21.12 -7.61
CA PRO D 327 -4.37 -19.90 -7.95
C PRO D 327 -4.42 -18.69 -7.03
N PRO D 328 -5.61 -18.32 -6.59
CA PRO D 328 -5.67 -17.12 -5.77
C PRO D 328 -4.85 -17.16 -4.49
N TYR D 329 -4.65 -18.35 -3.90
CA TYR D 329 -4.01 -18.50 -2.61
C TYR D 329 -2.86 -19.47 -2.58
N ALA D 330 -2.32 -19.77 -3.75
CA ALA D 330 -1.18 -20.68 -3.82
C ALA D 330 -0.01 -20.03 -3.10
N HIS D 331 0.02 -18.72 -3.16
CA HIS D 331 1.11 -18.00 -2.54
C HIS D 331 1.07 -18.09 -1.03
N LEU D 332 -0.01 -18.64 -0.49
CA LEU D 332 -0.11 -18.77 0.96
C LEU D 332 0.28 -20.17 1.44
N ALA D 333 0.69 -21.00 0.50
CA ALA D 333 1.01 -22.36 0.85
C ALA D 333 2.20 -22.50 1.81
N THR D 334 2.12 -23.51 2.67
CA THR D 334 3.17 -23.80 3.65
C THR D 334 3.32 -25.31 3.64
N ASP D 335 4.32 -25.78 4.37
CA ASP D 335 4.58 -27.20 4.46
C ASP D 335 3.79 -27.87 5.58
N ASP D 336 2.92 -27.12 6.25
CA ASP D 336 2.21 -27.69 7.36
C ASP D 336 0.74 -27.72 7.06
N LEU D 337 0.39 -28.14 5.83
CA LEU D 337 -1.02 -28.21 5.44
C LEU D 337 -1.28 -29.55 4.84
N LYS D 338 -0.47 -30.52 5.25
CA LYS D 338 -0.69 -31.86 4.73
C LYS D 338 -2.05 -32.51 4.92
N ILE D 339 -2.77 -32.27 6.04
CA ILE D 339 -4.04 -32.97 6.19
C ILE D 339 -5.03 -32.41 5.20
N ALA D 340 -4.98 -31.10 5.03
CA ALA D 340 -5.93 -30.48 4.14
C ALA D 340 -5.70 -31.13 2.80
N GLU D 341 -4.44 -31.22 2.39
CA GLU D 341 -4.11 -31.78 1.10
C GLU D 341 -4.72 -33.16 0.91
N ALA D 342 -4.55 -33.99 1.94
CA ALA D 342 -5.00 -35.37 1.88
C ALA D 342 -6.52 -35.41 1.80
N CYS D 343 -7.14 -34.56 2.57
CA CYS D 343 -8.59 -34.54 2.53
C CYS D 343 -9.10 -34.09 1.16
N GLY D 344 -8.46 -33.06 0.63
CA GLY D 344 -8.88 -32.49 -0.65
C GLY D 344 -8.69 -33.60 -1.66
N VAL D 345 -7.67 -34.42 -1.43
CA VAL D 345 -7.42 -35.52 -2.34
C VAL D 345 -8.41 -36.69 -2.35
N ASP D 346 -8.82 -37.21 -1.18
CA ASP D 346 -9.64 -38.40 -1.12
C ASP D 346 -11.05 -38.25 -0.59
N GLY D 347 -11.41 -37.01 -0.29
CA GLY D 347 -12.72 -36.62 0.24
C GLY D 347 -13.85 -36.52 -0.76
N LEU D 348 -15.00 -37.06 -0.35
CA LEU D 348 -16.20 -37.12 -1.18
C LEU D 348 -17.49 -36.90 -0.41
N ASN D 349 -18.23 -35.89 -0.88
CA ASN D 349 -19.46 -35.48 -0.24
C ASN D 349 -20.59 -36.22 -0.87
N LEU D 350 -21.39 -36.87 -0.03
CA LEU D 350 -22.50 -37.62 -0.56
C LEU D 350 -23.77 -36.87 -0.28
N PRO D 351 -24.73 -37.11 -1.19
CA PRO D 351 -26.07 -36.50 -1.14
C PRO D 351 -26.73 -36.77 0.22
N THR D 352 -27.11 -35.68 0.84
CA THR D 352 -27.71 -35.73 2.15
C THR D 352 -28.70 -34.61 2.09
N HIS D 353 -29.96 -34.97 2.27
CA HIS D 353 -31.00 -33.98 2.30
C HIS D 353 -32.36 -34.54 2.61
N ALA D 354 -33.20 -33.65 3.08
CA ALA D 354 -34.54 -33.98 3.53
C ALA D 354 -35.26 -35.06 2.70
N GLY D 355 -35.63 -34.73 1.47
CA GLY D 355 -36.35 -35.68 0.61
C GLY D 355 -35.65 -36.94 0.08
N LEU D 356 -34.48 -37.30 0.57
CA LEU D 356 -33.84 -38.51 0.05
C LEU D 356 -34.62 -39.65 0.72
N THR D 357 -34.82 -40.73 -0.01
CA THR D 357 -35.50 -41.85 0.63
C THR D 357 -34.51 -42.95 0.89
N GLU D 358 -34.96 -43.88 1.73
CA GLU D 358 -34.07 -44.96 2.11
C GLU D 358 -33.63 -45.72 0.87
N ALA D 359 -34.55 -45.83 -0.07
CA ALA D 359 -34.30 -46.53 -1.33
C ALA D 359 -33.20 -45.81 -2.08
N ASP D 360 -33.31 -44.48 -2.03
CA ASP D 360 -32.34 -43.61 -2.65
C ASP D 360 -31.03 -44.00 -2.00
N ILE D 361 -31.04 -44.00 -0.68
CA ILE D 361 -29.81 -44.37 0.03
C ILE D 361 -29.32 -45.74 -0.43
N ASP D 362 -30.25 -46.69 -0.53
CA ASP D 362 -29.90 -48.01 -1.06
C ASP D 362 -29.29 -47.78 -2.43
N ARG D 363 -29.97 -46.99 -3.25
CA ARG D 363 -29.47 -46.64 -4.57
C ARG D 363 -28.02 -46.12 -4.42
N VAL D 364 -27.80 -45.14 -3.53
CA VAL D 364 -26.45 -44.63 -3.31
C VAL D 364 -25.39 -45.65 -2.88
N ILE D 365 -25.69 -46.47 -1.89
CA ILE D 365 -24.68 -47.43 -1.45
C ILE D 365 -24.36 -48.43 -2.55
N ALA D 366 -25.43 -48.84 -3.23
CA ALA D 366 -25.34 -49.74 -4.36
C ALA D 366 -24.32 -49.17 -5.34
N ALA D 367 -24.62 -47.96 -5.86
CA ALA D 367 -23.73 -47.30 -6.80
C ALA D 367 -22.30 -47.38 -6.31
N LEU D 368 -22.11 -47.00 -5.05
CA LEU D 368 -20.77 -47.01 -4.49
C LEU D 368 -20.09 -48.36 -4.45
N ASP D 369 -20.82 -49.35 -3.98
CA ASP D 369 -20.32 -50.72 -3.91
C ASP D 369 -19.79 -51.01 -5.31
N GLN D 370 -20.62 -50.64 -6.27
CA GLN D 370 -20.22 -50.80 -7.65
C GLN D 370 -18.97 -50.02 -8.08
N VAL D 371 -18.98 -48.69 -7.94
CA VAL D 371 -17.87 -47.85 -8.40
C VAL D 371 -16.57 -47.87 -7.65
N LEU D 372 -16.69 -48.31 -6.42
CA LEU D 372 -15.52 -48.33 -5.57
C LEU D 372 -14.39 -49.36 -5.79
N VAL D 373 -13.42 -49.12 -6.72
CA VAL D 373 -12.37 -50.14 -7.06
C VAL D 373 -10.92 -49.69 -7.23
C ACT E . 25.16 12.39 -9.05
O ACT E . 24.83 12.30 -7.84
OXT ACT E . 25.57 11.29 -9.74
CH3 ACT E . 25.08 13.70 -9.76
NA NA F . 20.43 -7.47 41.01
C1 AKG G . 27.25 2.52 18.02
O1 AKG G . 27.03 3.57 18.68
O2 AKG G . 27.77 1.50 18.56
C2 AKG G . 26.93 2.47 16.58
O5 AKG G . 27.25 1.51 15.92
C3 AKG G . 26.16 3.64 16.01
C4 AKG G . 26.06 3.55 14.50
C5 AKG G . 25.70 4.90 13.96
O3 AKG G . 25.52 5.00 12.72
O4 AKG G . 25.52 5.97 14.82
C ACT H . -29.91 2.62 -1.75
O ACT H . -30.07 2.85 -0.41
OXT ACT H . -29.25 1.60 -2.15
CH3 ACT H . -30.51 3.58 -2.76
C ACT I . -21.75 -20.18 -3.24
O ACT I . -21.90 -18.99 -2.92
OXT ACT I . -21.49 -20.44 -4.55
CH3 ACT I . -21.84 -21.29 -2.21
#